data_2B8H
#
_entry.id   2B8H
#
_cell.length_a   107.516
_cell.length_b   107.516
_cell.length_c   338.487
_cell.angle_alpha   90.00
_cell.angle_beta   90.00
_cell.angle_gamma   120.00
#
_symmetry.space_group_name_H-M   'P 32 2 1'
#
loop_
_entity.id
_entity.type
_entity.pdbx_description
1 polymer Neuraminidase
2 branched 2-acetamido-2-deoxy-beta-D-glucopyranose-(1-4)-2-acetamido-2-deoxy-beta-D-glucopyranose
3 branched alpha-D-mannopyranose-(1-2)-alpha-D-mannopyranose-(1-2)-alpha-D-mannopyranose-(1-3)-[alpha-D-mannopyranose-(1-3)-[alpha-D-mannopyranose-(1-6)]alpha-D-mannopyranose-(1-6)]beta-D-mannopyranose-(1-4)-2-acetamido-2-deoxy-beta-D-glucopyranose-(1-4)-2-acetamido-2-deoxy-beta-D-glucopyranose
4 branched alpha-D-mannopyranose-(1-2)-alpha-D-mannopyranose-(1-2)-alpha-D-mannopyranose-(1-3)-[alpha-D-mannopyranose-(1-2)-alpha-D-mannopyranose-(1-6)-[alpha-D-mannopyranose-(1-3)]alpha-D-mannopyranose-(1-6)]beta-D-mannopyranose-(1-4)-2-acetamido-2-deoxy-beta-D-glucopyranose-(1-4)-2-acetamido-2-deoxy-beta-D-glucopyranose
5 non-polymer 2-acetamido-2-deoxy-beta-D-glucopyranose
6 non-polymer 'SULFATE ION'
7 non-polymer 'CHLORIDE ION'
8 non-polymer GLYCEROL
9 water water
#
_entity_poly.entity_id   1
_entity_poly.type   'polypeptide(L)'
_entity_poly.pdbx_seq_one_letter_code
;REFNNLTKGLCTINSWHIYGKDNAVRIGEDSDVLVTREPYVSCDPDECRFYALSQGTTIRGKHSNGTIHDRSQYRDLISW
PLSSPPTVYNSRVECIGWSSTSCHDGRARMSICISGPNNNASAVIWYNRRPVTEINTWARNILRTQESECVCQNGVCPVV
FTDGSATGPAETRIYYFKEGKILKWEPLTGTAKHIEECSCYGEQAGVTCTCRDNWQGSNRPVIQIDPVAMTHTSQYICSP
VLTDNPRPNDPTVGKCNDPYPGNNNNGVKGFSYLDGGNTWLGRTISVASRSGYEMLKVPNALTDDRSKPTQGQTIVLNTD
WSGYSGSFMDYWAEGECYRACFYVELIRGRPKEDKVWWTSNSIVSMCSSTEFLGQWNWPDGAKIEYFL
;
_entity_poly.pdbx_strand_id   A,B,C,D
#
# COMPACT_ATOMS: atom_id res chain seq x y z
N ARG A 1 -8.99 6.43 23.57
CA ARG A 1 -8.53 6.74 24.99
C ARG A 1 -9.52 6.23 26.02
N GLU A 2 -10.83 6.34 25.79
CA GLU A 2 -11.82 5.72 26.74
C GLU A 2 -12.51 4.44 26.21
N PHE A 3 -12.74 3.45 27.09
CA PHE A 3 -13.64 2.34 26.75
C PHE A 3 -15.06 2.79 26.28
N ASN A 4 -15.59 2.23 25.19
CA ASN A 4 -16.96 2.56 24.79
C ASN A 4 -17.98 1.90 25.69
N ASN A 5 -18.99 2.67 26.08
CA ASN A 5 -20.17 2.14 26.74
C ASN A 5 -21.37 2.18 25.83
N LEU A 6 -22.19 1.12 25.91
CA LEU A 6 -23.39 1.01 25.06
C LEU A 6 -24.53 1.88 25.64
N THR A 7 -24.39 3.18 25.52
CA THR A 7 -25.34 4.12 26.17
C THR A 7 -26.56 4.38 25.30
N LYS A 8 -26.49 4.03 24.00
CA LYS A 8 -27.56 4.38 23.04
C LYS A 8 -28.47 3.21 22.77
N GLY A 9 -29.69 3.51 22.31
CA GLY A 9 -30.61 2.53 21.74
C GLY A 9 -30.42 2.47 20.21
N LEU A 10 -31.21 1.62 19.56
CA LEU A 10 -31.19 1.50 18.09
C LEU A 10 -31.95 2.62 17.46
N CYS A 11 -31.50 3.09 16.31
CA CYS A 11 -32.33 3.97 15.49
C CYS A 11 -33.52 3.19 15.01
N THR A 12 -34.57 3.94 14.66
CA THR A 12 -35.70 3.43 13.98
C THR A 12 -35.36 2.91 12.55
N ILE A 13 -35.68 1.66 12.32
CA ILE A 13 -35.41 1.05 11.06
C ILE A 13 -36.65 1.13 10.19
N ASN A 14 -36.64 2.04 9.21
CA ASN A 14 -37.70 2.11 8.24
C ASN A 14 -37.37 1.54 6.88
N SER A 15 -36.08 1.31 6.68
CA SER A 15 -35.53 0.70 5.45
C SER A 15 -34.01 0.46 5.65
N TRP A 16 -33.38 -0.10 4.63
CA TRP A 16 -31.93 -0.43 4.61
C TRP A 16 -31.34 0.25 3.40
N HIS A 17 -30.19 0.86 3.61
CA HIS A 17 -29.40 1.54 2.56
C HIS A 17 -28.03 0.77 2.37
N ILE A 18 -27.55 0.76 1.12
CA ILE A 18 -26.23 0.25 0.83
C ILE A 18 -25.11 0.90 1.69
N TYR A 19 -24.30 0.03 2.26
CA TYR A 19 -23.19 0.47 3.10
C TYR A 19 -21.81 0.19 2.41
N GLY A 20 -21.62 -1.06 2.08
CA GLY A 20 -20.44 -1.49 1.40
C GLY A 20 -20.68 -2.72 0.56
N LYS A 21 -19.80 -2.94 -0.40
CA LYS A 21 -19.82 -4.09 -1.32
C LYS A 21 -18.40 -4.20 -1.97
N ASP A 22 -17.75 -5.36 -1.93
CA ASP A 22 -16.38 -5.48 -2.42
C ASP A 22 -16.24 -6.08 -3.82
N ASN A 23 -17.30 -6.70 -4.35
CA ASN A 23 -17.24 -7.20 -5.72
C ASN A 23 -16.01 -8.07 -5.90
N ALA A 24 -15.72 -8.86 -4.88
CA ALA A 24 -14.39 -9.52 -4.77
C ALA A 24 -14.17 -10.61 -5.77
N VAL A 25 -15.22 -11.41 -6.04
CA VAL A 25 -15.14 -12.48 -7.04
C VAL A 25 -15.01 -11.91 -8.45
N ARG A 26 -15.80 -10.90 -8.78
CA ARG A 26 -15.62 -10.21 -10.02
C ARG A 26 -14.19 -9.72 -10.27
N ILE A 27 -13.73 -8.93 -9.29
CA ILE A 27 -12.42 -8.32 -9.34
C ILE A 27 -11.30 -9.38 -9.37
N GLY A 28 -11.44 -10.46 -8.56
CA GLY A 28 -10.43 -11.47 -8.44
C GLY A 28 -10.31 -12.38 -9.66
N GLU A 29 -11.25 -12.30 -10.59
CA GLU A 29 -11.09 -13.01 -11.86
C GLU A 29 -9.78 -12.61 -12.59
N ASP A 30 -9.29 -11.42 -12.33
CA ASP A 30 -8.04 -10.96 -12.95
C ASP A 30 -7.31 -10.01 -11.96
N SER A 31 -7.20 -10.36 -10.70
CA SER A 31 -6.31 -9.60 -9.78
C SER A 31 -6.09 -10.49 -8.60
N ASP A 32 -5.18 -10.10 -7.72
CA ASP A 32 -4.67 -11.06 -6.70
C ASP A 32 -5.50 -10.97 -5.43
N VAL A 33 -6.73 -11.51 -5.56
CA VAL A 33 -7.73 -11.59 -4.52
C VAL A 33 -7.59 -12.92 -3.81
N LEU A 34 -7.59 -12.85 -2.49
CA LEU A 34 -7.56 -14.03 -1.68
C LEU A 34 -8.93 -14.74 -1.62
N VAL A 35 -8.90 -16.07 -1.70
CA VAL A 35 -10.07 -16.88 -1.45
C VAL A 35 -10.39 -16.68 0.06
N THR A 36 -11.66 -16.48 0.37
CA THR A 36 -12.14 -16.29 1.74
C THR A 36 -13.47 -17.08 1.90
N ARG A 37 -13.96 -17.06 3.15
CA ARG A 37 -15.34 -17.38 3.52
C ARG A 37 -15.50 -16.89 4.95
N GLU A 38 -16.75 -16.91 5.43
CA GLU A 38 -17.08 -16.46 6.78
C GLU A 38 -16.61 -14.98 7.03
N PRO A 39 -17.09 -14.03 6.18
CA PRO A 39 -16.75 -12.63 6.28
C PRO A 39 -17.57 -11.93 7.34
N TYR A 40 -17.11 -10.76 7.73
CA TYR A 40 -17.89 -9.89 8.56
C TYR A 40 -17.32 -8.50 8.51
N VAL A 41 -17.90 -7.60 9.26
CA VAL A 41 -17.52 -6.21 9.27
C VAL A 41 -17.39 -5.80 10.74
N SER A 42 -16.38 -4.99 11.06
CA SER A 42 -16.20 -4.46 12.42
C SER A 42 -15.57 -3.09 12.30
N CYS A 43 -15.98 -2.19 13.19
CA CYS A 43 -15.49 -0.81 13.24
C CYS A 43 -14.55 -0.60 14.39
N ASP A 44 -13.59 0.29 14.18
CA ASP A 44 -12.69 0.83 15.21
C ASP A 44 -13.25 2.26 15.38
N PRO A 45 -12.78 2.99 16.39
CA PRO A 45 -13.23 4.44 16.49
C PRO A 45 -13.03 5.32 15.30
N ASP A 46 -12.05 5.01 14.46
CA ASP A 46 -11.74 5.87 13.31
C ASP A 46 -11.90 5.19 11.96
N GLU A 47 -12.41 3.96 11.88
CA GLU A 47 -12.45 3.28 10.56
C GLU A 47 -13.34 2.06 10.68
N CYS A 48 -14.01 1.69 9.59
CA CYS A 48 -14.67 0.39 9.49
C CYS A 48 -14.02 -0.47 8.42
N ARG A 49 -13.88 -1.78 8.73
CA ARG A 49 -13.17 -2.70 7.88
C ARG A 49 -13.96 -3.99 7.65
N PHE A 50 -13.67 -4.63 6.51
CA PHE A 50 -14.13 -5.98 6.25
C PHE A 50 -13.13 -6.97 6.84
N TYR A 51 -13.67 -8.13 7.24
CA TYR A 51 -12.97 -9.23 7.90
C TYR A 51 -13.45 -10.49 7.24
N ALA A 52 -12.59 -11.50 7.19
CA ALA A 52 -12.93 -12.87 6.71
C ALA A 52 -11.84 -13.85 7.08
N LEU A 53 -12.11 -15.15 6.94
CA LEU A 53 -11.06 -16.16 6.98
C LEU A 53 -10.50 -16.41 5.57
N SER A 54 -9.23 -16.01 5.40
CA SER A 54 -8.46 -16.35 4.19
C SER A 54 -8.31 -17.87 4.08
N GLN A 55 -8.19 -18.35 2.87
CA GLN A 55 -7.76 -19.71 2.61
C GLN A 55 -6.30 -19.84 2.15
N GLY A 56 -5.52 -18.76 2.28
CA GLY A 56 -4.06 -18.77 2.01
C GLY A 56 -3.73 -19.11 0.57
N THR A 57 -4.52 -18.57 -0.34
CA THR A 57 -4.34 -18.73 -1.80
C THR A 57 -5.21 -17.63 -2.44
N THR A 58 -4.87 -17.24 -3.65
CA THR A 58 -5.77 -16.40 -4.44
C THR A 58 -6.75 -17.34 -5.20
N ILE A 59 -7.76 -16.73 -5.81
CA ILE A 59 -8.84 -17.46 -6.48
C ILE A 59 -8.38 -18.10 -7.83
N ARG A 60 -7.61 -17.33 -8.60
CA ARG A 60 -6.97 -17.84 -9.81
C ARG A 60 -5.80 -18.72 -9.51
N GLY A 61 -5.24 -18.68 -8.29
CA GLY A 61 -4.16 -19.59 -7.96
C GLY A 61 -4.68 -21.06 -7.99
N LYS A 62 -3.79 -21.94 -8.34
CA LYS A 62 -4.06 -23.35 -8.32
C LYS A 62 -4.32 -23.89 -6.92
N HIS A 63 -3.86 -23.21 -5.86
CA HIS A 63 -4.18 -23.73 -4.53
C HIS A 63 -5.62 -23.44 -4.10
N SER A 64 -6.39 -22.79 -4.96
CA SER A 64 -7.85 -22.58 -4.74
C SER A 64 -8.67 -23.87 -4.86
N ASN A 65 -8.08 -24.84 -5.48
CA ASN A 65 -8.70 -26.15 -5.55
C ASN A 65 -8.70 -26.81 -4.18
N GLY A 66 -9.88 -27.16 -3.65
CA GLY A 66 -10.00 -27.77 -2.31
C GLY A 66 -10.53 -26.77 -1.30
N THR A 67 -10.81 -25.53 -1.74
CA THR A 67 -11.23 -24.49 -0.79
C THR A 67 -12.67 -24.57 -0.27
N ILE A 68 -13.42 -25.58 -0.70
CA ILE A 68 -14.68 -25.87 -0.04
C ILE A 68 -14.42 -26.28 1.42
N HIS A 69 -13.26 -26.86 1.75
CA HIS A 69 -12.99 -27.29 3.15
C HIS A 69 -12.81 -26.15 4.13
N ASP A 70 -13.32 -26.34 5.32
CA ASP A 70 -13.40 -25.26 6.29
C ASP A 70 -12.12 -25.09 7.08
N ARG A 71 -11.42 -26.19 7.40
CA ARG A 71 -10.43 -26.12 8.43
C ARG A 71 -9.12 -26.55 7.87
N SER A 72 -8.16 -25.65 7.88
CA SER A 72 -6.77 -25.97 7.46
C SER A 72 -5.83 -25.01 8.12
N GLN A 73 -4.57 -25.36 7.99
CA GLN A 73 -3.43 -24.67 8.55
C GLN A 73 -3.10 -23.41 7.78
N TYR A 74 -3.79 -23.20 6.66
CA TYR A 74 -3.56 -22.12 5.71
C TYR A 74 -4.57 -20.98 5.82
N ARG A 75 -5.44 -21.05 6.82
CA ARG A 75 -6.45 -20.06 7.03
C ARG A 75 -6.00 -19.03 8.11
N ASP A 76 -6.50 -17.81 8.00
CA ASP A 76 -6.25 -16.76 8.93
C ASP A 76 -7.37 -15.79 8.86
N LEU A 77 -7.59 -15.12 9.97
CA LEU A 77 -8.42 -13.94 10.05
C LEU A 77 -7.68 -12.73 9.46
N ILE A 78 -8.28 -12.13 8.41
CA ILE A 78 -7.73 -10.97 7.71
C ILE A 78 -8.75 -9.85 7.78
N SER A 79 -8.26 -8.62 7.81
CA SER A 79 -9.09 -7.44 7.59
C SER A 79 -8.53 -6.60 6.48
N TRP A 80 -9.38 -5.82 5.85
CA TRP A 80 -9.01 -4.94 4.77
C TRP A 80 -9.97 -3.79 4.68
N PRO A 81 -9.61 -2.74 3.90
CA PRO A 81 -10.46 -1.60 3.87
C PRO A 81 -11.85 -1.83 3.30
N LEU A 82 -12.79 -1.13 3.91
CA LEU A 82 -14.21 -1.25 3.58
C LEU A 82 -14.40 -1.04 2.05
N SER A 83 -15.05 -2.05 1.47
CA SER A 83 -15.50 -2.08 0.08
C SER A 83 -14.41 -2.37 -0.96
N SER A 84 -13.17 -2.46 -0.50
CA SER A 84 -12.05 -3.04 -1.27
C SER A 84 -12.23 -4.52 -1.22
N PRO A 85 -11.56 -5.26 -2.12
CA PRO A 85 -11.48 -6.74 -2.05
C PRO A 85 -10.37 -7.15 -1.12
N PRO A 86 -10.47 -8.39 -0.59
CA PRO A 86 -9.38 -8.90 0.19
C PRO A 86 -8.23 -9.38 -0.72
N THR A 87 -7.22 -8.53 -0.92
CA THR A 87 -6.08 -8.85 -1.75
C THR A 87 -4.84 -9.23 -0.96
N VAL A 88 -3.92 -9.84 -1.67
CA VAL A 88 -2.71 -10.27 -1.09
C VAL A 88 -1.97 -9.02 -0.54
N TYR A 89 -2.13 -7.89 -1.19
CA TYR A 89 -1.40 -6.65 -0.90
C TYR A 89 -2.07 -5.67 0.05
N ASN A 90 -3.36 -5.79 0.38
CA ASN A 90 -3.99 -4.83 1.27
C ASN A 90 -4.60 -5.51 2.51
N SER A 91 -4.39 -6.79 2.71
CA SER A 91 -5.03 -7.56 3.78
C SER A 91 -4.07 -7.65 4.97
N ARG A 92 -4.55 -7.31 6.16
CA ARG A 92 -3.76 -7.44 7.35
C ARG A 92 -4.22 -8.66 8.14
N VAL A 93 -3.29 -9.52 8.51
CA VAL A 93 -3.58 -10.68 9.30
C VAL A 93 -3.80 -10.27 10.75
N GLU A 94 -4.97 -10.62 11.27
CA GLU A 94 -5.29 -10.43 12.66
C GLU A 94 -4.74 -11.58 13.56
N CYS A 95 -4.86 -12.81 13.08
CA CYS A 95 -4.42 -14.03 13.76
C CYS A 95 -4.64 -15.22 12.82
N ILE A 96 -4.06 -16.38 13.16
CA ILE A 96 -4.05 -17.59 12.39
C ILE A 96 -5.10 -18.62 12.95
N GLY A 97 -5.92 -19.15 12.05
CA GLY A 97 -6.95 -20.11 12.42
C GLY A 97 -8.11 -20.13 11.48
N TRP A 98 -9.11 -20.93 11.87
CA TRP A 98 -10.24 -21.27 10.99
C TRP A 98 -11.60 -21.01 11.62
N SER A 99 -11.66 -20.33 12.78
CA SER A 99 -12.91 -19.83 13.38
C SER A 99 -12.47 -18.57 14.12
N SER A 100 -13.24 -17.51 14.00
CA SER A 100 -12.85 -16.21 14.59
C SER A 100 -13.96 -15.31 15.11
N THR A 101 -13.55 -14.34 15.91
CA THR A 101 -14.33 -13.13 16.19
C THR A 101 -13.37 -11.96 16.42
N SER A 102 -13.87 -10.71 16.47
CA SER A 102 -13.02 -9.51 16.65
C SER A 102 -13.93 -8.34 17.03
N CYS A 103 -13.47 -7.50 17.94
CA CYS A 103 -14.14 -6.29 18.25
C CYS A 103 -13.15 -5.32 18.90
N HIS A 104 -13.53 -4.06 18.84
CA HIS A 104 -12.76 -2.97 19.34
C HIS A 104 -13.50 -2.53 20.61
N ASP A 105 -12.79 -2.31 21.70
CA ASP A 105 -13.40 -1.83 22.95
C ASP A 105 -13.45 -0.31 23.19
N GLY A 106 -13.00 0.46 22.20
CA GLY A 106 -12.82 1.88 22.30
C GLY A 106 -11.38 2.30 22.44
N ARG A 107 -10.58 1.45 23.08
CA ARG A 107 -9.15 1.66 23.32
C ARG A 107 -8.35 0.75 22.42
N ALA A 108 -8.74 -0.50 22.25
CA ALA A 108 -8.01 -1.36 21.32
C ALA A 108 -8.86 -2.51 20.87
N ARG A 109 -8.34 -3.29 19.92
CA ARG A 109 -9.07 -4.42 19.32
C ARG A 109 -8.62 -5.78 19.88
N MET A 110 -9.62 -6.59 20.16
CA MET A 110 -9.44 -7.93 20.56
C MET A 110 -9.79 -8.75 19.33
N SER A 111 -8.91 -9.68 18.94
CA SER A 111 -9.20 -10.66 17.91
C SER A 111 -8.92 -12.03 18.50
N ILE A 112 -9.77 -12.98 18.13
CA ILE A 112 -9.67 -14.34 18.57
C ILE A 112 -9.68 -15.27 17.36
N CYS A 113 -8.73 -16.19 17.33
CA CYS A 113 -8.71 -17.19 16.30
C CYS A 113 -8.46 -18.54 16.95
N ILE A 114 -9.23 -19.51 16.49
CA ILE A 114 -9.06 -20.90 16.83
C ILE A 114 -8.39 -21.72 15.70
N SER A 115 -7.43 -22.54 16.09
CA SER A 115 -6.77 -23.43 15.20
C SER A 115 -6.56 -24.78 15.82
N GLY A 116 -6.21 -25.72 14.97
CA GLY A 116 -5.88 -27.05 15.41
C GLY A 116 -6.65 -28.13 14.72
N PRO A 117 -6.32 -29.40 15.06
CA PRO A 117 -7.11 -30.55 14.57
C PRO A 117 -8.45 -30.60 15.32
N ASN A 118 -9.41 -31.36 14.83
CA ASN A 118 -10.77 -31.30 15.37
C ASN A 118 -10.86 -31.66 16.83
N ASN A 119 -9.96 -32.55 17.23
CA ASN A 119 -9.91 -33.05 18.61
C ASN A 119 -8.92 -32.38 19.53
N ASN A 120 -8.29 -31.29 19.08
CA ASN A 120 -7.22 -30.65 19.86
C ASN A 120 -7.04 -29.12 19.53
N ALA A 121 -8.15 -28.47 19.29
CA ALA A 121 -8.13 -27.07 18.92
C ALA A 121 -7.96 -26.16 20.11
N SER A 122 -7.53 -24.93 19.81
CA SER A 122 -7.26 -23.94 20.84
C SER A 122 -7.48 -22.55 20.29
N ALA A 123 -7.98 -21.70 21.17
CA ALA A 123 -8.23 -20.30 20.90
C ALA A 123 -7.04 -19.47 21.42
N VAL A 124 -6.61 -18.51 20.62
CA VAL A 124 -5.70 -17.52 21.06
C VAL A 124 -6.39 -16.18 20.99
N ILE A 125 -6.31 -15.45 22.10
CA ILE A 125 -7.01 -14.18 22.27
C ILE A 125 -5.92 -13.11 22.18
N TRP A 126 -6.06 -12.25 21.17
CA TRP A 126 -5.13 -11.20 20.93
C TRP A 126 -5.75 -9.93 21.40
N TYR A 127 -4.92 -9.03 21.93
CA TYR A 127 -5.40 -7.71 22.32
C TYR A 127 -4.31 -6.70 21.99
N ASN A 128 -4.68 -5.65 21.23
CA ASN A 128 -3.75 -4.61 20.80
C ASN A 128 -2.60 -5.23 20.00
N ARG A 129 -2.98 -6.17 19.13
CA ARG A 129 -2.14 -6.91 18.27
C ARG A 129 -1.09 -7.78 18.90
N ARG A 130 -1.31 -8.21 20.14
CA ARG A 130 -0.41 -9.13 20.80
C ARG A 130 -1.22 -10.29 21.40
N PRO A 131 -0.64 -11.54 21.40
CA PRO A 131 -1.38 -12.62 22.06
C PRO A 131 -1.38 -12.42 23.57
N VAL A 132 -2.53 -12.65 24.19
CA VAL A 132 -2.67 -12.44 25.60
C VAL A 132 -3.07 -13.71 26.35
N THR A 133 -4.06 -14.44 25.86
CA THR A 133 -4.63 -15.58 26.55
C THR A 133 -4.86 -16.69 25.54
N GLU A 134 -4.78 -17.91 26.01
CA GLU A 134 -5.06 -19.10 25.21
C GLU A 134 -6.05 -19.97 25.98
N ILE A 135 -6.98 -20.58 25.24
CA ILE A 135 -7.95 -21.48 25.80
C ILE A 135 -7.93 -22.79 25.03
N ASN A 136 -7.72 -23.90 25.72
CA ASN A 136 -7.73 -25.22 25.07
C ASN A 136 -9.17 -25.76 24.93
N THR A 137 -9.36 -26.59 23.93
CA THR A 137 -10.60 -27.31 23.72
C THR A 137 -11.03 -27.97 25.01
N TRP A 138 -12.33 -27.87 25.31
CA TRP A 138 -12.85 -28.47 26.55
C TRP A 138 -13.70 -29.69 26.23
N ALA A 139 -14.09 -29.88 25.01
CA ALA A 139 -14.88 -31.10 24.66
C ALA A 139 -14.28 -31.84 23.49
N ARG A 140 -13.09 -31.42 23.01
CA ARG A 140 -12.37 -32.07 21.91
C ARG A 140 -13.18 -32.34 20.67
N ASN A 141 -13.97 -31.36 20.25
CA ASN A 141 -14.71 -31.54 19.00
C ASN A 141 -15.05 -30.22 18.33
N ILE A 142 -14.05 -29.72 17.61
CA ILE A 142 -14.16 -28.48 16.85
C ILE A 142 -14.60 -27.30 17.69
N LEU A 143 -13.75 -26.94 18.62
CA LEU A 143 -13.83 -25.63 19.27
C LEU A 143 -14.08 -24.56 18.21
N ARG A 144 -15.10 -23.72 18.41
CA ARG A 144 -15.53 -22.75 17.44
C ARG A 144 -16.29 -21.56 18.03
N THR A 145 -16.33 -20.45 17.29
CA THR A 145 -16.86 -19.16 17.83
C THR A 145 -17.73 -18.51 16.78
N GLN A 146 -17.97 -17.22 16.94
CA GLN A 146 -19.09 -16.48 16.27
C GLN A 146 -19.07 -16.35 14.74
N GLU A 147 -17.84 -16.13 14.22
CA GLU A 147 -17.62 -15.71 12.83
C GLU A 147 -18.26 -14.37 12.44
N SER A 148 -18.46 -13.51 13.43
CA SER A 148 -18.81 -12.09 13.22
C SER A 148 -18.36 -11.33 14.48
N GLU A 149 -18.52 -10.03 14.49
CA GLU A 149 -17.89 -9.24 15.56
C GLU A 149 -18.59 -9.50 16.88
N CYS A 150 -17.76 -9.43 17.90
CA CYS A 150 -18.19 -9.28 19.28
C CYS A 150 -18.49 -7.81 19.58
N VAL A 151 -18.95 -7.56 20.80
CA VAL A 151 -19.38 -6.25 21.25
C VAL A 151 -18.84 -6.01 22.67
N CYS A 152 -18.36 -4.82 22.96
CA CYS A 152 -17.83 -4.50 24.29
C CYS A 152 -18.60 -3.39 24.99
N GLN A 153 -18.51 -3.41 26.33
CA GLN A 153 -19.11 -2.35 27.15
C GLN A 153 -18.18 -2.15 28.32
N ASN A 154 -17.64 -0.92 28.44
CA ASN A 154 -16.69 -0.54 29.49
C ASN A 154 -15.52 -1.50 29.55
N GLY A 155 -15.08 -1.96 28.39
CA GLY A 155 -13.85 -2.79 28.30
C GLY A 155 -14.17 -4.27 28.34
N VAL A 156 -15.42 -4.64 28.63
CA VAL A 156 -15.80 -6.03 28.79
C VAL A 156 -16.52 -6.49 27.54
N CYS A 157 -15.94 -7.55 26.93
CA CYS A 157 -16.33 -8.09 25.64
C CYS A 157 -16.72 -9.51 25.77
N PRO A 158 -18.05 -9.80 25.89
CA PRO A 158 -18.50 -11.20 25.87
C PRO A 158 -18.28 -11.86 24.49
N VAL A 159 -17.92 -13.11 24.54
CA VAL A 159 -17.77 -13.95 23.36
C VAL A 159 -18.40 -15.32 23.62
N VAL A 160 -19.17 -15.82 22.66
CA VAL A 160 -19.73 -17.14 22.64
C VAL A 160 -18.91 -18.16 21.85
N PHE A 161 -18.58 -19.24 22.53
CA PHE A 161 -17.85 -20.37 22.01
C PHE A 161 -18.70 -21.64 22.15
N THR A 162 -18.49 -22.60 21.25
CA THR A 162 -19.06 -23.96 21.35
C THR A 162 -18.01 -24.96 21.06
N ASP A 163 -18.07 -26.07 21.77
CA ASP A 163 -17.14 -27.17 21.59
C ASP A 163 -18.01 -28.40 21.78
N GLY A 164 -17.95 -29.37 20.87
CA GLY A 164 -18.75 -30.61 20.96
C GLY A 164 -19.54 -30.81 19.70
N SER A 165 -20.50 -31.72 19.77
CA SER A 165 -21.22 -32.16 18.57
C SER A 165 -21.98 -31.00 17.91
N ALA A 166 -21.98 -31.00 16.57
CA ALA A 166 -22.89 -30.16 15.75
C ALA A 166 -24.33 -30.71 15.68
N THR A 167 -24.51 -31.96 16.07
CA THR A 167 -25.77 -32.66 15.88
C THR A 167 -26.26 -33.30 17.19
N GLY A 168 -25.92 -32.68 18.30
CA GLY A 168 -26.42 -33.12 19.57
C GLY A 168 -26.12 -32.02 20.56
N PRO A 169 -26.38 -32.31 21.86
CA PRO A 169 -25.96 -31.41 22.95
C PRO A 169 -24.41 -31.23 22.93
N ALA A 170 -23.98 -30.00 23.16
CA ALA A 170 -22.57 -29.62 23.05
C ALA A 170 -22.38 -28.67 24.21
N GLU A 171 -21.15 -28.23 24.41
CA GLU A 171 -20.81 -27.33 25.49
C GLU A 171 -20.54 -25.91 24.96
N THR A 172 -21.56 -25.08 25.06
CA THR A 172 -21.42 -23.67 24.80
C THR A 172 -20.97 -22.89 26.08
N ARG A 173 -20.02 -21.98 25.91
CA ARG A 173 -19.55 -21.15 26.99
C ARG A 173 -19.65 -19.68 26.54
N ILE A 174 -20.05 -18.79 27.47
CA ILE A 174 -19.94 -17.35 27.28
C ILE A 174 -18.73 -16.85 28.09
N TYR A 175 -17.70 -16.38 27.37
CA TYR A 175 -16.51 -15.79 28.01
C TYR A 175 -16.60 -14.29 28.08
N TYR A 176 -16.08 -13.71 29.16
CA TYR A 176 -16.04 -12.29 29.33
C TYR A 176 -14.59 -11.89 29.42
N PHE A 177 -14.12 -11.13 28.42
CA PHE A 177 -12.75 -10.73 28.38
C PHE A 177 -12.64 -9.22 28.64
N LYS A 178 -11.53 -8.79 29.25
CA LYS A 178 -11.16 -7.40 29.24
C LYS A 178 -9.69 -7.34 29.00
N GLU A 179 -9.32 -6.55 27.98
CA GLU A 179 -7.94 -6.44 27.57
C GLU A 179 -7.30 -7.79 27.24
N GLY A 180 -8.11 -8.69 26.65
CA GLY A 180 -7.66 -10.03 26.27
C GLY A 180 -7.50 -11.04 27.41
N LYS A 181 -7.80 -10.62 28.63
CA LYS A 181 -7.82 -11.50 29.77
C LYS A 181 -9.24 -11.98 30.07
N ILE A 182 -9.30 -13.21 30.58
CA ILE A 182 -10.54 -13.78 31.02
C ILE A 182 -10.96 -13.24 32.37
N LEU A 183 -12.10 -12.56 32.38
CA LEU A 183 -12.68 -12.13 33.62
C LEU A 183 -13.52 -13.25 34.20
N LYS A 184 -14.22 -14.02 33.35
CA LYS A 184 -15.20 -14.98 33.82
C LYS A 184 -15.65 -15.74 32.61
N TRP A 185 -16.10 -16.95 32.84
CA TRP A 185 -16.90 -17.65 31.85
C TRP A 185 -18.07 -18.33 32.53
N GLU A 186 -19.13 -18.52 31.76
CA GLU A 186 -20.33 -19.25 32.19
C GLU A 186 -20.73 -20.31 31.17
N PRO A 187 -21.28 -21.45 31.62
CA PRO A 187 -21.93 -22.34 30.67
C PRO A 187 -23.22 -21.76 30.21
N LEU A 188 -23.63 -22.17 29.03
CA LEU A 188 -24.85 -21.65 28.47
C LEU A 188 -26.00 -22.05 29.39
N THR A 189 -26.89 -21.09 29.65
CA THR A 189 -28.15 -21.31 30.35
C THR A 189 -29.35 -20.77 29.54
N GLY A 190 -30.55 -20.82 30.13
CA GLY A 190 -31.81 -20.50 29.41
C GLY A 190 -32.28 -21.69 28.61
N THR A 191 -33.18 -21.45 27.66
CA THR A 191 -33.82 -22.57 26.92
C THR A 191 -33.29 -22.87 25.49
N ALA A 192 -32.33 -22.06 25.01
CA ALA A 192 -31.67 -22.40 23.75
C ALA A 192 -31.02 -23.76 23.98
N LYS A 193 -31.30 -24.74 23.11
CA LYS A 193 -30.77 -26.12 23.27
C LYS A 193 -29.43 -26.40 22.55
N HIS A 194 -29.05 -25.51 21.63
CA HIS A 194 -27.83 -25.67 20.84
C HIS A 194 -27.52 -24.32 20.22
N ILE A 195 -26.24 -23.96 20.24
CA ILE A 195 -25.78 -22.66 19.85
C ILE A 195 -24.48 -22.80 19.01
N GLU A 196 -24.47 -22.09 17.90
CA GLU A 196 -23.33 -21.85 17.00
C GLU A 196 -23.41 -20.45 16.39
N GLU A 197 -22.27 -19.88 16.04
CA GLU A 197 -22.16 -18.75 15.10
C GLU A 197 -23.04 -17.58 15.44
N CYS A 198 -22.93 -17.13 16.69
CA CYS A 198 -23.69 -16.00 17.16
C CYS A 198 -23.30 -14.72 16.46
N SER A 199 -24.33 -14.01 16.04
CA SER A 199 -24.28 -12.70 15.49
C SER A 199 -24.85 -11.69 16.53
N CYS A 200 -24.00 -10.76 16.97
CA CYS A 200 -24.22 -9.91 18.13
C CYS A 200 -24.18 -8.41 17.79
N TYR A 201 -24.94 -7.68 18.60
CA TYR A 201 -24.94 -6.24 18.61
C TYR A 201 -25.25 -5.76 20.03
N GLY A 202 -24.87 -4.52 20.27
CA GLY A 202 -25.01 -3.91 21.54
C GLY A 202 -25.85 -2.67 21.53
N GLU A 203 -26.66 -2.55 22.60
CA GLU A 203 -27.36 -1.35 22.88
C GLU A 203 -27.90 -1.37 24.27
N GLN A 204 -28.09 -0.18 24.81
CA GLN A 204 -28.56 -0.02 26.17
C GLN A 204 -27.93 -1.00 27.19
N ALA A 205 -26.61 -0.99 27.23
CA ALA A 205 -25.79 -1.76 28.15
C ALA A 205 -26.09 -3.26 28.17
N GLY A 206 -26.41 -3.78 27.01
CA GLY A 206 -26.62 -5.22 26.82
C GLY A 206 -26.20 -5.61 25.40
N VAL A 207 -25.87 -6.88 25.28
CA VAL A 207 -25.53 -7.46 24.01
C VAL A 207 -26.59 -8.51 23.68
N THR A 208 -27.16 -8.44 22.49
CA THR A 208 -28.09 -9.46 21.93
C THR A 208 -27.41 -10.21 20.77
N CYS A 209 -27.39 -11.54 20.85
CA CYS A 209 -26.85 -12.44 19.86
C CYS A 209 -27.92 -13.31 19.33
N THR A 210 -27.96 -13.41 18.01
CA THR A 210 -28.86 -14.33 17.28
C THR A 210 -27.98 -15.41 16.65
N CYS A 211 -28.30 -16.66 16.94
CA CYS A 211 -27.41 -17.76 16.70
C CYS A 211 -28.04 -18.81 15.78
N ARG A 212 -27.38 -19.96 15.69
CA ARG A 212 -27.79 -21.01 14.77
C ARG A 212 -27.91 -22.27 15.67
N ASP A 213 -29.08 -22.92 15.65
CA ASP A 213 -29.27 -24.21 16.35
C ASP A 213 -29.04 -25.27 15.28
N ASN A 214 -27.87 -25.86 15.26
CA ASN A 214 -27.51 -26.68 14.14
C ASN A 214 -28.12 -28.07 14.27
N TRP A 215 -28.41 -28.45 15.51
CA TRP A 215 -29.03 -29.72 15.83
C TRP A 215 -30.51 -29.79 15.34
N GLN A 216 -31.41 -29.00 15.91
CA GLN A 216 -32.84 -29.21 15.67
C GLN A 216 -33.64 -28.04 15.21
N GLY A 217 -33.11 -26.84 15.29
CA GLY A 217 -34.00 -25.67 15.22
C GLY A 217 -33.97 -25.01 13.86
N SER A 218 -35.12 -24.52 13.39
CA SER A 218 -35.17 -23.67 12.20
C SER A 218 -35.63 -22.26 12.53
N ASN A 219 -36.10 -22.11 13.77
CA ASN A 219 -36.10 -20.84 14.49
C ASN A 219 -34.69 -20.62 15.08
N ARG A 220 -34.31 -19.40 15.36
CA ARG A 220 -32.96 -19.19 15.85
C ARG A 220 -32.93 -18.97 17.33
N PRO A 221 -31.93 -19.55 18.01
CA PRO A 221 -31.67 -19.20 19.41
C PRO A 221 -31.18 -17.75 19.59
N VAL A 222 -31.47 -17.21 20.75
CA VAL A 222 -31.10 -15.83 21.12
C VAL A 222 -30.48 -15.84 22.48
N ILE A 223 -29.30 -15.23 22.60
CA ILE A 223 -28.66 -14.99 23.86
C ILE A 223 -28.68 -13.48 24.14
N GLN A 224 -28.99 -13.15 25.37
CA GLN A 224 -29.00 -11.76 25.81
C GLN A 224 -28.08 -11.69 27.00
N ILE A 225 -27.10 -10.81 26.89
CA ILE A 225 -26.00 -10.72 27.78
C ILE A 225 -25.94 -9.35 28.45
N ASP A 226 -25.77 -9.37 29.79
CA ASP A 226 -25.51 -8.19 30.60
C ASP A 226 -24.01 -8.13 30.89
N PRO A 227 -23.27 -7.27 30.20
CA PRO A 227 -21.82 -7.25 30.30
C PRO A 227 -21.32 -6.54 31.56
N VAL A 228 -22.23 -5.98 32.37
CA VAL A 228 -21.89 -5.40 33.65
C VAL A 228 -21.98 -6.49 34.72
N ALA A 229 -23.10 -7.20 34.77
CA ALA A 229 -23.31 -8.29 35.70
C ALA A 229 -22.55 -9.52 35.26
N MET A 230 -22.21 -9.54 33.96
CA MET A 230 -21.52 -10.65 33.27
C MET A 230 -22.38 -11.88 33.42
N THR A 231 -23.63 -11.75 32.97
CA THR A 231 -24.61 -12.79 32.97
C THR A 231 -25.33 -12.82 31.65
N HIS A 232 -26.07 -13.89 31.44
CA HIS A 232 -26.84 -14.08 30.21
C HIS A 232 -28.09 -14.86 30.45
N THR A 233 -28.99 -14.79 29.49
CA THR A 233 -30.09 -15.71 29.42
C THR A 233 -30.20 -16.12 27.94
N SER A 234 -30.99 -17.15 27.65
CA SER A 234 -31.27 -17.50 26.24
C SER A 234 -32.67 -18.04 26.00
N GLN A 235 -33.12 -17.93 24.77
CA GLN A 235 -34.39 -18.46 24.33
C GLN A 235 -34.35 -18.63 22.81
N TYR A 236 -35.52 -18.82 22.20
CA TYR A 236 -35.60 -18.79 20.75
C TYR A 236 -36.39 -17.59 20.31
N ILE A 237 -36.22 -17.20 19.05
CA ILE A 237 -37.15 -16.24 18.45
C ILE A 237 -38.53 -16.92 18.31
N CYS A 238 -39.58 -16.39 18.98
CA CYS A 238 -40.90 -17.02 18.98
C CYS A 238 -41.61 -16.98 17.66
N SER A 239 -41.27 -15.99 16.83
CA SER A 239 -41.98 -15.76 15.55
C SER A 239 -42.03 -16.98 14.65
N PRO A 240 -43.20 -17.21 14.00
CA PRO A 240 -43.37 -18.24 12.97
C PRO A 240 -42.69 -17.89 11.64
N VAL A 241 -42.13 -16.66 11.55
CA VAL A 241 -41.22 -16.29 10.45
C VAL A 241 -39.86 -16.92 10.78
N LEU A 242 -39.66 -18.13 10.28
CA LEU A 242 -38.48 -18.90 10.55
C LEU A 242 -37.31 -18.43 9.67
N THR A 243 -36.12 -18.35 10.27
CA THR A 243 -35.01 -17.65 9.64
C THR A 243 -33.73 -18.49 9.45
N ASP A 244 -33.75 -19.77 9.79
CA ASP A 244 -32.58 -20.62 9.50
C ASP A 244 -32.71 -21.14 8.07
N ASN A 245 -31.80 -22.00 7.64
CA ASN A 245 -31.81 -22.56 6.32
C ASN A 245 -30.94 -23.82 6.30
N PRO A 246 -31.40 -24.94 5.73
CA PRO A 246 -32.76 -25.17 5.22
C PRO A 246 -33.76 -25.06 6.38
N ARG A 247 -35.02 -24.89 6.05
CA ARG A 247 -36.05 -24.76 7.10
C ARG A 247 -37.39 -25.29 6.61
N PRO A 248 -38.30 -25.61 7.55
CA PRO A 248 -39.68 -25.82 7.06
C PRO A 248 -40.32 -24.50 6.66
N ASN A 249 -41.46 -24.63 6.04
CA ASN A 249 -42.34 -23.47 5.73
C ASN A 249 -42.86 -22.80 6.99
N ASP A 250 -43.05 -21.50 6.90
CA ASP A 250 -43.52 -20.76 8.02
C ASP A 250 -44.89 -21.31 8.54
N PRO A 251 -44.97 -21.68 9.82
CA PRO A 251 -46.26 -22.02 10.40
C PRO A 251 -47.06 -20.79 10.79
N THR A 252 -48.11 -20.96 11.60
CA THR A 252 -48.95 -19.86 12.08
C THR A 252 -48.44 -19.43 13.45
N VAL A 253 -47.91 -20.40 14.22
CA VAL A 253 -47.44 -20.21 15.60
C VAL A 253 -46.06 -20.83 15.72
N GLY A 254 -45.13 -20.05 16.27
CA GLY A 254 -43.73 -20.46 16.43
C GLY A 254 -43.47 -21.06 17.80
N LYS A 255 -42.19 -21.19 18.14
CA LYS A 255 -41.78 -21.69 19.45
C LYS A 255 -40.71 -20.79 20.10
N CYS A 256 -40.89 -20.52 21.40
CA CYS A 256 -40.14 -19.60 22.17
C CYS A 256 -38.99 -20.28 22.93
N ASN A 257 -39.21 -21.53 23.35
CA ASN A 257 -38.37 -22.20 24.36
C ASN A 257 -37.92 -23.57 23.95
N ASP A 258 -38.10 -23.85 22.66
CA ASP A 258 -37.62 -25.05 22.03
C ASP A 258 -37.41 -24.87 20.54
N PRO A 259 -36.58 -25.71 19.94
CA PRO A 259 -36.40 -25.60 18.50
C PRO A 259 -37.66 -25.96 17.75
N TYR A 260 -37.96 -25.17 16.72
CA TYR A 260 -39.03 -25.48 15.78
C TYR A 260 -38.57 -26.67 14.93
N PRO A 261 -39.28 -27.81 15.03
CA PRO A 261 -38.80 -29.00 14.36
C PRO A 261 -39.13 -29.04 12.86
N GLY A 262 -38.49 -29.98 12.18
CA GLY A 262 -38.63 -30.12 10.74
C GLY A 262 -37.31 -30.30 10.01
N ASN A 263 -36.23 -29.71 10.52
CA ASN A 263 -34.90 -29.84 9.90
C ASN A 263 -33.84 -30.01 10.94
N ASN A 264 -32.97 -30.98 10.67
CA ASN A 264 -31.93 -31.40 11.60
C ASN A 264 -30.55 -31.34 10.95
N ASN A 265 -29.54 -31.17 11.81
CA ASN A 265 -28.12 -31.30 11.44
C ASN A 265 -27.63 -30.35 10.31
N ASN A 266 -28.17 -29.13 10.28
CA ASN A 266 -27.84 -28.18 9.24
C ASN A 266 -28.30 -26.80 9.68
N GLY A 267 -28.00 -25.79 8.88
CA GLY A 267 -28.32 -24.45 9.25
C GLY A 267 -27.39 -23.48 8.55
N VAL A 268 -27.53 -22.22 8.91
CA VAL A 268 -26.67 -21.22 8.39
C VAL A 268 -26.57 -20.10 9.43
N LYS A 269 -25.39 -19.49 9.53
CA LYS A 269 -25.25 -18.26 10.35
C LYS A 269 -26.18 -17.19 9.84
N GLY A 270 -26.92 -16.59 10.78
CA GLY A 270 -27.79 -15.45 10.48
C GLY A 270 -27.83 -14.45 11.62
N PHE A 271 -28.76 -13.51 11.54
CA PHE A 271 -28.85 -12.43 12.54
C PHE A 271 -30.30 -11.88 12.57
N SER A 272 -30.55 -11.03 13.57
CA SER A 272 -31.69 -10.20 13.66
C SER A 272 -31.40 -8.99 14.54
N TYR A 273 -32.35 -8.04 14.48
CA TYR A 273 -32.37 -6.90 15.41
C TYR A 273 -33.71 -6.95 16.13
N LEU A 274 -33.64 -7.18 17.43
CA LEU A 274 -34.79 -7.53 18.27
C LEU A 274 -34.99 -6.38 19.25
N ASP A 275 -35.85 -5.45 18.84
CA ASP A 275 -36.03 -4.17 19.49
C ASP A 275 -37.56 -3.83 19.50
N GLY A 276 -38.37 -4.72 20.04
CA GLY A 276 -39.82 -4.43 20.30
C GLY A 276 -40.52 -4.30 18.99
N GLY A 277 -41.16 -3.15 18.78
CA GLY A 277 -41.81 -2.90 17.49
C GLY A 277 -40.78 -2.59 16.39
N ASN A 278 -39.56 -2.24 16.76
CA ASN A 278 -38.50 -1.93 15.78
C ASN A 278 -37.70 -3.22 15.42
N THR A 279 -38.35 -4.35 15.28
CA THR A 279 -37.68 -5.60 15.08
C THR A 279 -37.64 -5.98 13.61
N TRP A 280 -36.43 -6.37 13.13
CA TRP A 280 -36.25 -6.87 11.77
C TRP A 280 -35.45 -8.14 11.80
N LEU A 281 -35.89 -9.07 10.99
CA LEU A 281 -35.26 -10.35 10.88
C LEU A 281 -34.64 -10.48 9.47
N GLY A 282 -33.51 -11.17 9.36
CA GLY A 282 -32.93 -11.49 8.09
C GLY A 282 -33.09 -12.97 7.79
N ARG A 283 -33.28 -13.30 6.50
CA ARG A 283 -33.18 -14.69 6.08
C ARG A 283 -32.93 -14.91 4.64
N THR A 284 -32.47 -16.11 4.32
CA THR A 284 -32.43 -16.55 2.94
C THR A 284 -33.89 -16.60 2.45
N ILE A 285 -34.14 -16.35 1.17
CA ILE A 285 -35.48 -16.44 0.64
C ILE A 285 -35.86 -17.91 0.48
N SER A 286 -34.97 -18.71 -0.08
CA SER A 286 -35.25 -20.09 -0.19
C SER A 286 -35.28 -20.78 1.16
N VAL A 287 -36.12 -21.81 1.23
CA VAL A 287 -36.22 -22.66 2.41
C VAL A 287 -35.34 -23.85 2.27
N ALA A 288 -34.86 -24.11 1.06
CA ALA A 288 -34.05 -25.29 0.79
C ALA A 288 -32.56 -25.01 0.65
N SER A 289 -32.20 -23.83 0.16
CA SER A 289 -30.77 -23.57 -0.10
C SER A 289 -30.38 -22.10 0.16
N ARG A 290 -29.08 -21.83 0.10
CA ARG A 290 -28.53 -20.54 0.51
C ARG A 290 -28.67 -19.62 -0.67
N SER A 291 -29.91 -19.29 -1.02
CA SER A 291 -30.15 -18.41 -2.09
C SER A 291 -31.15 -17.36 -1.68
N GLY A 292 -30.93 -16.19 -2.23
CA GLY A 292 -31.58 -14.98 -1.83
C GLY A 292 -31.32 -14.46 -0.42
N TYR A 293 -31.80 -13.26 -0.17
CA TYR A 293 -31.75 -12.68 1.17
C TYR A 293 -32.76 -11.57 1.27
N GLU A 294 -33.48 -11.54 2.37
CA GLU A 294 -34.47 -10.51 2.63
C GLU A 294 -34.48 -10.12 4.07
N MET A 295 -34.84 -8.87 4.31
CA MET A 295 -35.06 -8.36 5.64
C MET A 295 -36.59 -8.25 5.78
N LEU A 296 -37.13 -8.67 6.92
CA LEU A 296 -38.58 -8.60 7.20
C LEU A 296 -38.82 -7.89 8.54
N LYS A 297 -39.64 -6.84 8.55
CA LYS A 297 -40.05 -6.19 9.78
C LYS A 297 -41.08 -7.09 10.46
N VAL A 298 -40.74 -7.59 11.65
CA VAL A 298 -41.61 -8.54 12.41
C VAL A 298 -41.70 -8.01 13.85
N PRO A 299 -42.73 -7.16 14.14
CA PRO A 299 -42.86 -6.60 15.48
C PRO A 299 -42.80 -7.61 16.58
N ASN A 300 -41.94 -7.38 17.56
CA ASN A 300 -41.80 -8.26 18.68
C ASN A 300 -41.51 -9.70 18.33
N ALA A 301 -40.73 -9.94 17.25
CA ALA A 301 -40.47 -11.31 16.83
C ALA A 301 -39.97 -12.20 17.95
N LEU A 302 -39.14 -11.63 18.84
CA LEU A 302 -38.50 -12.41 19.91
C LEU A 302 -39.51 -13.10 20.84
N THR A 303 -40.55 -12.36 21.18
CA THR A 303 -41.47 -12.68 22.26
C THR A 303 -42.90 -13.04 21.80
N ASP A 304 -43.21 -12.82 20.51
CA ASP A 304 -44.52 -13.03 19.95
C ASP A 304 -44.55 -14.18 18.95
N ASP A 305 -45.14 -15.30 19.40
CA ASP A 305 -45.23 -16.52 18.64
C ASP A 305 -46.25 -16.57 17.52
N ARG A 306 -46.84 -15.45 17.18
CA ARG A 306 -47.72 -15.35 16.00
C ARG A 306 -47.34 -14.15 15.08
N SER A 307 -46.32 -13.39 15.48
CA SER A 307 -45.82 -12.28 14.68
C SER A 307 -45.45 -12.66 13.25
N LYS A 308 -45.95 -11.85 12.32
CA LYS A 308 -45.70 -12.01 10.91
C LYS A 308 -45.18 -10.66 10.43
N PRO A 309 -44.64 -10.55 9.18
CA PRO A 309 -44.08 -9.29 8.63
C PRO A 309 -45.08 -8.14 8.36
N THR A 310 -44.69 -6.94 8.76
CA THR A 310 -45.40 -5.75 8.41
C THR A 310 -44.76 -4.92 7.31
N GLN A 311 -43.50 -5.22 7.00
CA GLN A 311 -42.79 -4.56 5.93
C GLN A 311 -41.66 -5.51 5.56
N GLY A 312 -41.05 -5.23 4.43
CA GLY A 312 -39.88 -5.98 3.98
C GLY A 312 -38.91 -5.27 3.04
N GLN A 313 -37.78 -5.91 2.81
CA GLN A 313 -36.87 -5.39 1.78
C GLN A 313 -36.08 -6.58 1.23
N THR A 314 -36.10 -6.75 -0.07
CA THR A 314 -35.20 -7.69 -0.69
C THR A 314 -33.79 -7.17 -0.82
N ILE A 315 -32.84 -8.04 -0.44
CA ILE A 315 -31.42 -7.71 -0.47
C ILE A 315 -30.75 -8.43 -1.65
N VAL A 316 -30.99 -9.71 -1.79
CA VAL A 316 -30.43 -10.54 -2.84
C VAL A 316 -31.58 -11.36 -3.40
N LEU A 317 -31.68 -11.40 -4.72
CA LEU A 317 -32.74 -12.18 -5.36
C LEU A 317 -32.51 -13.65 -5.11
N ASN A 318 -33.61 -14.40 -5.11
CA ASN A 318 -33.57 -15.87 -4.91
C ASN A 318 -32.96 -16.58 -6.05
N THR A 319 -32.70 -15.89 -7.15
CA THR A 319 -31.94 -16.45 -8.25
C THR A 319 -30.43 -16.23 -8.00
N ASP A 320 -30.02 -15.62 -6.89
CA ASP A 320 -28.59 -15.38 -6.62
C ASP A 320 -28.20 -16.02 -5.31
N TRP A 321 -26.95 -16.48 -5.26
CA TRP A 321 -26.40 -17.12 -4.08
C TRP A 321 -26.17 -16.15 -2.90
N SER A 322 -26.53 -16.62 -1.72
CA SER A 322 -26.23 -15.87 -0.51
C SER A 322 -25.30 -16.73 0.35
N GLY A 323 -25.55 -16.79 1.64
CA GLY A 323 -24.62 -17.45 2.55
C GLY A 323 -24.80 -16.92 3.96
N TYR A 324 -23.73 -16.98 4.77
CA TYR A 324 -23.74 -16.37 6.09
C TYR A 324 -24.19 -14.89 6.08
N SER A 325 -24.74 -14.50 7.20
CA SER A 325 -25.15 -13.11 7.45
C SER A 325 -24.94 -12.78 8.95
N GLY A 326 -24.73 -11.49 9.26
CA GLY A 326 -24.25 -11.13 10.58
C GLY A 326 -24.48 -9.67 10.82
N SER A 327 -24.43 -9.30 12.07
CA SER A 327 -24.67 -7.93 12.50
C SER A 327 -23.39 -7.26 12.96
N PHE A 328 -23.35 -5.96 12.78
CA PHE A 328 -22.32 -5.07 13.32
C PHE A 328 -22.94 -3.68 13.40
N MET A 329 -22.32 -2.79 14.15
CA MET A 329 -22.70 -1.40 14.14
C MET A 329 -21.43 -0.59 14.38
N ASP A 330 -21.50 0.68 13.97
CA ASP A 330 -20.45 1.62 14.25
C ASP A 330 -20.78 2.32 15.54
N TYR A 331 -20.13 1.87 16.62
CA TYR A 331 -20.37 2.35 17.98
C TYR A 331 -19.74 3.71 18.23
N TRP A 332 -19.05 4.25 17.25
CA TRP A 332 -18.38 5.53 17.40
C TRP A 332 -18.92 6.57 16.42
N ALA A 333 -20.10 6.37 15.85
CA ALA A 333 -20.69 7.30 14.94
C ALA A 333 -21.25 8.51 15.73
N GLU A 334 -21.56 9.59 15.04
CA GLU A 334 -22.30 10.69 15.67
C GLU A 334 -23.79 10.36 15.85
N GLY A 335 -24.52 11.23 16.54
CA GLY A 335 -25.97 11.14 16.74
C GLY A 335 -26.37 10.52 18.05
N GLU A 336 -27.66 10.25 18.18
CA GLU A 336 -28.25 9.88 19.46
C GLU A 336 -28.59 8.39 19.59
N CYS A 337 -28.47 7.66 18.49
CA CYS A 337 -28.79 6.23 18.46
C CYS A 337 -27.72 5.50 17.64
N TYR A 338 -27.62 4.21 17.83
CA TYR A 338 -26.83 3.32 17.00
C TYR A 338 -27.65 2.86 15.80
N ARG A 339 -27.03 2.96 14.64
CA ARG A 339 -27.62 2.48 13.40
C ARG A 339 -27.29 1.03 13.10
N ALA A 340 -28.34 0.23 13.01
CA ALA A 340 -28.18 -1.21 12.76
C ALA A 340 -27.58 -1.48 11.40
N CYS A 341 -26.62 -2.40 11.33
CA CYS A 341 -26.04 -2.79 10.04
C CYS A 341 -25.92 -4.29 9.99
N PHE A 342 -25.81 -4.82 8.79
CA PHE A 342 -25.49 -6.22 8.61
C PHE A 342 -24.68 -6.42 7.32
N TYR A 343 -24.18 -7.64 7.14
CA TYR A 343 -23.57 -8.06 5.89
C TYR A 343 -24.21 -9.40 5.51
N VAL A 344 -24.09 -9.71 4.23
CA VAL A 344 -24.42 -11.00 3.68
C VAL A 344 -23.19 -11.44 2.90
N GLU A 345 -22.76 -12.67 3.19
CA GLU A 345 -21.77 -13.46 2.46
C GLU A 345 -22.40 -14.02 1.21
N LEU A 346 -21.86 -13.65 0.05
CA LEU A 346 -22.35 -14.08 -1.25
C LEU A 346 -21.43 -15.19 -1.77
N ILE A 347 -21.77 -16.44 -1.47
CA ILE A 347 -20.90 -17.58 -1.75
C ILE A 347 -20.95 -17.97 -3.21
N ARG A 348 -19.77 -18.16 -3.81
CA ARG A 348 -19.67 -18.57 -5.16
C ARG A 348 -18.76 -19.81 -5.24
N GLY A 349 -19.00 -20.65 -6.24
CA GLY A 349 -18.23 -21.89 -6.39
C GLY A 349 -18.91 -23.02 -5.69
N ARG A 350 -18.11 -23.94 -5.17
CA ARG A 350 -18.64 -25.15 -4.57
C ARG A 350 -19.36 -24.95 -3.26
N PRO A 351 -20.34 -25.82 -2.99
CA PRO A 351 -20.75 -26.95 -3.79
C PRO A 351 -21.79 -26.64 -4.85
N LYS A 352 -22.39 -25.46 -4.86
CA LYS A 352 -23.49 -25.19 -5.78
C LYS A 352 -23.10 -24.93 -7.20
N GLU A 353 -21.85 -24.51 -7.41
CA GLU A 353 -21.37 -24.14 -8.71
C GLU A 353 -20.09 -24.92 -8.82
N ASP A 354 -20.22 -26.19 -9.18
CA ASP A 354 -19.09 -27.11 -9.12
C ASP A 354 -18.30 -27.30 -10.40
N LYS A 355 -18.50 -26.42 -11.35
CA LYS A 355 -17.65 -26.39 -12.50
C LYS A 355 -16.31 -25.75 -12.16
N VAL A 356 -16.24 -24.96 -11.07
CA VAL A 356 -14.94 -24.52 -10.55
C VAL A 356 -14.58 -25.43 -9.39
N TRP A 357 -13.31 -25.44 -9.01
CA TRP A 357 -12.81 -26.32 -7.93
C TRP A 357 -12.68 -25.56 -6.60
N TRP A 358 -13.05 -24.29 -6.62
CA TRP A 358 -12.94 -23.46 -5.42
C TRP A 358 -14.31 -23.08 -4.88
N THR A 359 -14.24 -22.57 -3.64
CA THR A 359 -15.32 -21.86 -2.97
C THR A 359 -14.77 -20.56 -2.43
N SER A 360 -15.43 -19.46 -2.78
CA SER A 360 -15.08 -18.15 -2.25
C SER A 360 -16.39 -17.32 -2.00
N ASN A 361 -16.26 -16.07 -1.65
CA ASN A 361 -17.42 -15.24 -1.56
C ASN A 361 -17.12 -13.79 -1.89
N SER A 362 -18.17 -12.97 -2.02
CA SER A 362 -18.02 -11.52 -1.88
C SER A 362 -18.91 -11.02 -0.72
N ILE A 363 -18.87 -9.74 -0.45
CA ILE A 363 -19.62 -9.17 0.65
C ILE A 363 -20.53 -8.09 0.12
N VAL A 364 -21.75 -8.05 0.68
CA VAL A 364 -22.58 -6.88 0.59
C VAL A 364 -23.01 -6.56 2.00
N SER A 365 -23.19 -5.26 2.28
CA SER A 365 -23.45 -4.79 3.62
C SER A 365 -24.41 -3.66 3.50
N MET A 366 -25.33 -3.55 4.47
CA MET A 366 -26.34 -2.47 4.55
C MET A 366 -26.49 -1.92 5.96
N CYS A 367 -26.96 -0.68 6.05
CA CYS A 367 -27.28 -0.05 7.34
C CYS A 367 -28.71 0.49 7.30
N SER A 368 -29.29 0.69 8.46
CA SER A 368 -30.67 1.13 8.53
C SER A 368 -30.79 2.63 8.20
N SER A 369 -31.92 2.94 7.58
CA SER A 369 -32.34 4.31 7.36
C SER A 369 -33.65 4.61 8.15
N THR A 370 -33.85 5.86 8.57
CA THR A 370 -35.16 6.32 9.11
C THR A 370 -36.12 6.70 7.95
N GLU A 371 -35.59 6.83 6.72
CA GLU A 371 -36.44 6.98 5.56
C GLU A 371 -36.92 5.64 5.09
N PHE A 372 -37.88 5.69 4.15
CA PHE A 372 -38.43 4.58 3.44
C PHE A 372 -37.85 4.60 2.09
N LEU A 373 -36.70 3.95 1.93
CA LEU A 373 -35.96 3.96 0.68
C LEU A 373 -36.37 2.87 -0.26
N GLY A 374 -36.32 3.19 -1.52
CA GLY A 374 -36.36 2.24 -2.58
C GLY A 374 -35.34 1.14 -2.41
N GLN A 375 -35.76 -0.05 -2.82
CA GLN A 375 -34.93 -1.21 -2.76
C GLN A 375 -34.30 -1.58 -4.10
N TRP A 376 -33.03 -2.05 -4.03
CA TRP A 376 -32.41 -2.77 -5.16
C TRP A 376 -32.18 -4.21 -4.76
N ASN A 377 -31.44 -4.95 -5.55
CA ASN A 377 -31.00 -6.24 -5.14
C ASN A 377 -29.51 -6.19 -5.48
N TRP A 378 -28.70 -6.99 -4.81
CA TRP A 378 -27.20 -6.87 -4.81
C TRP A 378 -26.53 -8.19 -5.00
N PRO A 379 -26.47 -8.67 -6.23
CA PRO A 379 -25.79 -9.93 -6.43
C PRO A 379 -24.26 -9.81 -6.32
N ASP A 380 -23.61 -10.96 -6.22
CA ASP A 380 -22.18 -11.03 -6.27
C ASP A 380 -21.68 -10.41 -7.58
N GLY A 381 -22.29 -10.83 -8.70
CA GLY A 381 -22.04 -10.16 -9.97
C GLY A 381 -21.05 -10.86 -10.87
N ALA A 382 -20.39 -11.91 -10.38
CA ALA A 382 -19.42 -12.62 -11.20
C ALA A 382 -20.04 -13.69 -12.12
N LYS A 383 -19.38 -14.03 -13.23
CA LYS A 383 -19.81 -15.05 -14.14
C LYS A 383 -18.88 -16.20 -14.05
N ILE A 384 -19.38 -17.33 -13.61
CA ILE A 384 -18.60 -18.53 -13.41
C ILE A 384 -17.93 -19.02 -14.67
N GLU A 385 -18.58 -18.87 -15.83
CA GLU A 385 -18.00 -19.30 -17.12
C GLU A 385 -16.67 -18.64 -17.36
N TYR A 386 -16.50 -17.41 -16.85
CA TYR A 386 -15.24 -16.67 -17.03
C TYR A 386 -14.06 -17.36 -16.33
N PHE A 387 -14.34 -18.18 -15.32
CA PHE A 387 -13.29 -18.89 -14.53
C PHE A 387 -12.90 -20.26 -15.05
N LEU A 388 -13.60 -20.69 -16.10
CA LEU A 388 -13.44 -22.01 -16.69
C LEU A 388 -12.35 -21.95 -17.76
N ARG B 1 -9.45 21.72 11.09
CA ARG B 1 -10.16 22.26 12.27
C ARG B 1 -11.19 23.40 12.09
N GLU B 2 -10.98 24.33 11.18
CA GLU B 2 -12.04 25.32 10.89
C GLU B 2 -12.68 24.97 9.55
N PHE B 3 -13.97 25.24 9.41
CA PHE B 3 -14.61 25.20 8.10
C PHE B 3 -14.03 26.27 7.15
N ASN B 4 -13.77 25.91 5.92
CA ASN B 4 -13.34 26.85 4.93
C ASN B 4 -14.44 27.85 4.48
N ASN B 5 -14.03 29.10 4.40
CA ASN B 5 -14.77 30.12 3.75
C ASN B 5 -14.15 30.50 2.44
N LEU B 6 -15.02 30.83 1.49
CA LEU B 6 -14.65 31.20 0.16
C LEU B 6 -14.31 32.71 0.21
N THR B 7 -13.07 33.01 0.61
CA THR B 7 -12.71 34.40 0.90
C THR B 7 -11.89 35.06 -0.18
N LYS B 8 -11.59 34.35 -1.26
CA LYS B 8 -10.73 34.83 -2.34
C LYS B 8 -11.48 34.80 -3.65
N GLY B 9 -10.99 35.58 -4.60
CA GLY B 9 -11.39 35.55 -6.01
C GLY B 9 -10.48 34.67 -6.84
N LEU B 10 -10.71 34.58 -8.12
CA LEU B 10 -9.95 33.68 -9.01
C LEU B 10 -8.62 34.36 -9.39
N CYS B 11 -7.51 33.61 -9.53
CA CYS B 11 -6.32 34.17 -10.13
C CYS B 11 -6.57 34.50 -11.57
N THR B 12 -5.76 35.41 -12.06
CA THR B 12 -5.77 35.73 -13.44
C THR B 12 -5.30 34.57 -14.28
N ILE B 13 -6.13 34.19 -15.25
CA ILE B 13 -5.83 33.05 -16.11
C ILE B 13 -5.22 33.56 -17.41
N ASN B 14 -3.91 33.37 -17.61
CA ASN B 14 -3.27 33.73 -18.91
C ASN B 14 -2.91 32.51 -19.75
N SER B 15 -2.98 31.35 -19.13
CA SER B 15 -2.81 30.10 -19.78
C SER B 15 -3.04 28.98 -18.77
N TRP B 16 -2.89 27.73 -19.21
CA TRP B 16 -3.09 26.55 -18.37
C TRP B 16 -1.83 25.66 -18.38
N HIS B 17 -1.50 25.11 -17.20
CA HIS B 17 -0.36 24.20 -17.03
C HIS B 17 -0.87 22.81 -16.60
N ILE B 18 -0.14 21.79 -17.01
CA ILE B 18 -0.38 20.42 -16.58
C ILE B 18 -0.33 20.32 -15.03
N TYR B 19 -1.32 19.65 -14.49
CA TYR B 19 -1.50 19.45 -13.07
C TYR B 19 -1.41 17.93 -12.72
N GLY B 20 -2.21 17.09 -13.40
CA GLY B 20 -2.19 15.65 -13.17
C GLY B 20 -2.57 14.86 -14.42
N LYS B 21 -2.00 13.70 -14.58
CA LYS B 21 -2.31 12.79 -15.63
C LYS B 21 -2.11 11.36 -15.13
N ASP B 22 -3.10 10.48 -15.26
CA ASP B 22 -2.89 9.12 -14.75
C ASP B 22 -2.48 8.02 -15.73
N ASN B 23 -2.68 8.21 -17.02
CA ASN B 23 -2.26 7.20 -17.98
C ASN B 23 -2.88 5.84 -17.70
N ALA B 24 -4.14 5.86 -17.18
CA ALA B 24 -4.81 4.65 -16.63
C ALA B 24 -4.95 3.52 -17.60
N VAL B 25 -5.35 3.83 -18.84
CA VAL B 25 -5.64 2.80 -19.85
C VAL B 25 -4.33 2.17 -20.36
N ARG B 26 -3.33 3.01 -20.65
CA ARG B 26 -1.93 2.53 -20.96
C ARG B 26 -1.45 1.58 -19.89
N ILE B 27 -1.52 2.05 -18.63
CA ILE B 27 -0.95 1.24 -17.53
C ILE B 27 -1.79 -0.03 -17.32
N GLY B 28 -3.11 0.14 -17.37
CA GLY B 28 -4.01 -0.98 -17.21
C GLY B 28 -3.95 -2.10 -18.21
N GLU B 29 -3.28 -1.87 -19.34
CA GLU B 29 -3.08 -2.94 -20.31
C GLU B 29 -2.30 -4.10 -19.71
N ASP B 30 -1.57 -3.88 -18.62
CA ASP B 30 -0.78 -4.98 -18.02
C ASP B 30 -0.61 -4.74 -16.51
N SER B 31 -1.66 -4.29 -15.84
CA SER B 31 -1.68 -4.15 -14.41
C SER B 31 -3.10 -3.98 -13.96
N ASP B 32 -3.33 -4.07 -12.65
CA ASP B 32 -4.69 -4.33 -12.15
C ASP B 32 -5.40 -3.03 -11.88
N VAL B 33 -5.79 -2.38 -12.95
CA VAL B 33 -6.43 -1.09 -12.96
C VAL B 33 -7.95 -1.32 -13.19
N LEU B 34 -8.71 -0.68 -12.34
CA LEU B 34 -10.14 -0.70 -12.39
C LEU B 34 -10.68 0.08 -13.60
N VAL B 35 -11.63 -0.54 -14.27
CA VAL B 35 -12.48 0.18 -15.20
C VAL B 35 -13.25 1.25 -14.46
N THR B 36 -13.28 2.45 -15.03
CA THR B 36 -13.97 3.60 -14.46
C THR B 36 -14.68 4.39 -15.57
N ARG B 37 -15.48 5.37 -15.16
CA ARG B 37 -15.89 6.48 -16.00
C ARG B 37 -16.33 7.54 -15.05
N GLU B 38 -16.76 8.69 -15.57
CA GLU B 38 -17.22 9.83 -14.74
C GLU B 38 -16.26 10.24 -13.62
N PRO B 39 -14.99 10.55 -14.02
CA PRO B 39 -13.97 10.98 -13.11
C PRO B 39 -14.11 12.42 -12.70
N TYR B 40 -13.41 12.74 -11.64
CA TYR B 40 -13.15 14.12 -11.24
C TYR B 40 -11.97 14.24 -10.31
N VAL B 41 -11.81 15.43 -9.75
CA VAL B 41 -10.75 15.69 -8.86
C VAL B 41 -11.29 16.50 -7.73
N SER B 42 -10.80 16.23 -6.54
CA SER B 42 -11.16 17.03 -5.39
C SER B 42 -10.02 17.05 -4.36
N CYS B 43 -9.83 18.21 -3.74
CA CYS B 43 -8.83 18.42 -2.64
C CYS B 43 -9.41 18.41 -1.21
N ASP B 44 -8.62 17.83 -0.31
CA ASP B 44 -8.71 17.95 1.15
C ASP B 44 -7.67 19.04 1.52
N PRO B 45 -7.69 19.58 2.76
CA PRO B 45 -6.64 20.53 3.21
C PRO B 45 -5.21 20.08 3.01
N ASP B 46 -4.98 18.79 2.92
CA ASP B 46 -3.62 18.28 2.91
C ASP B 46 -3.26 17.44 1.70
N GLU B 47 -4.18 17.32 0.73
CA GLU B 47 -4.02 16.36 -0.36
C GLU B 47 -5.06 16.61 -1.44
N CYS B 48 -4.66 16.38 -2.68
CA CYS B 48 -5.60 16.35 -3.80
C CYS B 48 -5.63 14.96 -4.38
N ARG B 49 -6.83 14.48 -4.68
CA ARG B 49 -7.03 13.12 -5.20
C ARG B 49 -7.89 13.05 -6.48
N PHE B 50 -7.73 11.94 -7.20
CA PHE B 50 -8.52 11.64 -8.35
C PHE B 50 -9.74 10.86 -7.82
N TYR B 51 -10.89 11.04 -8.45
CA TYR B 51 -12.17 10.43 -8.09
C TYR B 51 -12.78 9.83 -9.37
N ALA B 52 -13.51 8.76 -9.22
CA ALA B 52 -14.35 8.24 -10.32
C ALA B 52 -15.27 7.15 -9.88
N LEU B 53 -16.12 6.77 -10.80
CA LEU B 53 -16.99 5.63 -10.61
C LEU B 53 -16.38 4.40 -11.19
N SER B 54 -16.00 3.51 -10.31
CA SER B 54 -15.56 2.19 -10.69
C SER B 54 -16.66 1.36 -11.32
N GLN B 55 -16.30 0.36 -12.12
CA GLN B 55 -17.23 -0.65 -12.63
C GLN B 55 -17.09 -2.02 -11.97
N GLY B 56 -16.26 -2.10 -10.95
CA GLY B 56 -16.14 -3.35 -10.15
C GLY B 56 -15.46 -4.48 -10.88
N THR B 57 -14.43 -4.12 -11.64
CA THR B 57 -13.74 -5.05 -12.53
C THR B 57 -12.48 -4.32 -13.03
N THR B 58 -11.45 -5.09 -13.34
CA THR B 58 -10.30 -4.55 -14.04
C THR B 58 -10.57 -4.46 -15.55
N ILE B 59 -9.70 -3.70 -16.21
CA ILE B 59 -9.84 -3.54 -17.67
C ILE B 59 -9.54 -4.82 -18.41
N ARG B 60 -8.47 -5.52 -18.04
CA ARG B 60 -8.16 -6.80 -18.67
C ARG B 60 -9.07 -7.94 -18.21
N GLY B 61 -9.82 -7.73 -17.14
CA GLY B 61 -10.57 -8.81 -16.63
C GLY B 61 -11.75 -9.06 -17.55
N LYS B 62 -12.21 -10.28 -17.58
CA LYS B 62 -13.38 -10.65 -18.38
C LYS B 62 -14.65 -9.90 -18.06
N HIS B 63 -14.80 -9.49 -16.78
CA HIS B 63 -15.98 -8.70 -16.43
C HIS B 63 -16.00 -7.30 -17.01
N SER B 64 -14.94 -6.92 -17.74
CA SER B 64 -14.98 -5.61 -18.38
C SER B 64 -15.94 -5.57 -19.59
N ASN B 65 -16.29 -6.74 -20.11
CA ASN B 65 -17.29 -6.83 -21.15
C ASN B 65 -18.64 -6.33 -20.63
N GLY B 66 -19.16 -5.24 -21.19
CA GLY B 66 -20.45 -4.67 -20.71
C GLY B 66 -20.36 -3.34 -20.00
N THR B 67 -19.11 -2.84 -19.80
CA THR B 67 -18.92 -1.60 -19.03
C THR B 67 -19.30 -0.31 -19.71
N ILE B 68 -19.86 -0.39 -20.93
CA ILE B 68 -20.47 0.78 -21.58
C ILE B 68 -21.68 1.26 -20.76
N HIS B 69 -22.31 0.33 -20.03
CA HIS B 69 -23.50 0.61 -19.26
C HIS B 69 -23.21 1.42 -18.03
N ASP B 70 -24.08 2.40 -17.77
CA ASP B 70 -23.89 3.38 -16.74
C ASP B 70 -24.14 2.85 -15.32
N ARG B 71 -25.11 2.00 -15.17
CA ARG B 71 -25.72 1.82 -13.85
C ARG B 71 -25.71 0.34 -13.55
N SER B 72 -25.04 -0.06 -12.50
CA SER B 72 -25.07 -1.42 -12.08
C SER B 72 -24.77 -1.42 -10.58
N GLN B 73 -24.98 -2.60 -10.02
CA GLN B 73 -24.66 -2.94 -8.60
C GLN B 73 -23.21 -3.04 -8.26
N TYR B 74 -22.34 -2.91 -9.28
CA TYR B 74 -20.89 -3.22 -9.19
C TYR B 74 -20.02 -1.95 -9.20
N ARG B 75 -20.69 -0.80 -9.27
CA ARG B 75 -20.09 0.50 -9.29
C ARG B 75 -19.99 1.14 -7.92
N ASP B 76 -18.96 1.97 -7.78
CA ASP B 76 -18.68 2.64 -6.53
C ASP B 76 -17.87 3.92 -6.81
N LEU B 77 -18.05 4.93 -5.96
CA LEU B 77 -17.23 6.10 -5.99
C LEU B 77 -15.94 5.69 -5.30
N ILE B 78 -14.84 5.80 -6.06
CA ILE B 78 -13.51 5.50 -5.51
C ILE B 78 -12.64 6.77 -5.63
N SER B 79 -11.67 6.91 -4.71
CA SER B 79 -10.61 7.92 -4.88
C SER B 79 -9.22 7.28 -4.72
N TRP B 80 -8.21 7.95 -5.27
CA TRP B 80 -6.85 7.42 -5.33
C TRP B 80 -5.92 8.62 -5.51
N PRO B 81 -4.61 8.41 -5.23
CA PRO B 81 -3.63 9.48 -5.29
C PRO B 81 -3.48 10.17 -6.59
N LEU B 82 -3.39 11.50 -6.54
CA LEU B 82 -3.18 12.30 -7.74
C LEU B 82 -2.14 11.68 -8.68
N SER B 83 -2.56 11.53 -9.96
CA SER B 83 -1.81 11.04 -11.12
C SER B 83 -1.38 9.58 -11.07
N SER B 84 -1.66 8.89 -10.00
CA SER B 84 -1.66 7.45 -10.00
C SER B 84 -2.94 6.99 -10.75
N PRO B 85 -2.96 5.75 -11.24
CA PRO B 85 -4.14 5.12 -11.87
C PRO B 85 -5.04 4.49 -10.79
N PRO B 86 -6.33 4.28 -11.11
CA PRO B 86 -7.21 3.67 -10.11
C PRO B 86 -7.03 2.16 -10.02
N THR B 87 -6.18 1.73 -9.14
CA THR B 87 -5.88 0.32 -9.10
C THR B 87 -6.71 -0.37 -8.00
N VAL B 88 -6.87 -1.66 -8.15
CA VAL B 88 -7.53 -2.49 -7.17
C VAL B 88 -6.94 -2.29 -5.77
N TYR B 89 -5.62 -2.12 -5.71
CA TYR B 89 -4.89 -2.19 -4.48
C TYR B 89 -4.80 -0.83 -3.82
N ASN B 90 -4.90 0.28 -4.55
CA ASN B 90 -4.70 1.68 -3.99
C ASN B 90 -6.01 2.54 -3.93
N SER B 91 -7.10 2.04 -4.47
CA SER B 91 -8.32 2.78 -4.60
C SER B 91 -9.15 2.60 -3.35
N ARG B 92 -9.53 3.74 -2.79
CA ARG B 92 -10.36 3.77 -1.61
C ARG B 92 -11.80 4.03 -2.03
N VAL B 93 -12.69 3.16 -1.59
CA VAL B 93 -14.16 3.31 -1.82
C VAL B 93 -14.78 4.29 -0.87
N GLU B 94 -15.39 5.32 -1.44
CA GLU B 94 -16.01 6.35 -0.64
C GLU B 94 -17.48 5.95 -0.30
N CYS B 95 -18.13 5.33 -1.27
CA CYS B 95 -19.52 4.84 -1.17
C CYS B 95 -19.92 4.12 -2.46
N ILE B 96 -20.99 3.36 -2.38
CA ILE B 96 -21.46 2.46 -3.44
C ILE B 96 -22.54 3.13 -4.24
N GLY B 97 -22.48 3.01 -5.55
CA GLY B 97 -23.40 3.77 -6.40
C GLY B 97 -22.88 4.09 -7.79
N TRP B 98 -23.75 4.76 -8.58
CA TRP B 98 -23.50 5.01 -9.99
C TRP B 98 -23.74 6.47 -10.41
N SER B 99 -23.83 7.37 -9.44
CA SER B 99 -23.79 8.81 -9.62
C SER B 99 -23.29 9.40 -8.30
N SER B 100 -22.39 10.37 -8.37
CA SER B 100 -21.75 10.87 -7.15
C SER B 100 -21.34 12.32 -7.24
N THR B 101 -21.01 12.83 -6.05
CA THR B 101 -20.27 14.04 -5.82
C THR B 101 -19.52 13.91 -4.48
N SER B 102 -18.61 14.82 -4.25
CA SER B 102 -17.79 14.81 -3.09
C SER B 102 -17.14 16.14 -2.91
N CYS B 103 -17.02 16.58 -1.67
CA CYS B 103 -16.24 17.75 -1.33
C CYS B 103 -15.86 17.74 0.13
N HIS B 104 -14.79 18.48 0.42
CA HIS B 104 -14.25 18.63 1.76
C HIS B 104 -14.67 20.02 2.24
N ASP B 105 -15.06 20.13 3.51
CA ASP B 105 -15.50 21.42 4.04
C ASP B 105 -14.47 22.16 4.87
N GLY B 106 -13.25 21.66 4.97
CA GLY B 106 -12.23 22.18 5.91
C GLY B 106 -12.05 21.32 7.12
N ARG B 107 -13.12 20.69 7.60
CA ARG B 107 -13.04 19.74 8.75
C ARG B 107 -13.10 18.29 8.32
N ALA B 108 -14.03 17.95 7.42
CA ALA B 108 -14.16 16.60 6.90
C ALA B 108 -14.81 16.59 5.51
N ARG B 109 -14.78 15.43 4.91
CA ARG B 109 -15.28 15.22 3.56
C ARG B 109 -16.70 14.64 3.57
N MET B 110 -17.52 15.21 2.68
CA MET B 110 -18.84 14.69 2.33
C MET B 110 -18.73 14.04 0.99
N SER B 111 -19.18 12.80 0.93
CA SER B 111 -19.34 12.06 -0.28
C SER B 111 -20.79 11.60 -0.44
N ILE B 112 -21.26 11.65 -1.68
CA ILE B 112 -22.62 11.29 -2.01
C ILE B 112 -22.64 10.35 -3.17
N CYS B 113 -23.28 9.21 -2.98
CA CYS B 113 -23.51 8.27 -4.07
C CYS B 113 -24.98 7.88 -4.10
N ILE B 114 -25.47 7.74 -5.33
CA ILE B 114 -26.76 7.24 -5.61
C ILE B 114 -26.70 5.82 -6.16
N SER B 115 -27.57 4.96 -5.64
CA SER B 115 -27.76 3.57 -6.13
C SER B 115 -29.23 3.26 -6.23
N GLY B 116 -29.51 2.23 -6.95
CA GLY B 116 -30.87 1.70 -7.10
C GLY B 116 -31.22 1.38 -8.55
N PRO B 117 -32.43 0.78 -8.74
CA PRO B 117 -32.99 0.63 -10.08
C PRO B 117 -33.42 2.01 -10.50
N ASN B 118 -33.62 2.22 -11.77
CA ASN B 118 -34.03 3.58 -12.23
C ASN B 118 -35.20 4.20 -11.53
N ASN B 119 -36.15 3.34 -11.16
CA ASN B 119 -37.42 3.81 -10.56
C ASN B 119 -37.46 3.89 -9.02
N ASN B 120 -36.31 3.58 -8.39
CA ASN B 120 -36.28 3.45 -6.97
C ASN B 120 -34.91 3.75 -6.39
N ALA B 121 -34.24 4.75 -6.93
CA ALA B 121 -32.92 5.11 -6.49
C ALA B 121 -32.96 5.99 -5.27
N SER B 122 -31.83 5.98 -4.57
CA SER B 122 -31.61 6.74 -3.37
C SER B 122 -30.18 7.19 -3.24
N ALA B 123 -30.02 8.37 -2.69
CA ALA B 123 -28.75 8.93 -2.31
C ALA B 123 -28.47 8.64 -0.87
N VAL B 124 -27.20 8.30 -0.58
CA VAL B 124 -26.71 8.25 0.77
C VAL B 124 -25.58 9.27 0.86
N ILE B 125 -25.70 10.12 1.85
CA ILE B 125 -24.78 11.18 2.12
C ILE B 125 -23.93 10.72 3.30
N TRP B 126 -22.66 10.55 2.98
CA TRP B 126 -21.61 10.18 3.91
C TRP B 126 -20.89 11.47 4.41
N TYR B 127 -20.54 11.51 5.68
CA TYR B 127 -19.76 12.58 6.21
C TYR B 127 -18.70 12.03 7.17
N ASN B 128 -17.44 12.44 6.97
CA ASN B 128 -16.37 11.93 7.78
C ASN B 128 -16.34 10.41 7.71
N ARG B 129 -16.59 9.89 6.51
CA ARG B 129 -16.53 8.46 6.19
C ARG B 129 -17.59 7.60 6.83
N ARG B 130 -18.70 8.20 7.24
CA ARG B 130 -19.85 7.53 7.81
C ARG B 130 -21.12 8.02 7.13
N PRO B 131 -22.07 7.11 6.93
CA PRO B 131 -23.37 7.50 6.39
C PRO B 131 -24.15 8.31 7.45
N VAL B 132 -24.70 9.43 6.99
CA VAL B 132 -25.44 10.37 7.81
C VAL B 132 -26.91 10.57 7.39
N THR B 133 -27.14 10.77 6.09
CA THR B 133 -28.48 11.15 5.59
C THR B 133 -28.72 10.35 4.32
N GLU B 134 -29.96 9.97 4.12
CA GLU B 134 -30.41 9.31 2.90
C GLU B 134 -31.56 10.10 2.28
N ILE B 135 -31.65 10.10 0.95
CA ILE B 135 -32.71 10.79 0.22
C ILE B 135 -33.28 9.88 -0.84
N ASN B 136 -34.59 9.58 -0.75
CA ASN B 136 -35.22 8.72 -1.78
C ASN B 136 -35.56 9.50 -3.07
N THR B 137 -35.57 8.83 -4.20
CA THR B 137 -35.99 9.42 -5.51
C THR B 137 -37.31 10.20 -5.32
N TRP B 138 -37.49 11.34 -5.97
CA TRP B 138 -38.74 12.12 -5.85
C TRP B 138 -39.48 12.06 -7.15
N ALA B 139 -38.83 11.63 -8.22
CA ALA B 139 -39.46 11.55 -9.53
C ALA B 139 -39.35 10.20 -10.12
N ARG B 140 -38.65 9.27 -9.48
CA ARG B 140 -38.67 7.84 -9.90
C ARG B 140 -38.10 7.60 -11.28
N ASN B 141 -37.11 8.39 -11.65
CA ASN B 141 -36.44 8.14 -12.90
C ASN B 141 -35.01 8.68 -12.87
N ILE B 142 -34.12 7.82 -12.38
CA ILE B 142 -32.69 8.06 -12.32
C ILE B 142 -32.34 9.30 -11.53
N LEU B 143 -32.59 9.30 -10.22
CA LEU B 143 -32.04 10.29 -9.35
C LEU B 143 -30.51 10.33 -9.63
N ARG B 144 -29.95 11.53 -9.73
CA ARG B 144 -28.59 11.69 -10.23
C ARG B 144 -28.04 13.03 -9.83
N THR B 145 -26.70 13.14 -9.78
CA THR B 145 -26.05 14.35 -9.24
C THR B 145 -24.87 14.76 -10.15
N GLN B 146 -23.97 15.55 -9.61
CA GLN B 146 -23.02 16.35 -10.40
C GLN B 146 -22.01 15.61 -11.24
N GLU B 147 -21.47 14.53 -10.68
CA GLU B 147 -20.32 13.82 -11.21
C GLU B 147 -19.00 14.67 -11.19
N SER B 148 -18.96 15.68 -10.36
CA SER B 148 -17.74 16.42 -10.06
C SER B 148 -17.96 16.98 -8.67
N GLU B 149 -16.94 17.66 -8.17
CA GLU B 149 -16.92 18.00 -6.76
C GLU B 149 -17.93 19.08 -6.49
N CYS B 150 -18.46 19.08 -5.28
CA CYS B 150 -19.19 20.22 -4.74
C CYS B 150 -18.20 21.18 -4.08
N VAL B 151 -18.73 22.26 -3.52
CA VAL B 151 -18.00 23.37 -2.91
C VAL B 151 -18.70 23.78 -1.61
N CYS B 152 -17.95 23.97 -0.53
CA CYS B 152 -18.51 24.38 0.76
C CYS B 152 -18.07 25.78 1.14
N GLN B 153 -18.87 26.42 1.99
CA GLN B 153 -18.58 27.74 2.58
C GLN B 153 -19.15 27.67 4.00
N ASN B 154 -18.28 27.81 4.99
CA ASN B 154 -18.67 27.81 6.38
C ASN B 154 -19.45 26.59 6.73
N GLY B 155 -19.06 25.45 6.18
CA GLY B 155 -19.70 24.15 6.46
C GLY B 155 -20.90 23.82 5.64
N VAL B 156 -21.38 24.77 4.85
CA VAL B 156 -22.56 24.54 4.00
C VAL B 156 -22.12 24.22 2.59
N CYS B 157 -22.56 23.05 2.11
CA CYS B 157 -22.15 22.51 0.82
C CYS B 157 -23.38 22.29 -0.01
N PRO B 158 -23.68 23.23 -0.92
CA PRO B 158 -24.75 22.98 -1.87
C PRO B 158 -24.40 21.87 -2.87
N VAL B 159 -25.39 21.07 -3.20
CA VAL B 159 -25.26 20.04 -4.20
C VAL B 159 -26.47 20.09 -5.13
N VAL B 160 -26.24 19.90 -6.41
CA VAL B 160 -27.32 19.87 -7.37
C VAL B 160 -27.67 18.45 -7.73
N PHE B 161 -28.96 18.12 -7.59
CA PHE B 161 -29.50 16.85 -7.99
C PHE B 161 -30.58 17.03 -9.02
N THR B 162 -30.77 16.01 -9.87
CA THR B 162 -31.89 15.89 -10.80
C THR B 162 -32.53 14.51 -10.69
N ASP B 163 -33.86 14.46 -10.80
CA ASP B 163 -34.60 13.21 -10.89
C ASP B 163 -35.64 13.42 -11.97
N GLY B 164 -35.86 12.40 -12.75
CA GLY B 164 -36.94 12.46 -13.73
C GLY B 164 -36.46 12.14 -15.08
N SER B 165 -37.43 11.72 -15.88
CA SER B 165 -37.20 11.32 -17.24
C SER B 165 -36.56 12.41 -18.06
N ALA B 166 -35.82 11.96 -19.07
CA ALA B 166 -35.23 12.82 -20.10
C ALA B 166 -36.22 13.79 -20.79
N THR B 167 -37.49 13.40 -20.85
CA THR B 167 -38.56 14.15 -21.49
C THR B 167 -39.70 14.47 -20.53
N GLY B 168 -39.69 13.83 -19.37
CA GLY B 168 -40.90 13.65 -18.55
C GLY B 168 -40.99 14.79 -17.58
N PRO B 169 -41.76 14.55 -16.49
CA PRO B 169 -41.63 15.51 -15.38
C PRO B 169 -40.26 15.25 -14.72
N ALA B 170 -39.32 16.16 -14.96
CA ALA B 170 -38.03 16.21 -14.20
C ALA B 170 -38.16 17.25 -13.08
N GLU B 171 -37.39 17.11 -12.03
CA GLU B 171 -37.26 18.15 -11.07
C GLU B 171 -35.73 18.21 -10.63
N THR B 172 -35.08 19.33 -10.90
CA THR B 172 -33.77 19.64 -10.33
C THR B 172 -33.92 20.31 -8.96
N ARG B 173 -33.19 19.81 -7.95
CA ARG B 173 -33.14 20.43 -6.64
C ARG B 173 -31.72 20.79 -6.25
N ILE B 174 -31.56 21.85 -5.48
CA ILE B 174 -30.33 22.19 -4.77
C ILE B 174 -30.56 21.87 -3.34
N TYR B 175 -29.74 20.96 -2.81
CA TYR B 175 -29.70 20.62 -1.40
C TYR B 175 -28.57 21.36 -0.74
N TYR B 176 -28.78 21.84 0.46
CA TYR B 176 -27.75 22.45 1.24
C TYR B 176 -27.44 21.59 2.47
N PHE B 177 -26.23 21.03 2.50
CA PHE B 177 -25.81 20.09 3.56
C PHE B 177 -24.83 20.74 4.47
N LYS B 178 -24.87 20.36 5.73
CA LYS B 178 -23.81 20.72 6.64
C LYS B 178 -23.62 19.52 7.54
N GLU B 179 -22.38 19.03 7.57
CA GLU B 179 -22.01 17.76 8.22
C GLU B 179 -22.92 16.59 7.82
N GLY B 180 -23.21 16.50 6.53
CA GLY B 180 -24.01 15.45 5.99
C GLY B 180 -25.50 15.56 6.23
N LYS B 181 -25.93 16.63 6.91
CA LYS B 181 -27.35 16.84 7.23
C LYS B 181 -28.01 17.84 6.29
N ILE B 182 -29.29 17.63 5.98
CA ILE B 182 -30.00 18.57 5.13
C ILE B 182 -30.39 19.85 5.90
N LEU B 183 -29.87 21.03 5.50
CA LEU B 183 -30.31 22.29 6.09
C LEU B 183 -31.53 22.79 5.36
N LYS B 184 -31.64 22.49 4.07
CA LYS B 184 -32.60 23.13 3.19
C LYS B 184 -32.45 22.54 1.81
N TRP B 185 -33.55 22.47 1.07
CA TRP B 185 -33.45 22.23 -0.33
C TRP B 185 -34.36 23.17 -1.09
N GLU B 186 -34.06 23.41 -2.35
CA GLU B 186 -34.99 24.17 -3.14
C GLU B 186 -35.06 23.67 -4.57
N PRO B 187 -36.26 23.80 -5.18
CA PRO B 187 -36.43 23.43 -6.58
C PRO B 187 -35.83 24.56 -7.39
N LEU B 188 -35.50 24.19 -8.61
CA LEU B 188 -34.76 25.09 -9.46
C LEU B 188 -35.71 26.23 -9.90
N THR B 189 -35.22 27.47 -9.73
CA THR B 189 -35.88 28.68 -10.23
C THR B 189 -34.94 29.44 -11.22
N GLY B 190 -35.35 30.65 -11.63
CA GLY B 190 -34.70 31.40 -12.74
C GLY B 190 -35.07 30.86 -14.13
N THR B 191 -34.31 31.29 -15.14
CA THR B 191 -34.57 30.88 -16.52
C THR B 191 -33.95 29.54 -16.98
N ALA B 192 -33.07 28.93 -16.19
CA ALA B 192 -32.50 27.64 -16.58
C ALA B 192 -33.39 26.52 -16.10
N LYS B 193 -33.62 25.56 -16.95
CA LYS B 193 -34.77 24.66 -16.71
C LYS B 193 -34.43 23.16 -16.41
N HIS B 194 -33.89 22.51 -17.44
CA HIS B 194 -33.81 21.08 -17.51
C HIS B 194 -32.34 20.71 -17.39
N ILE B 195 -31.87 20.82 -16.16
CA ILE B 195 -30.47 20.90 -15.81
C ILE B 195 -29.95 19.60 -15.26
N GLU B 196 -28.74 19.29 -15.70
CA GLU B 196 -27.91 18.36 -14.99
C GLU B 196 -26.38 18.54 -15.01
N GLU B 197 -25.75 17.65 -14.24
CA GLU B 197 -24.26 17.46 -14.23
C GLU B 197 -23.51 18.74 -14.07
N CYS B 198 -23.86 19.43 -13.01
CA CYS B 198 -23.25 20.69 -12.63
C CYS B 198 -21.82 20.56 -12.23
N SER B 199 -21.02 21.49 -12.76
CA SER B 199 -19.58 21.64 -12.48
C SER B 199 -19.41 22.97 -11.77
N CYS B 200 -18.95 22.91 -10.52
CA CYS B 200 -19.02 24.04 -9.61
C CYS B 200 -17.66 24.47 -9.15
N TYR B 201 -17.58 25.74 -8.74
CA TYR B 201 -16.40 26.34 -8.15
C TYR B 201 -16.87 27.48 -7.25
N GLY B 202 -16.07 27.78 -6.25
CA GLY B 202 -16.38 28.79 -5.29
C GLY B 202 -15.37 29.94 -5.27
N GLU B 203 -15.88 31.14 -5.03
CA GLU B 203 -15.07 32.34 -4.87
C GLU B 203 -15.93 33.39 -4.25
N GLN B 204 -15.30 34.23 -3.41
CA GLN B 204 -15.95 35.41 -2.90
C GLN B 204 -17.37 35.12 -2.35
N ALA B 205 -17.44 34.13 -1.46
CA ALA B 205 -18.68 33.71 -0.76
C ALA B 205 -19.83 33.27 -1.67
N GLY B 206 -19.50 32.75 -2.83
CA GLY B 206 -20.51 32.33 -3.79
C GLY B 206 -20.09 31.08 -4.53
N VAL B 207 -21.06 30.28 -4.96
CA VAL B 207 -20.77 29.08 -5.74
C VAL B 207 -21.33 29.26 -7.16
N THR B 208 -20.49 29.04 -8.18
CA THR B 208 -20.92 29.11 -9.60
C THR B 208 -20.85 27.71 -10.18
N CYS B 209 -21.94 27.29 -10.84
CA CYS B 209 -22.06 26.01 -11.44
C CYS B 209 -22.42 26.19 -12.89
N THR B 210 -21.70 25.49 -13.75
CA THR B 210 -21.98 25.39 -15.14
C THR B 210 -22.46 24.00 -15.39
N CYS B 211 -23.63 23.88 -16.02
CA CYS B 211 -24.34 22.64 -16.13
C CYS B 211 -24.60 22.30 -17.62
N ARG B 212 -25.51 21.39 -17.84
CA ARG B 212 -25.91 20.88 -19.12
C ARG B 212 -27.46 20.97 -19.16
N ASP B 213 -28.03 21.53 -20.22
CA ASP B 213 -29.48 21.55 -20.42
C ASP B 213 -29.84 20.26 -21.15
N ASN B 214 -30.61 19.38 -20.51
CA ASN B 214 -31.03 18.16 -21.17
C ASN B 214 -32.13 18.30 -22.26
N TRP B 215 -32.81 19.44 -22.38
CA TRP B 215 -33.80 19.60 -23.51
C TRP B 215 -33.25 20.16 -24.81
N GLN B 216 -32.32 21.12 -24.71
CA GLN B 216 -31.61 21.68 -25.88
C GLN B 216 -30.16 22.02 -25.50
N GLY B 217 -29.22 21.24 -26.07
CA GLY B 217 -27.76 21.35 -25.81
C GLY B 217 -27.09 22.28 -26.79
N SER B 218 -26.67 23.43 -26.29
CA SER B 218 -25.90 24.35 -27.09
C SER B 218 -25.08 25.30 -26.19
N ASN B 219 -25.72 26.38 -25.70
CA ASN B 219 -25.15 27.25 -24.69
C ASN B 219 -25.58 26.77 -23.29
N ARG B 220 -24.65 26.78 -22.35
CA ARG B 220 -24.89 26.07 -21.12
C ARG B 220 -25.59 26.93 -20.11
N PRO B 221 -26.43 26.28 -19.31
CA PRO B 221 -27.01 26.89 -18.15
C PRO B 221 -26.04 27.09 -17.00
N VAL B 222 -26.24 28.16 -16.25
CA VAL B 222 -25.40 28.50 -15.14
C VAL B 222 -26.28 28.73 -13.90
N ILE B 223 -25.84 28.21 -12.76
CA ILE B 223 -26.51 28.44 -11.48
C ILE B 223 -25.53 29.18 -10.58
N GLN B 224 -25.98 30.29 -9.97
CA GLN B 224 -25.18 31.04 -9.06
C GLN B 224 -25.83 30.89 -7.67
N ILE B 225 -25.11 30.27 -6.74
CA ILE B 225 -25.58 29.85 -5.43
C ILE B 225 -24.89 30.68 -4.35
N ASP B 226 -25.70 31.25 -3.44
CA ASP B 226 -25.29 31.97 -2.28
C ASP B 226 -25.40 30.99 -1.15
N PRO B 227 -24.24 30.48 -0.68
CA PRO B 227 -24.32 29.44 0.38
C PRO B 227 -24.65 29.93 1.79
N VAL B 228 -24.79 31.26 1.97
CA VAL B 228 -25.09 31.79 3.32
C VAL B 228 -26.62 31.98 3.39
N ALA B 229 -27.21 32.63 2.40
CA ALA B 229 -28.64 32.78 2.31
C ALA B 229 -29.29 31.49 1.91
N MET B 230 -28.56 30.62 1.24
CA MET B 230 -29.04 29.39 0.68
C MET B 230 -30.08 29.66 -0.40
N THR B 231 -29.67 30.52 -1.33
CA THR B 231 -30.49 30.90 -2.45
C THR B 231 -29.65 30.82 -3.71
N HIS B 232 -30.31 30.81 -4.83
CA HIS B 232 -29.64 30.76 -6.12
C HIS B 232 -30.33 31.63 -7.14
N THR B 233 -29.66 31.85 -8.28
CA THR B 233 -30.23 32.38 -9.54
C THR B 233 -29.80 31.45 -10.67
N SER B 234 -30.41 31.58 -11.83
CA SER B 234 -29.99 30.86 -12.98
C SER B 234 -30.13 31.67 -14.27
N GLN B 235 -29.41 31.25 -15.30
CA GLN B 235 -29.33 31.92 -16.57
C GLN B 235 -28.56 31.02 -17.50
N TYR B 236 -28.32 31.47 -18.74
CA TYR B 236 -27.53 30.77 -19.71
C TYR B 236 -26.32 31.64 -20.04
N ILE B 237 -25.24 30.98 -20.44
CA ILE B 237 -24.09 31.67 -21.04
C ILE B 237 -24.55 32.29 -22.38
N CYS B 238 -24.47 33.62 -22.46
CA CYS B 238 -24.88 34.46 -23.63
C CYS B 238 -23.99 34.32 -24.84
N SER B 239 -22.70 33.95 -24.62
CA SER B 239 -21.73 33.93 -25.70
C SER B 239 -22.18 33.03 -26.84
N PRO B 240 -21.98 33.46 -28.10
CA PRO B 240 -22.10 32.58 -29.24
C PRO B 240 -21.01 31.50 -29.35
N VAL B 241 -20.05 31.47 -28.43
CA VAL B 241 -19.10 30.34 -28.36
C VAL B 241 -19.81 29.20 -27.61
N LEU B 242 -20.35 28.24 -28.35
CA LEU B 242 -21.19 27.22 -27.77
C LEU B 242 -20.34 26.07 -27.26
N THR B 243 -20.73 25.55 -26.12
CA THR B 243 -19.87 24.59 -25.41
C THR B 243 -20.48 23.26 -25.01
N ASP B 244 -21.69 22.94 -25.48
CA ASP B 244 -22.22 21.57 -25.28
C ASP B 244 -21.69 20.73 -26.39
N ASN B 245 -22.06 19.45 -26.42
CA ASN B 245 -21.66 18.53 -27.44
C ASN B 245 -22.64 17.36 -27.48
N PRO B 246 -23.27 17.08 -28.64
CA PRO B 246 -23.23 17.85 -29.90
C PRO B 246 -23.85 19.22 -29.77
N ARG B 247 -23.50 20.06 -30.70
CA ARG B 247 -23.90 21.44 -30.64
C ARG B 247 -23.97 21.94 -32.08
N PRO B 248 -24.76 23.00 -32.29
CA PRO B 248 -24.68 23.69 -33.54
C PRO B 248 -23.36 24.38 -33.64
N ASN B 249 -23.06 24.83 -34.85
CA ASN B 249 -21.97 25.77 -35.08
C ASN B 249 -22.18 27.08 -34.40
N ASP B 250 -21.07 27.74 -34.06
CA ASP B 250 -21.09 29.00 -33.38
C ASP B 250 -21.76 30.06 -34.25
N PRO B 251 -22.80 30.68 -33.73
CA PRO B 251 -23.40 31.79 -34.49
C PRO B 251 -22.66 33.11 -34.23
N THR B 252 -23.23 34.24 -34.67
CA THR B 252 -22.75 35.59 -34.26
C THR B 252 -23.32 36.08 -32.92
N VAL B 253 -24.57 35.71 -32.68
CA VAL B 253 -25.32 36.20 -31.54
C VAL B 253 -25.83 34.97 -30.83
N GLY B 254 -25.67 34.94 -29.51
CA GLY B 254 -26.12 33.81 -28.73
C GLY B 254 -27.33 34.22 -27.94
N LYS B 255 -27.65 33.47 -26.88
CA LYS B 255 -28.87 33.67 -26.10
C LYS B 255 -28.56 33.70 -24.63
N CYS B 256 -29.14 34.66 -23.93
CA CYS B 256 -28.93 34.85 -22.47
C CYS B 256 -29.85 34.13 -21.50
N ASN B 257 -31.07 33.82 -21.92
CA ASN B 257 -32.12 33.29 -21.04
C ASN B 257 -32.86 32.09 -21.59
N ASP B 258 -32.38 31.54 -22.68
CA ASP B 258 -32.93 30.33 -23.23
C ASP B 258 -31.81 29.61 -23.87
N PRO B 259 -32.00 28.31 -24.10
CA PRO B 259 -31.02 27.63 -24.93
C PRO B 259 -31.14 28.10 -26.39
N TYR B 260 -29.98 28.17 -27.06
CA TYR B 260 -29.90 28.38 -28.48
C TYR B 260 -30.36 27.05 -29.08
N PRO B 261 -31.09 27.09 -30.21
CA PRO B 261 -31.67 25.85 -30.74
C PRO B 261 -30.62 24.77 -30.81
N GLY B 262 -30.88 23.65 -30.11
CA GLY B 262 -29.94 22.53 -30.12
C GLY B 262 -30.61 21.18 -30.09
N ASN B 263 -29.82 20.12 -29.90
CA ASN B 263 -30.46 18.78 -29.81
C ASN B 263 -30.86 18.49 -28.39
N ASN B 264 -31.62 17.41 -28.32
CA ASN B 264 -32.39 17.01 -27.15
C ASN B 264 -31.75 15.85 -26.37
N ASN B 265 -31.09 14.97 -27.08
CA ASN B 265 -30.97 13.65 -26.57
C ASN B 265 -29.75 13.41 -25.64
N ASN B 266 -28.64 14.13 -25.76
CA ASN B 266 -27.42 13.49 -25.24
C ASN B 266 -26.09 14.26 -25.05
N GLY B 267 -26.16 15.47 -24.56
CA GLY B 267 -25.04 16.35 -24.36
C GLY B 267 -23.89 15.80 -23.54
N VAL B 268 -23.09 16.67 -22.92
CA VAL B 268 -21.89 16.22 -22.25
C VAL B 268 -21.72 17.14 -21.10
N LYS B 269 -21.32 16.58 -19.95
CA LYS B 269 -20.92 17.36 -18.82
C LYS B 269 -19.70 18.20 -19.26
N GLY B 270 -19.70 19.47 -18.85
CA GLY B 270 -18.66 20.43 -19.17
C GLY B 270 -18.60 21.53 -18.11
N PHE B 271 -17.77 22.55 -18.28
CA PHE B 271 -17.63 23.56 -17.22
C PHE B 271 -17.19 24.91 -17.82
N SER B 272 -17.11 25.93 -16.97
CA SER B 272 -16.52 27.22 -17.32
C SER B 272 -16.12 27.95 -16.08
N TYR B 273 -15.26 28.95 -16.27
CA TYR B 273 -14.89 29.93 -15.27
C TYR B 273 -15.32 31.29 -15.81
N LEU B 274 -16.28 31.87 -15.10
CA LEU B 274 -17.00 33.07 -15.54
C LEU B 274 -16.58 34.19 -14.59
N ASP B 275 -15.80 35.14 -15.08
CA ASP B 275 -15.11 36.11 -14.22
C ASP B 275 -14.78 37.36 -15.05
N GLY B 276 -15.80 37.88 -15.76
CA GLY B 276 -15.71 39.15 -16.49
C GLY B 276 -14.73 38.97 -17.60
N GLY B 277 -13.73 39.86 -17.67
CA GLY B 277 -12.72 39.72 -18.71
C GLY B 277 -11.71 38.59 -18.48
N ASN B 278 -11.78 37.94 -17.33
CA ASN B 278 -10.94 36.77 -17.02
C ASN B 278 -11.74 35.44 -17.25
N THR B 279 -12.61 35.41 -18.25
CA THR B 279 -13.51 34.31 -18.44
C THR B 279 -12.92 33.30 -19.41
N TRP B 280 -12.91 32.04 -18.97
CA TRP B 280 -12.58 31.00 -19.89
C TRP B 280 -13.62 29.91 -19.96
N LEU B 281 -13.82 29.38 -21.18
CA LEU B 281 -14.78 28.35 -21.48
C LEU B 281 -14.05 27.13 -21.97
N GLY B 282 -14.49 25.94 -21.56
CA GLY B 282 -13.97 24.71 -22.13
C GLY B 282 -15.02 24.09 -23.05
N ARG B 283 -14.55 23.38 -24.06
CA ARG B 283 -15.42 22.60 -24.91
C ARG B 283 -14.69 21.57 -25.71
N THR B 284 -15.41 20.55 -26.18
CA THR B 284 -14.84 19.61 -27.11
C THR B 284 -14.58 20.36 -28.43
N ILE B 285 -13.63 19.87 -29.22
CA ILE B 285 -13.32 20.56 -30.46
C ILE B 285 -14.38 20.21 -31.51
N SER B 286 -14.68 18.92 -31.64
CA SER B 286 -15.75 18.48 -32.51
C SER B 286 -17.13 19.04 -32.09
N VAL B 287 -17.95 19.37 -33.09
CA VAL B 287 -19.27 19.85 -32.81
C VAL B 287 -20.22 18.68 -32.58
N ALA B 288 -19.81 17.46 -32.97
CA ALA B 288 -20.71 16.29 -32.93
C ALA B 288 -20.24 15.11 -32.08
N SER B 289 -18.93 14.93 -31.87
CA SER B 289 -18.50 13.84 -31.00
C SER B 289 -17.60 14.30 -29.89
N ARG B 290 -17.35 13.40 -28.94
CA ARG B 290 -16.55 13.73 -27.77
C ARG B 290 -15.08 13.54 -28.13
N SER B 291 -14.63 14.49 -28.95
CA SER B 291 -13.31 14.48 -29.45
C SER B 291 -12.66 15.86 -29.44
N GLY B 292 -11.44 15.88 -28.94
CA GLY B 292 -10.75 17.12 -28.72
C GLY B 292 -11.19 17.82 -27.48
N TYR B 293 -10.37 18.72 -27.02
CA TYR B 293 -10.77 19.59 -25.93
C TYR B 293 -9.92 20.82 -26.03
N GLU B 294 -10.52 21.99 -25.81
CA GLU B 294 -9.83 23.24 -25.82
C GLU B 294 -10.41 24.23 -24.84
N MET B 295 -9.58 25.18 -24.46
CA MET B 295 -9.98 26.22 -23.56
C MET B 295 -9.98 27.52 -24.39
N LEU B 296 -11.03 28.34 -24.24
CA LEU B 296 -11.07 29.63 -24.96
C LEU B 296 -11.36 30.78 -24.04
N LYS B 297 -10.57 31.83 -24.17
CA LYS B 297 -10.77 32.99 -23.36
C LYS B 297 -11.85 33.80 -24.05
N VAL B 298 -12.98 34.03 -23.37
CA VAL B 298 -14.16 34.71 -23.95
C VAL B 298 -14.61 35.73 -22.95
N PRO B 299 -14.02 36.94 -23.03
CA PRO B 299 -14.34 37.99 -22.08
C PRO B 299 -15.86 38.23 -21.97
N ASN B 300 -16.34 38.17 -20.76
CA ASN B 300 -17.72 38.45 -20.46
C ASN B 300 -18.69 37.51 -21.16
N ALA B 301 -18.29 36.27 -21.41
CA ALA B 301 -19.18 35.24 -22.02
C ALA B 301 -20.52 35.12 -21.33
N LEU B 302 -20.56 35.33 -20.01
CA LEU B 302 -21.79 35.14 -19.29
C LEU B 302 -22.88 36.16 -19.73
N THR B 303 -22.47 37.41 -20.00
CA THR B 303 -23.39 38.54 -20.16
C THR B 303 -23.37 39.21 -21.54
N ASP B 304 -22.44 38.79 -22.38
CA ASP B 304 -22.23 39.40 -23.66
C ASP B 304 -22.58 38.46 -24.79
N ASP B 305 -23.71 38.72 -25.46
CA ASP B 305 -24.22 37.79 -26.48
C ASP B 305 -23.51 37.86 -27.81
N ARG B 306 -22.48 38.70 -27.92
CA ARG B 306 -21.64 38.69 -29.14
C ARG B 306 -20.18 38.25 -28.88
N SER B 307 -19.90 37.89 -27.62
CA SER B 307 -18.53 37.60 -27.17
C SER B 307 -17.87 36.42 -27.92
N LYS B 308 -16.67 36.67 -28.44
CA LYS B 308 -15.89 35.68 -29.19
C LYS B 308 -14.50 35.51 -28.54
N PRO B 309 -13.76 34.45 -28.89
CA PRO B 309 -12.45 34.20 -28.24
C PRO B 309 -11.39 35.33 -28.44
N THR B 310 -10.63 35.67 -27.40
CA THR B 310 -9.47 36.54 -27.59
C THR B 310 -8.13 35.81 -27.36
N GLN B 311 -8.19 34.53 -27.00
CA GLN B 311 -7.04 33.70 -26.67
C GLN B 311 -7.60 32.26 -26.53
N GLY B 312 -6.73 31.30 -26.64
CA GLY B 312 -7.12 29.90 -26.52
C GLY B 312 -5.92 29.00 -26.18
N GLN B 313 -6.25 27.76 -25.84
CA GLN B 313 -5.25 26.74 -25.59
C GLN B 313 -5.91 25.43 -25.91
N THR B 314 -5.31 24.70 -26.85
CA THR B 314 -5.63 23.30 -27.00
C THR B 314 -5.14 22.39 -25.86
N ILE B 315 -6.01 21.43 -25.44
CA ILE B 315 -5.72 20.53 -24.35
C ILE B 315 -5.55 19.15 -24.94
N VAL B 316 -6.51 18.75 -25.77
CA VAL B 316 -6.60 17.47 -26.41
C VAL B 316 -6.90 17.71 -27.93
N LEU B 317 -6.10 17.10 -28.82
CA LEU B 317 -6.31 17.28 -30.24
C LEU B 317 -7.66 16.67 -30.64
N ASN B 318 -8.21 17.19 -31.72
CA ASN B 318 -9.49 16.70 -32.24
C ASN B 318 -9.39 15.30 -32.74
N THR B 319 -8.17 14.79 -32.96
CA THR B 319 -7.98 13.40 -33.36
C THR B 319 -7.94 12.48 -32.14
N ASP B 320 -8.07 13.04 -30.93
CA ASP B 320 -8.16 12.21 -29.73
C ASP B 320 -9.51 12.34 -28.99
N TRP B 321 -9.89 11.23 -28.34
CA TRP B 321 -11.14 11.16 -27.57
C TRP B 321 -11.05 11.93 -26.27
N SER B 322 -12.07 12.69 -26.00
CA SER B 322 -12.25 13.38 -24.74
C SER B 322 -13.49 12.73 -24.09
N GLY B 323 -14.38 13.53 -23.51
CA GLY B 323 -15.34 13.04 -22.57
C GLY B 323 -15.86 14.16 -21.69
N TYR B 324 -16.34 13.79 -20.52
CA TYR B 324 -16.75 14.75 -19.49
C TYR B 324 -15.63 15.66 -19.07
N SER B 325 -15.96 16.84 -18.55
CA SER B 325 -15.02 17.76 -18.03
C SER B 325 -15.68 18.49 -16.92
N GLY B 326 -14.89 19.02 -16.01
CA GLY B 326 -15.44 19.59 -14.79
C GLY B 326 -14.33 20.39 -14.10
N SER B 327 -14.79 21.24 -13.16
CA SER B 327 -14.02 22.14 -12.40
C SER B 327 -13.73 21.65 -11.00
N PHE B 328 -12.62 22.15 -10.47
CA PHE B 328 -12.20 21.96 -9.06
C PHE B 328 -11.13 23.01 -8.73
N MET B 329 -10.96 23.34 -7.47
CA MET B 329 -9.80 24.18 -7.05
C MET B 329 -9.27 23.64 -5.76
N ASP B 330 -7.98 23.93 -5.51
CA ASP B 330 -7.39 23.77 -4.18
C ASP B 330 -7.71 25.01 -3.29
N TYR B 331 -8.77 24.91 -2.49
CA TYR B 331 -9.23 25.98 -1.62
C TYR B 331 -8.35 26.14 -0.37
N TRP B 332 -7.34 25.27 -0.26
CA TRP B 332 -6.37 25.32 0.77
C TRP B 332 -4.93 25.61 0.29
N ALA B 333 -4.76 26.17 -0.90
CA ALA B 333 -3.42 26.57 -1.39
C ALA B 333 -2.96 27.84 -0.72
N GLU B 334 -1.69 28.19 -0.84
CA GLU B 334 -1.17 29.47 -0.32
C GLU B 334 -1.52 30.63 -1.30
N GLY B 335 -1.29 31.88 -0.93
CA GLY B 335 -1.58 32.97 -1.85
C GLY B 335 -2.88 33.74 -1.65
N GLU B 336 -3.15 34.70 -2.53
CA GLU B 336 -4.24 35.62 -2.34
C GLU B 336 -5.43 35.38 -3.23
N CYS B 337 -5.36 34.41 -4.12
CA CYS B 337 -6.46 34.03 -5.02
C CYS B 337 -6.52 32.49 -5.13
N TYR B 338 -7.65 31.98 -5.63
CA TYR B 338 -7.86 30.58 -5.97
C TYR B 338 -7.50 30.34 -7.40
N ARG B 339 -6.72 29.29 -7.65
CA ARG B 339 -6.30 28.98 -9.00
C ARG B 339 -7.30 28.04 -9.62
N ALA B 340 -7.93 28.48 -10.70
CA ALA B 340 -8.80 27.61 -11.50
C ALA B 340 -8.12 26.33 -12.01
N CYS B 341 -8.82 25.21 -11.82
CA CYS B 341 -8.44 23.95 -12.39
C CYS B 341 -9.58 23.20 -13.04
N PHE B 342 -9.22 22.22 -13.85
CA PHE B 342 -10.22 21.37 -14.46
C PHE B 342 -9.57 20.09 -14.88
N TYR B 343 -10.43 19.13 -15.16
CA TYR B 343 -10.09 17.82 -15.65
C TYR B 343 -10.89 17.57 -16.95
N VAL B 344 -10.32 16.73 -17.80
CA VAL B 344 -11.00 16.17 -18.91
C VAL B 344 -10.89 14.64 -18.77
N GLU B 345 -12.04 13.99 -18.91
CA GLU B 345 -12.16 12.55 -19.01
C GLU B 345 -11.83 12.09 -20.44
N LEU B 346 -10.87 11.17 -20.60
CA LEU B 346 -10.44 10.70 -21.94
C LEU B 346 -11.02 9.31 -22.12
N ILE B 347 -12.16 9.21 -22.76
CA ILE B 347 -12.88 7.94 -22.87
C ILE B 347 -12.25 7.05 -23.93
N ARG B 348 -12.00 5.81 -23.53
CA ARG B 348 -11.49 4.79 -24.42
C ARG B 348 -12.45 3.62 -24.47
N GLY B 349 -12.46 2.93 -25.61
CA GLY B 349 -13.34 1.83 -25.78
C GLY B 349 -14.71 2.17 -26.34
N ARG B 350 -15.73 1.39 -25.96
CA ARG B 350 -17.09 1.60 -26.46
C ARG B 350 -17.73 2.94 -26.15
N PRO B 351 -18.59 3.46 -27.08
CA PRO B 351 -18.97 2.95 -28.39
C PRO B 351 -17.98 3.26 -29.58
N LYS B 352 -17.09 4.22 -29.44
CA LYS B 352 -16.23 4.68 -30.55
C LYS B 352 -15.22 3.67 -30.97
N GLU B 353 -14.76 2.88 -30.03
CA GLU B 353 -13.71 1.92 -30.31
C GLU B 353 -14.26 0.58 -29.96
N ASP B 354 -15.08 0.05 -30.88
CA ASP B 354 -15.88 -1.10 -30.52
C ASP B 354 -15.24 -2.42 -30.87
N LYS B 355 -13.93 -2.47 -31.18
CA LYS B 355 -13.21 -3.79 -31.27
C LYS B 355 -12.87 -4.36 -29.89
N VAL B 356 -12.96 -3.53 -28.88
CA VAL B 356 -13.01 -4.02 -27.49
C VAL B 356 -14.44 -4.00 -26.96
N TRP B 357 -14.65 -4.73 -25.89
CA TRP B 357 -15.99 -4.93 -25.30
C TRP B 357 -16.22 -4.08 -24.08
N TRP B 358 -15.21 -3.29 -23.72
CA TRP B 358 -15.23 -2.45 -22.54
C TRP B 358 -15.27 -0.98 -22.87
N THR B 359 -15.60 -0.18 -21.86
CA THR B 359 -15.50 1.28 -21.87
C THR B 359 -14.81 1.70 -20.58
N SER B 360 -13.81 2.58 -20.71
CA SER B 360 -13.10 3.13 -19.57
C SER B 360 -12.57 4.48 -19.93
N ASN B 361 -11.74 5.04 -19.09
CA ASN B 361 -11.14 6.33 -19.34
C ASN B 361 -9.82 6.45 -18.63
N SER B 362 -9.15 7.52 -19.01
CA SER B 362 -8.15 8.13 -18.17
C SER B 362 -8.49 9.58 -17.94
N ILE B 363 -7.60 10.24 -17.21
CA ILE B 363 -7.77 11.61 -16.76
C ILE B 363 -6.57 12.44 -17.17
N VAL B 364 -6.88 13.63 -17.62
CA VAL B 364 -5.93 14.77 -17.64
C VAL B 364 -6.58 15.96 -16.93
N SER B 365 -5.71 16.72 -16.29
CA SER B 365 -6.05 17.80 -15.42
C SER B 365 -5.04 18.94 -15.61
N MET B 366 -5.54 20.17 -15.56
CA MET B 366 -4.74 21.38 -15.69
C MET B 366 -5.17 22.45 -14.66
N CYS B 367 -4.28 23.35 -14.35
CA CYS B 367 -4.61 24.52 -13.57
C CYS B 367 -4.15 25.76 -14.28
N SER B 368 -4.62 26.93 -13.86
CA SER B 368 -4.28 28.17 -14.57
C SER B 368 -2.89 28.71 -14.15
N SER B 369 -2.22 29.35 -15.10
CA SER B 369 -1.00 30.12 -14.89
C SER B 369 -1.24 31.61 -15.18
N THR B 370 -0.59 32.47 -14.37
CA THR B 370 -0.51 33.92 -14.64
C THR B 370 0.51 34.20 -15.76
N GLU B 371 1.28 33.20 -16.15
CA GLU B 371 2.13 33.26 -17.33
C GLU B 371 1.43 32.84 -18.62
N PHE B 372 2.02 33.21 -19.72
CA PHE B 372 1.56 32.83 -21.02
C PHE B 372 2.33 31.61 -21.49
N LEU B 373 1.96 30.38 -21.04
CA LEU B 373 2.82 29.24 -21.28
C LEU B 373 2.58 28.62 -22.63
N GLY B 374 3.62 27.95 -23.18
CA GLY B 374 3.44 27.15 -24.37
C GLY B 374 2.41 26.02 -24.17
N GLN B 375 1.80 25.61 -25.27
CA GLN B 375 0.77 24.59 -25.17
C GLN B 375 1.28 23.26 -25.78
N TRP B 376 0.91 22.18 -25.12
CA TRP B 376 1.04 20.80 -25.66
C TRP B 376 -0.35 20.22 -25.76
N ASN B 377 -0.44 18.97 -26.20
CA ASN B 377 -1.71 18.26 -26.23
C ASN B 377 -1.50 16.98 -25.41
N TRP B 378 -2.59 16.47 -24.83
CA TRP B 378 -2.55 15.43 -23.82
C TRP B 378 -3.55 14.34 -24.13
N PRO B 379 -3.16 13.40 -24.98
CA PRO B 379 -3.92 12.25 -25.29
C PRO B 379 -3.91 11.23 -24.18
N ASP B 380 -4.90 10.32 -24.19
CA ASP B 380 -4.95 9.17 -23.30
C ASP B 380 -3.65 8.39 -23.46
N GLY B 381 -3.34 8.04 -24.68
CA GLY B 381 -2.08 7.42 -25.04
C GLY B 381 -2.05 5.96 -25.23
N ALA B 382 -3.15 5.25 -24.96
CA ALA B 382 -3.14 3.82 -25.14
C ALA B 382 -3.41 3.42 -26.60
N LYS B 383 -3.03 2.22 -26.98
CA LYS B 383 -3.26 1.65 -28.32
C LYS B 383 -4.25 0.54 -28.16
N ILE B 384 -5.44 0.74 -28.72
CA ILE B 384 -6.53 -0.23 -28.73
C ILE B 384 -6.10 -1.53 -29.25
N GLU B 385 -5.24 -1.57 -30.26
CA GLU B 385 -4.83 -2.85 -30.85
C GLU B 385 -4.14 -3.72 -29.85
N TYR B 386 -3.48 -3.13 -28.86
CA TYR B 386 -2.82 -3.95 -27.80
C TYR B 386 -3.81 -4.78 -26.96
N PHE B 387 -5.07 -4.36 -26.89
CA PHE B 387 -6.11 -4.99 -26.09
C PHE B 387 -6.89 -6.03 -26.87
N LEU B 388 -6.51 -6.23 -28.14
CA LEU B 388 -7.16 -7.21 -29.02
C LEU B 388 -6.50 -8.58 -28.90
N ARG C 1 10.32 21.81 10.76
CA ARG C 1 9.84 23.18 11.14
C ARG C 1 10.87 24.26 10.82
N GLU C 2 12.16 23.93 10.81
CA GLU C 2 13.13 24.90 10.30
C GLU C 2 13.73 24.62 8.91
N PHE C 3 14.04 25.68 8.18
CA PHE C 3 14.80 25.52 6.94
C PHE C 3 16.23 24.96 7.28
N ASN C 4 16.69 23.96 6.54
CA ASN C 4 18.04 23.48 6.68
C ASN C 4 19.09 24.45 6.13
N ASN C 5 20.15 24.59 6.93
CA ASN C 5 21.38 25.28 6.53
C ASN C 5 22.52 24.27 6.36
N LEU C 6 23.36 24.53 5.38
CA LEU C 6 24.48 23.70 5.01
C LEU C 6 25.65 24.12 5.91
N THR C 7 25.63 23.59 7.12
CA THR C 7 26.54 23.96 8.15
C THR C 7 27.68 22.97 8.30
N LYS C 8 27.76 21.89 7.50
CA LYS C 8 28.75 20.89 7.70
C LYS C 8 29.59 20.77 6.44
N GLY C 9 30.79 20.18 6.60
CA GLY C 9 31.64 19.77 5.48
C GLY C 9 31.44 18.27 5.17
N LEU C 10 32.10 17.77 4.14
CA LEU C 10 31.96 16.39 3.77
C LEU C 10 32.72 15.51 4.76
N CYS C 11 32.19 14.31 5.04
CA CYS C 11 33.00 13.32 5.75
C CYS C 11 34.14 12.93 4.86
N THR C 12 35.16 12.39 5.50
CA THR C 12 36.28 11.85 4.81
C THR C 12 35.83 10.59 4.07
N ILE C 13 36.09 10.57 2.77
CA ILE C 13 35.79 9.45 1.93
C ILE C 13 37.03 8.54 1.81
N ASN C 14 37.00 7.36 2.44
CA ASN C 14 38.01 6.33 2.27
C ASN C 14 37.61 5.16 1.49
N SER C 15 36.29 5.05 1.26
CA SER C 15 35.68 4.03 0.38
C SER C 15 34.15 4.26 0.29
N TRP C 16 33.48 3.43 -0.47
CA TRP C 16 32.01 3.57 -0.70
C TRP C 16 31.32 2.29 -0.27
N HIS C 17 30.24 2.47 0.50
CA HIS C 17 29.48 1.28 0.95
C HIS C 17 28.13 1.26 0.17
N ILE C 18 27.55 0.08 0.00
CA ILE C 18 26.25 -0.06 -0.60
C ILE C 18 25.19 0.63 0.20
N TYR C 19 24.38 1.46 -0.47
CA TYR C 19 23.31 2.21 0.20
C TYR C 19 21.90 1.71 -0.17
N GLY C 20 21.65 1.58 -1.46
CA GLY C 20 20.37 1.12 -1.98
C GLY C 20 20.54 0.52 -3.37
N LYS C 21 19.59 -0.34 -3.74
CA LYS C 21 19.57 -1.08 -5.00
C LYS C 21 18.13 -1.64 -5.20
N ASP C 22 17.51 -1.36 -6.34
CA ASP C 22 16.07 -1.78 -6.49
C ASP C 22 15.81 -2.96 -7.33
N ASN C 23 16.81 -3.40 -8.10
CA ASN C 23 16.67 -4.65 -8.82
C ASN C 23 15.36 -4.61 -9.64
N ALA C 24 15.09 -3.44 -10.21
CA ALA C 24 13.77 -3.12 -10.82
C ALA C 24 13.50 -3.92 -12.04
N VAL C 25 14.49 -4.12 -12.90
CA VAL C 25 14.29 -4.86 -14.16
C VAL C 25 14.15 -6.36 -13.91
N ARG C 26 14.97 -6.89 -12.99
CA ARG C 26 14.76 -8.31 -12.54
C ARG C 26 13.31 -8.58 -12.03
N ILE C 27 12.90 -7.79 -11.05
CA ILE C 27 11.62 -7.92 -10.42
C ILE C 27 10.48 -7.67 -11.43
N GLY C 28 10.67 -6.64 -12.22
CA GLY C 28 9.68 -6.21 -13.21
C GLY C 28 9.46 -7.18 -14.36
N GLU C 29 10.34 -8.18 -14.49
CA GLU C 29 10.08 -9.27 -15.43
C GLU C 29 8.79 -10.04 -15.12
N ASP C 30 8.34 -9.97 -13.87
CA ASP C 30 7.14 -10.67 -13.51
C ASP C 30 6.35 -9.92 -12.41
N SER C 31 6.33 -8.62 -12.47
CA SER C 31 5.52 -7.81 -11.57
C SER C 31 5.37 -6.47 -12.21
N ASP C 32 4.41 -5.70 -11.67
CA ASP C 32 3.95 -4.51 -12.30
C ASP C 32 4.86 -3.33 -12.00
N VAL C 33 6.06 -3.40 -12.57
CA VAL C 33 7.08 -2.36 -12.39
C VAL C 33 6.95 -1.40 -13.58
N LEU C 34 6.95 -0.11 -13.26
CA LEU C 34 6.89 0.95 -14.25
C LEU C 34 8.23 1.07 -14.98
N VAL C 35 8.15 1.27 -16.28
CA VAL C 35 9.31 1.65 -17.10
C VAL C 35 9.77 3.07 -16.70
N THR C 36 11.07 3.22 -16.48
CA THR C 36 11.64 4.50 -16.05
C THR C 36 12.98 4.80 -16.80
N ARG C 37 13.48 6.03 -16.63
CA ARG C 37 14.89 6.37 -16.89
C ARG C 37 15.12 7.66 -16.13
N GLU C 38 16.38 8.15 -16.16
CA GLU C 38 16.73 9.36 -15.43
C GLU C 38 16.36 9.33 -13.96
N PRO C 39 16.86 8.34 -13.23
CA PRO C 39 16.64 8.22 -11.79
C PRO C 39 17.52 9.10 -10.92
N TYR C 40 17.15 9.24 -9.65
CA TYR C 40 17.99 9.84 -8.69
C TYR C 40 17.49 9.49 -7.32
N VAL C 41 18.04 10.15 -6.30
CA VAL C 41 17.71 9.87 -4.89
C VAL C 41 17.66 11.20 -4.22
N SER C 42 16.73 11.36 -3.32
CA SER C 42 16.56 12.58 -2.59
C SER C 42 15.96 12.26 -1.22
N CYS C 43 16.49 12.93 -0.17
CA CYS C 43 16.01 12.76 1.20
C CYS C 43 15.15 13.89 1.68
N ASP C 44 14.19 13.51 2.51
CA ASP C 44 13.45 14.40 3.36
C ASP C 44 14.08 14.26 4.74
N PRO C 45 13.64 15.11 5.69
CA PRO C 45 14.06 14.96 7.05
C PRO C 45 13.83 13.64 7.71
N ASP C 46 12.83 12.89 7.29
CA ASP C 46 12.52 11.62 7.94
C ASP C 46 12.66 10.39 7.02
N GLU C 47 13.03 10.54 5.76
CA GLU C 47 13.04 9.42 4.82
C GLU C 47 13.86 9.73 3.60
N CYS C 48 14.51 8.74 3.05
CA CYS C 48 15.12 8.88 1.73
C CYS C 48 14.37 8.01 0.74
N ARG C 49 14.16 8.53 -0.48
CA ARG C 49 13.38 7.85 -1.55
C ARG C 49 14.09 7.84 -2.87
N PHE C 50 13.77 6.86 -3.70
CA PHE C 50 14.14 6.88 -5.09
C PHE C 50 13.15 7.76 -5.89
N TYR C 51 13.66 8.34 -6.98
CA TYR C 51 12.98 9.22 -7.94
C TYR C 51 13.39 8.79 -9.34
N ALA C 52 12.45 8.98 -10.26
CA ALA C 52 12.72 8.81 -11.63
C ALA C 52 11.61 9.36 -12.49
N LEU C 53 11.90 9.31 -13.79
CA LEU C 53 10.91 9.59 -14.82
C LEU C 53 10.26 8.36 -15.36
N SER C 54 9.01 8.13 -14.93
CA SER C 54 8.16 7.05 -15.45
C SER C 54 7.89 7.27 -16.92
N GLN C 55 7.61 6.20 -17.65
CA GLN C 55 7.15 6.26 -19.02
C GLN C 55 5.64 5.97 -19.20
N GLY C 56 4.89 5.78 -18.07
CA GLY C 56 3.40 5.65 -18.10
C GLY C 56 3.01 4.28 -18.63
N THR C 57 3.74 3.26 -18.20
CA THR C 57 3.60 1.89 -18.66
C THR C 57 4.51 1.00 -17.81
N THR C 58 4.12 -0.24 -17.70
CA THR C 58 4.95 -1.25 -17.10
C THR C 58 5.88 -1.82 -18.18
N ILE C 59 6.93 -2.49 -17.75
CA ILE C 59 7.90 -3.11 -18.61
C ILE C 59 7.36 -4.26 -19.43
N ARG C 60 6.55 -5.14 -18.83
CA ARG C 60 5.96 -6.27 -19.57
C ARG C 60 4.77 -5.77 -20.34
N GLY C 61 4.27 -4.57 -20.06
CA GLY C 61 3.17 -4.06 -20.83
C GLY C 61 3.56 -3.76 -22.30
N LYS C 62 2.58 -3.86 -23.18
CA LYS C 62 2.83 -3.63 -24.64
C LYS C 62 3.20 -2.17 -24.92
N HIS C 63 2.76 -1.26 -24.05
CA HIS C 63 3.13 0.15 -24.22
C HIS C 63 4.60 0.43 -23.84
N SER C 64 5.33 -0.56 -23.33
CA SER C 64 6.79 -0.42 -23.15
C SER C 64 7.50 -0.30 -24.53
N ASN C 65 6.80 -0.66 -25.59
CA ASN C 65 7.34 -0.64 -26.91
C ASN C 65 7.44 0.81 -27.34
N GLY C 66 8.69 1.24 -27.56
CA GLY C 66 8.95 2.63 -27.94
C GLY C 66 9.50 3.46 -26.82
N THR C 67 9.80 2.86 -25.66
CA THR C 67 10.21 3.68 -24.51
C THR C 67 11.68 4.14 -24.59
N ILE C 68 12.41 3.80 -25.67
CA ILE C 68 13.65 4.53 -25.96
C ILE C 68 13.47 6.08 -26.04
N HIS C 69 12.32 6.57 -26.45
CA HIS C 69 12.14 8.00 -26.58
C HIS C 69 12.08 8.71 -25.25
N ASP C 70 12.64 9.93 -25.18
CA ASP C 70 12.76 10.64 -23.96
C ASP C 70 11.53 11.48 -23.56
N ARG C 71 10.75 11.98 -24.52
CA ARG C 71 9.87 13.11 -24.19
C ARG C 71 8.48 12.75 -24.72
N SER C 72 7.54 12.43 -23.83
CA SER C 72 6.14 12.13 -24.21
C SER C 72 5.26 12.67 -23.13
N GLN C 73 3.98 12.69 -23.50
CA GLN C 73 2.93 13.11 -22.62
C GLN C 73 2.67 12.10 -21.48
N TYR C 74 3.25 10.91 -21.57
CA TYR C 74 3.05 9.77 -20.60
C TYR C 74 4.11 9.64 -19.47
N ARG C 75 5.04 10.58 -19.43
CA ARG C 75 6.08 10.66 -18.40
C ARG C 75 5.66 11.55 -17.22
N ASP C 76 6.23 11.22 -16.07
CA ASP C 76 6.03 11.93 -14.84
C ASP C 76 7.18 11.65 -13.94
N LEU C 77 7.42 12.57 -13.02
CA LEU C 77 8.34 12.36 -11.97
C LEU C 77 7.61 11.56 -10.84
N ILE C 78 8.15 10.42 -10.51
CA ILE C 78 7.61 9.57 -9.44
C ILE C 78 8.66 9.35 -8.41
N SER C 79 8.26 9.09 -7.15
CA SER C 79 9.15 8.70 -6.07
C SER C 79 8.57 7.45 -5.41
N TRP C 80 9.42 6.66 -4.77
CA TRP C 80 8.99 5.40 -4.19
C TRP C 80 9.97 5.03 -3.11
N PRO C 81 9.58 4.14 -2.19
CA PRO C 81 10.53 3.88 -1.08
C PRO C 81 11.92 3.32 -1.46
N LEU C 82 12.93 3.77 -0.73
CA LEU C 82 14.27 3.41 -1.00
C LEU C 82 14.40 1.87 -1.13
N SER C 83 15.03 1.46 -2.24
CA SER C 83 15.34 0.08 -2.65
C SER C 83 14.20 -0.84 -3.01
N SER C 84 12.98 -0.33 -2.94
CA SER C 84 11.88 -1.06 -3.54
C SER C 84 11.93 -0.64 -5.04
N PRO C 85 11.25 -1.41 -5.93
CA PRO C 85 11.18 -0.98 -7.30
C PRO C 85 10.02 -0.01 -7.51
N PRO C 86 10.06 0.77 -8.61
CA PRO C 86 9.01 1.75 -8.91
C PRO C 86 7.81 1.01 -9.53
N THR C 87 6.82 0.66 -8.73
CA THR C 87 5.71 -0.14 -9.20
C THR C 87 4.49 0.75 -9.34
N VAL C 88 3.55 0.24 -10.07
CA VAL C 88 2.30 0.98 -10.33
C VAL C 88 1.62 1.32 -9.01
N TYR C 89 1.78 0.42 -8.02
CA TYR C 89 1.11 0.49 -6.72
C TYR C 89 1.85 1.17 -5.57
N ASN C 90 3.15 1.49 -5.66
CA ASN C 90 3.80 2.23 -4.58
C ASN C 90 4.45 3.53 -5.08
N SER C 91 4.28 3.91 -6.33
CA SER C 91 4.93 5.11 -6.83
C SER C 91 4.00 6.31 -6.64
N ARG C 92 4.55 7.37 -6.10
CA ARG C 92 3.86 8.58 -5.93
C ARG C 92 4.34 9.57 -7.00
N VAL C 93 3.39 10.15 -7.72
CA VAL C 93 3.63 11.16 -8.75
C VAL C 93 3.82 12.50 -8.09
N GLU C 94 4.98 13.09 -8.36
CA GLU C 94 5.36 14.43 -7.87
C GLU C 94 4.84 15.51 -8.82
N CYS C 95 4.91 15.25 -10.12
CA CYS C 95 4.44 16.17 -11.17
C CYS C 95 4.63 15.55 -12.48
N ILE C 96 4.01 16.16 -13.48
CA ILE C 96 4.01 15.60 -14.83
C ILE C 96 5.02 16.24 -15.77
N GLY C 97 5.73 15.39 -16.52
CA GLY C 97 6.67 15.86 -17.49
C GLY C 97 7.85 14.97 -17.69
N TRP C 98 8.82 15.50 -18.46
CA TRP C 98 9.90 14.69 -18.94
C TRP C 98 11.31 15.27 -18.60
N SER C 99 11.41 16.24 -17.69
CA SER C 99 12.71 16.64 -17.14
C SER C 99 12.37 17.15 -15.77
N SER C 100 13.15 16.81 -14.77
CA SER C 100 12.85 17.21 -13.41
C SER C 100 14.02 17.47 -12.51
N THR C 101 13.68 18.01 -11.36
CA THR C 101 14.51 18.01 -10.19
C THR C 101 13.56 18.13 -8.97
N SER C 102 14.09 17.84 -7.80
CA SER C 102 13.36 17.82 -6.55
C SER C 102 14.36 17.99 -5.43
N CYS C 103 13.93 18.70 -4.37
CA CYS C 103 14.69 18.78 -3.16
C CYS C 103 13.82 19.24 -1.98
N HIS C 104 14.21 18.82 -0.78
CA HIS C 104 13.59 19.29 0.42
C HIS C 104 14.42 20.43 1.06
N ASP C 105 13.72 21.45 1.60
CA ASP C 105 14.35 22.59 2.29
C ASP C 105 14.43 22.52 3.81
N GLY C 106 13.98 21.41 4.39
CA GLY C 106 13.88 21.25 5.81
C GLY C 106 12.42 21.38 6.27
N ARG C 107 11.64 22.16 5.51
CA ARG C 107 10.23 22.37 5.78
C ARG C 107 9.34 21.65 4.76
N ALA C 108 9.54 21.83 3.47
CA ALA C 108 8.81 21.03 2.50
C ALA C 108 9.63 20.77 1.27
N ARG C 109 9.07 19.90 0.44
CA ARG C 109 9.73 19.54 -0.81
C ARG C 109 9.27 20.41 -1.97
N MET C 110 10.26 20.87 -2.76
CA MET C 110 10.08 21.44 -4.09
C MET C 110 10.34 20.41 -5.17
N SER C 111 9.45 20.33 -6.17
CA SER C 111 9.61 19.46 -7.31
C SER C 111 9.32 20.22 -8.61
N ILE C 112 10.18 20.05 -9.60
CA ILE C 112 10.06 20.83 -10.83
C ILE C 112 9.97 19.80 -11.93
N CYS C 113 8.93 19.91 -12.78
CA CYS C 113 8.85 19.06 -13.96
C CYS C 113 8.59 19.97 -15.13
N ILE C 114 9.19 19.63 -16.26
CA ILE C 114 9.03 20.39 -17.45
C ILE C 114 8.31 19.47 -18.42
N SER C 115 7.36 20.03 -19.16
CA SER C 115 6.63 19.32 -20.20
C SER C 115 6.40 20.23 -21.40
N GLY C 116 6.01 19.61 -22.49
CA GLY C 116 5.73 20.37 -23.68
C GLY C 116 6.37 19.81 -24.91
N PRO C 117 6.01 20.40 -26.08
CA PRO C 117 6.69 20.01 -27.31
C PRO C 117 8.08 20.67 -27.27
N ASN C 118 9.07 20.23 -28.06
CA ASN C 118 10.43 20.79 -28.01
C ASN C 118 10.50 22.29 -28.08
N ASN C 119 9.62 22.91 -28.87
CA ASN C 119 9.62 24.37 -29.03
C ASN C 119 8.68 25.17 -28.16
N ASN C 120 8.06 24.55 -27.17
CA ASN C 120 7.06 25.31 -26.36
C ASN C 120 6.91 24.67 -24.92
N ALA C 121 8.04 24.20 -24.38
CA ALA C 121 8.05 23.57 -23.10
C ALA C 121 7.95 24.58 -21.96
N SER C 122 7.51 24.11 -20.80
CA SER C 122 7.39 24.89 -19.61
C SER C 122 7.60 24.02 -18.37
N ALA C 123 8.13 24.68 -17.34
CA ALA C 123 8.40 24.14 -16.04
C ALA C 123 7.26 24.54 -15.13
N VAL C 124 6.81 23.61 -14.32
CA VAL C 124 5.96 23.94 -13.20
C VAL C 124 6.72 23.55 -11.96
N ILE C 125 6.74 24.50 -11.06
CA ILE C 125 7.40 24.41 -9.82
C ILE C 125 6.39 24.20 -8.69
N TRP C 126 6.53 23.03 -8.05
CA TRP C 126 5.64 22.60 -7.01
C TRP C 126 6.33 22.76 -5.66
N TYR C 127 5.58 23.21 -4.68
CA TYR C 127 6.05 23.31 -3.34
C TYR C 127 4.97 22.82 -2.33
N ASN C 128 5.40 21.88 -1.51
CA ASN C 128 4.54 21.26 -0.55
C ASN C 128 3.34 20.64 -1.22
N ARG C 129 3.64 19.97 -2.33
CA ARG C 129 2.73 19.25 -3.18
C ARG C 129 1.65 20.06 -3.89
N ARG C 130 1.93 21.33 -4.16
CA ARG C 130 1.04 22.23 -4.86
C ARG C 130 1.83 23.06 -5.86
N PRO C 131 1.23 23.29 -7.04
CA PRO C 131 1.89 24.12 -8.04
C PRO C 131 1.96 25.55 -7.56
N VAL C 132 3.12 26.17 -7.76
CA VAL C 132 3.31 27.52 -7.28
C VAL C 132 3.76 28.48 -8.39
N THR C 133 4.63 28.05 -9.29
CA THR C 133 5.22 28.94 -10.24
C THR C 133 5.41 28.18 -11.50
N GLU C 134 5.33 28.88 -12.60
CA GLU C 134 5.55 28.28 -13.89
C GLU C 134 6.58 29.11 -14.64
N ILE C 135 7.39 28.46 -15.47
CA ILE C 135 8.34 29.15 -16.31
C ILE C 135 8.28 28.65 -17.70
N ASN C 136 8.01 29.55 -18.64
CA ASN C 136 7.98 29.21 -20.04
C ASN C 136 9.39 29.11 -20.66
N THR C 137 9.52 28.29 -21.70
CA THR C 137 10.72 28.24 -22.51
C THR C 137 11.20 29.66 -22.95
N TRP C 138 12.51 29.94 -22.81
CA TRP C 138 13.08 31.23 -23.20
C TRP C 138 13.82 31.11 -24.53
N ALA C 139 14.15 29.90 -24.96
CA ALA C 139 14.86 29.72 -26.22
C ALA C 139 14.23 28.72 -27.13
N ARG C 140 13.05 28.23 -26.75
CA ARG C 140 12.21 27.41 -27.65
C ARG C 140 12.89 26.18 -28.16
N ASN C 141 13.71 25.54 -27.30
CA ASN C 141 14.35 24.32 -27.75
C ASN C 141 14.72 23.41 -26.59
N ILE C 142 13.69 22.70 -26.13
CA ILE C 142 13.78 21.66 -25.10
C ILE C 142 14.30 22.24 -23.80
N LEU C 143 13.51 23.10 -23.19
CA LEU C 143 13.78 23.47 -21.85
C LEU C 143 14.00 22.21 -20.97
N ARG C 144 15.04 22.27 -20.14
CA ARG C 144 15.55 21.07 -19.46
C ARG C 144 16.30 21.40 -18.17
N THR C 145 16.32 20.45 -17.22
CA THR C 145 16.92 20.72 -15.94
C THR C 145 17.75 19.55 -15.49
N GLN C 146 17.99 19.45 -14.19
CA GLN C 146 19.09 18.66 -13.63
C GLN C 146 19.04 17.20 -13.79
N GLU C 147 17.84 16.62 -13.62
CA GLU C 147 17.67 15.15 -13.55
C GLU C 147 18.30 14.53 -12.32
N SER C 148 18.57 15.33 -11.29
CA SER C 148 18.96 14.81 -9.96
C SER C 148 18.57 15.88 -8.98
N GLU C 149 18.82 15.68 -7.69
CA GLU C 149 18.29 16.59 -6.71
C GLU C 149 19.00 17.96 -6.71
N CYS C 150 18.26 18.96 -6.23
CA CYS C 150 18.77 20.31 -5.96
C CYS C 150 19.10 20.33 -4.47
N VAL C 151 19.71 21.44 -4.03
CA VAL C 151 20.13 21.63 -2.61
C VAL C 151 19.64 22.98 -2.17
N CYS C 152 19.20 23.05 -0.93
CA CYS C 152 18.69 24.25 -0.33
C CYS C 152 19.56 24.67 0.84
N GLN C 153 19.62 25.99 1.03
CA GLN C 153 20.26 26.62 2.23
C GLN C 153 19.36 27.72 2.72
N ASN C 154 18.88 27.61 3.95
CA ASN C 154 17.98 28.64 4.49
C ASN C 154 16.77 28.96 3.59
N GLY C 155 16.23 27.90 2.95
CA GLY C 155 15.04 28.03 2.14
C GLY C 155 15.29 28.37 0.70
N VAL C 156 16.53 28.66 0.34
CA VAL C 156 16.84 29.08 -1.01
C VAL C 156 17.44 27.84 -1.72
N CYS C 157 16.81 27.41 -2.82
CA CYS C 157 17.19 26.24 -3.58
C CYS C 157 17.52 26.66 -5.01
N PRO C 158 18.84 26.75 -5.34
CA PRO C 158 19.29 26.91 -6.72
C PRO C 158 18.97 25.74 -7.60
N VAL C 159 18.52 26.06 -8.79
CA VAL C 159 18.29 25.09 -9.86
C VAL C 159 18.85 25.58 -11.15
N VAL C 160 19.56 24.70 -11.81
CA VAL C 160 20.08 24.98 -13.12
C VAL C 160 19.19 24.39 -14.22
N PHE C 161 18.88 25.27 -15.16
CA PHE C 161 18.10 25.05 -16.36
C PHE C 161 18.85 25.43 -17.64
N THR C 162 18.56 24.69 -18.70
CA THR C 162 19.12 24.92 -20.02
C THR C 162 17.96 24.96 -21.02
N ASP C 163 18.04 25.86 -22.00
CA ASP C 163 17.10 25.93 -23.13
C ASP C 163 17.94 26.27 -24.34
N GLY C 164 17.68 25.66 -25.48
CA GLY C 164 18.47 25.90 -26.66
C GLY C 164 19.05 24.67 -27.26
N SER C 165 19.33 24.77 -28.55
CA SER C 165 19.92 23.69 -29.32
C SER C 165 21.36 23.63 -28.94
N ALA C 166 21.86 22.38 -28.81
CA ALA C 166 23.29 22.05 -28.53
C ALA C 166 24.24 22.66 -29.54
N THR C 167 23.78 22.84 -30.78
CA THR C 167 24.62 23.49 -31.84
C THR C 167 24.42 25.00 -31.97
N GLY C 168 23.68 25.60 -31.02
CA GLY C 168 23.36 27.03 -31.00
C GLY C 168 24.53 28.01 -30.84
N PRO C 169 25.36 27.85 -29.78
CA PRO C 169 25.20 26.86 -28.67
C PRO C 169 24.04 27.23 -27.73
N ALA C 170 23.83 26.37 -26.74
CA ALA C 170 22.63 26.45 -25.85
C ALA C 170 22.90 27.48 -24.75
N GLU C 171 21.82 28.01 -24.16
CA GLU C 171 21.83 28.91 -22.97
C GLU C 171 21.46 28.23 -21.62
N THR C 172 22.06 28.67 -20.51
CA THR C 172 21.85 28.11 -19.20
C THR C 172 21.52 29.24 -18.28
N ARG C 173 20.60 28.99 -17.34
CA ARG C 173 20.28 29.94 -16.28
C ARG C 173 20.26 29.22 -14.94
N ILE C 174 20.55 29.96 -13.89
CA ILE C 174 20.33 29.51 -12.54
C ILE C 174 19.18 30.27 -12.02
N TYR C 175 18.13 29.55 -11.54
CA TYR C 175 17.01 30.15 -10.82
C TYR C 175 17.17 29.90 -9.38
N TYR C 176 16.83 30.89 -8.54
CA TYR C 176 16.87 30.75 -7.08
C TYR C 176 15.47 30.80 -6.55
N PHE C 177 15.00 29.68 -5.94
CA PHE C 177 13.63 29.54 -5.47
C PHE C 177 13.58 29.56 -3.97
N LYS C 178 12.49 30.06 -3.42
CA LYS C 178 12.17 29.88 -2.01
C LYS C 178 10.67 29.67 -1.89
N GLU C 179 10.26 28.54 -1.31
CA GLU C 179 8.85 28.18 -1.24
C GLU C 179 8.20 28.17 -2.60
N GLY C 180 8.95 27.74 -3.62
CA GLY C 180 8.47 27.60 -4.97
C GLY C 180 8.39 28.91 -5.75
N LYS C 181 8.77 30.03 -5.12
CA LYS C 181 8.80 31.32 -5.79
C LYS C 181 10.19 31.72 -6.24
N ILE C 182 10.25 32.33 -7.40
CA ILE C 182 11.51 32.86 -7.94
C ILE C 182 11.96 34.10 -7.15
N LEU C 183 13.14 33.97 -6.54
CA LEU C 183 13.82 35.07 -5.90
C LEU C 183 14.64 35.84 -6.89
N LYS C 184 15.19 35.18 -7.90
CA LYS C 184 16.24 35.76 -8.73
C LYS C 184 16.59 34.74 -9.77
N TRP C 185 16.93 35.15 -10.97
CA TRP C 185 17.62 34.24 -11.85
C TRP C 185 18.87 34.90 -12.41
N GLU C 186 19.79 34.12 -12.91
CA GLU C 186 20.92 34.71 -13.59
C GLU C 186 21.44 33.82 -14.72
N PRO C 187 21.91 34.42 -15.82
CA PRO C 187 22.49 33.66 -16.89
C PRO C 187 23.83 33.14 -16.51
N LEU C 188 24.24 32.05 -17.13
CA LEU C 188 25.53 31.47 -16.83
C LEU C 188 26.60 32.43 -17.29
N THR C 189 27.32 32.90 -16.27
CA THR C 189 28.61 33.51 -16.42
C THR C 189 29.73 32.48 -16.31
N GLY C 190 30.73 32.71 -17.17
CA GLY C 190 32.09 32.41 -16.83
C GLY C 190 32.69 31.57 -17.91
N THR C 191 33.57 30.70 -17.45
CA THR C 191 34.41 30.00 -18.36
C THR C 191 33.63 28.80 -18.94
N ALA C 192 32.65 28.29 -18.19
CA ALA C 192 31.81 27.22 -18.66
C ALA C 192 30.42 27.78 -18.85
N LYS C 193 30.00 27.90 -20.08
CA LYS C 193 28.68 28.49 -20.37
C LYS C 193 27.65 27.46 -20.89
N HIS C 194 28.14 26.39 -21.55
CA HIS C 194 27.25 25.42 -22.26
C HIS C 194 27.07 24.14 -21.48
N ILE C 195 26.11 24.19 -20.55
CA ILE C 195 26.01 23.31 -19.33
C ILE C 195 24.65 22.66 -19.30
N GLU C 196 24.62 21.36 -18.97
CA GLU C 196 23.41 20.70 -18.56
C GLU C 196 23.57 19.52 -17.61
N GLU C 197 22.42 19.09 -17.10
CA GLU C 197 22.25 17.90 -16.29
C GLU C 197 23.12 18.01 -15.05
N CYS C 198 22.99 19.13 -14.33
CA CYS C 198 23.85 19.39 -13.15
C CYS C 198 23.51 18.46 -12.02
N SER C 199 24.55 17.79 -11.48
CA SER C 199 24.50 17.01 -10.26
C SER C 199 25.12 17.84 -9.11
N CYS C 200 24.33 18.14 -8.06
CA CYS C 200 24.70 19.05 -6.98
C CYS C 200 24.76 18.42 -5.59
N TYR C 201 25.57 19.05 -4.76
CA TYR C 201 25.59 18.87 -3.30
C TYR C 201 25.96 20.14 -2.58
N GLY C 202 25.68 20.12 -1.30
CA GLY C 202 25.78 21.22 -0.43
C GLY C 202 26.69 20.94 0.76
N GLU C 203 27.40 22.00 1.15
CA GLU C 203 28.29 22.01 2.33
C GLU C 203 28.85 23.41 2.63
N GLN C 204 29.05 23.70 3.90
CA GLN C 204 29.66 25.00 4.33
C GLN C 204 29.04 26.19 3.55
N ALA C 205 27.70 26.27 3.59
CA ALA C 205 26.92 27.37 3.01
C ALA C 205 27.14 27.59 1.52
N GLY C 206 27.58 26.56 0.79
CA GLY C 206 27.72 26.66 -0.65
C GLY C 206 27.24 25.41 -1.38
N VAL C 207 26.87 25.57 -2.66
CA VAL C 207 26.37 24.46 -3.50
C VAL C 207 27.34 24.26 -4.62
N THR C 208 27.74 23.02 -4.82
CA THR C 208 28.59 22.65 -5.86
C THR C 208 27.88 21.69 -6.81
N CYS C 209 27.98 22.02 -8.09
CA CYS C 209 27.39 21.27 -9.16
C CYS C 209 28.41 20.88 -10.20
N THR C 210 28.37 19.62 -10.56
CA THR C 210 29.18 19.08 -11.64
C THR C 210 28.22 18.71 -12.75
N CYS C 211 28.56 19.15 -13.97
CA CYS C 211 27.65 19.09 -15.05
C CYS C 211 28.26 18.43 -16.28
N ARG C 212 27.53 18.53 -17.38
CA ARG C 212 27.85 18.01 -18.69
C ARG C 212 27.92 19.26 -19.63
N ASP C 213 29.04 19.38 -20.33
CA ASP C 213 29.22 20.35 -21.38
C ASP C 213 28.48 19.85 -22.67
N ASN C 214 27.57 20.68 -23.18
CA ASN C 214 26.79 20.28 -24.36
C ASN C 214 27.36 20.83 -25.68
N TRP C 215 28.55 21.40 -25.62
CA TRP C 215 29.13 21.97 -26.83
C TRP C 215 30.28 21.04 -27.25
N GLN C 216 31.32 20.93 -26.43
CA GLN C 216 32.60 20.37 -26.86
C GLN C 216 33.36 19.52 -25.80
N GLY C 217 32.59 18.89 -24.89
CA GLY C 217 33.10 18.28 -23.64
C GLY C 217 33.65 16.85 -23.54
N SER C 218 34.47 16.71 -22.48
CA SER C 218 35.37 15.59 -22.14
C SER C 218 35.56 15.63 -20.62
N ASN C 219 36.09 16.79 -20.19
CA ASN C 219 36.09 17.25 -18.82
C ASN C 219 34.75 17.99 -18.47
N ARG C 220 34.42 18.01 -17.18
CA ARG C 220 33.11 18.42 -16.81
C ARG C 220 33.19 19.79 -16.26
N PRO C 221 32.21 20.60 -16.63
CA PRO C 221 32.06 21.91 -16.01
C PRO C 221 31.61 21.78 -14.61
N VAL C 222 31.94 22.79 -13.82
CA VAL C 222 31.59 22.93 -12.44
C VAL C 222 31.09 24.33 -12.17
N ILE C 223 29.99 24.43 -11.43
CA ILE C 223 29.40 25.65 -10.98
C ILE C 223 29.42 25.62 -9.47
N GLN C 224 29.85 26.70 -8.87
CA GLN C 224 29.85 26.93 -7.47
C GLN C 224 28.90 28.01 -7.21
N ILE C 225 27.89 27.72 -6.43
CA ILE C 225 26.80 28.64 -6.16
C ILE C 225 26.82 29.03 -4.71
N ASP C 226 26.70 30.33 -4.45
CA ASP C 226 26.47 30.89 -3.13
C ASP C 226 24.98 31.19 -2.96
N PRO C 227 24.27 30.34 -2.21
CA PRO C 227 22.81 30.44 -2.12
C PRO C 227 22.33 31.60 -1.22
N VAL C 228 23.25 32.31 -0.55
CA VAL C 228 22.92 33.45 0.31
C VAL C 228 22.99 34.76 -0.54
N ALA C 229 24.16 35.01 -1.13
CA ALA C 229 24.36 36.07 -2.12
C ALA C 229 23.61 35.78 -3.43
N MET C 230 23.46 34.49 -3.78
CA MET C 230 22.74 34.06 -4.98
C MET C 230 23.55 34.53 -6.16
N THR C 231 24.82 34.12 -6.13
CA THR C 231 25.76 34.34 -7.18
C THR C 231 26.51 33.05 -7.41
N HIS C 232 27.22 32.98 -8.52
CA HIS C 232 27.92 31.75 -8.80
C HIS C 232 29.21 32.05 -9.49
N THR C 233 30.10 31.07 -9.55
CA THR C 233 31.19 31.04 -10.50
C THR C 233 31.05 29.81 -11.33
N SER C 234 31.85 29.72 -12.37
CA SER C 234 32.03 28.51 -13.11
C SER C 234 33.47 28.25 -13.62
N GLN C 235 33.85 26.97 -13.70
CA GLN C 235 35.08 26.55 -14.33
C GLN C 235 34.91 25.12 -14.80
N TYR C 236 35.98 24.50 -15.26
CA TYR C 236 36.05 23.10 -15.49
C TYR C 236 36.93 22.37 -14.49
N ILE C 237 36.71 21.05 -14.38
CA ILE C 237 37.61 20.19 -13.60
C ILE C 237 38.92 20.12 -14.39
N CYS C 238 40.02 20.58 -13.76
CA CYS C 238 41.38 20.57 -14.40
C CYS C 238 41.92 19.22 -14.66
N SER C 239 41.55 18.24 -13.82
CA SER C 239 42.16 16.93 -13.89
C SER C 239 42.17 16.34 -15.29
N PRO C 240 43.27 15.67 -15.67
CA PRO C 240 43.28 14.81 -16.85
C PRO C 240 42.53 13.46 -16.70
N VAL C 241 41.98 13.15 -15.53
CA VAL C 241 41.04 11.99 -15.39
C VAL C 241 39.70 12.50 -15.94
N LEU C 242 39.41 12.21 -17.18
CA LEU C 242 38.22 12.77 -17.88
C LEU C 242 37.02 11.82 -17.54
N THR C 243 35.89 12.44 -17.23
CA THR C 243 34.78 11.74 -16.62
C THR C 243 33.49 11.84 -17.42
N ASP C 244 33.52 12.45 -18.61
CA ASP C 244 32.39 12.35 -19.55
C ASP C 244 32.42 11.04 -20.35
N ASN C 245 31.49 10.86 -21.25
CA ASN C 245 31.39 9.66 -22.01
C ASN C 245 30.43 9.97 -23.22
N PRO C 246 30.90 9.76 -24.43
CA PRO C 246 32.26 9.33 -24.77
C PRO C 246 33.32 10.43 -24.51
N ARG C 247 34.55 9.97 -24.52
CA ARG C 247 35.67 10.81 -24.17
C ARG C 247 36.92 10.23 -24.82
N PRO C 248 37.95 11.11 -25.02
CA PRO C 248 39.19 10.56 -25.38
C PRO C 248 39.87 9.88 -24.20
N ASN C 249 40.99 9.22 -24.51
CA ASN C 249 41.80 8.59 -23.51
C ASN C 249 42.38 9.64 -22.62
N ASP C 250 42.58 9.31 -21.34
CA ASP C 250 43.11 10.29 -20.35
C ASP C 250 44.48 10.81 -20.84
N PRO C 251 44.67 12.14 -20.90
CA PRO C 251 45.96 12.73 -21.16
C PRO C 251 46.80 12.89 -19.87
N THR C 252 47.93 13.53 -20.03
CA THR C 252 48.79 13.87 -18.92
C THR C 252 48.39 15.15 -18.34
N VAL C 253 47.93 16.08 -19.16
CA VAL C 253 47.61 17.41 -18.70
C VAL C 253 46.20 17.76 -19.15
N GLY C 254 45.37 18.25 -18.22
CA GLY C 254 43.97 18.58 -18.49
C GLY C 254 43.83 20.08 -18.70
N LYS C 255 42.60 20.59 -18.61
CA LYS C 255 42.27 22.00 -18.91
C LYS C 255 41.23 22.55 -17.95
N CYS C 256 41.54 23.71 -17.38
CA CYS C 256 40.76 24.29 -16.31
C CYS C 256 39.71 25.28 -16.77
N ASN C 257 39.91 25.82 -17.98
CA ASN C 257 39.11 26.95 -18.39
C ASN C 257 38.51 26.77 -19.74
N ASP C 258 38.64 25.57 -20.27
CA ASP C 258 38.13 25.25 -21.59
C ASP C 258 37.80 23.76 -21.61
N PRO C 259 36.81 23.36 -22.45
CA PRO C 259 36.59 21.92 -22.61
C PRO C 259 37.83 21.22 -23.17
N TYR C 260 38.15 20.03 -22.67
CA TYR C 260 39.19 19.22 -23.27
C TYR C 260 38.63 18.71 -24.62
N PRO C 261 39.42 18.86 -25.69
CA PRO C 261 39.05 18.40 -27.05
C PRO C 261 38.49 16.99 -27.03
N GLY C 262 37.27 16.81 -27.52
CA GLY C 262 36.71 15.50 -27.56
C GLY C 262 35.54 15.42 -28.49
N ASN C 263 34.50 14.81 -27.99
CA ASN C 263 33.31 14.57 -28.77
C ASN C 263 32.52 15.89 -29.13
N ASN C 264 31.69 15.82 -30.18
CA ASN C 264 30.73 16.87 -30.54
C ASN C 264 29.40 16.62 -29.80
N ASN C 265 29.05 17.52 -28.88
CA ASN C 265 27.67 17.57 -28.28
C ASN C 265 27.27 16.44 -27.28
N ASN C 266 27.03 15.22 -27.74
CA ASN C 266 26.63 14.16 -26.81
C ASN C 266 27.64 13.83 -25.62
N GLY C 267 27.10 13.28 -24.52
CA GLY C 267 27.82 13.04 -23.27
C GLY C 267 26.86 12.25 -22.36
N VAL C 268 27.06 12.40 -21.05
CA VAL C 268 26.30 11.65 -20.06
C VAL C 268 26.29 12.47 -18.78
N LYS C 269 25.17 12.44 -18.08
CA LYS C 269 25.09 13.10 -16.80
C LYS C 269 26.02 12.34 -15.82
N GLY C 270 26.75 13.13 -15.03
CA GLY C 270 27.65 12.56 -14.03
C GLY C 270 27.84 13.48 -12.87
N PHE C 271 28.77 13.13 -12.00
CA PHE C 271 29.00 13.93 -10.83
C PHE C 271 30.45 13.78 -10.35
N SER C 272 30.78 14.59 -9.36
CA SER C 272 32.00 14.46 -8.57
C SER C 272 31.75 15.03 -7.17
N TYR C 273 32.65 14.76 -6.23
CA TYR C 273 32.72 15.44 -4.95
C TYR C 273 34.11 16.08 -4.93
N LEU C 274 34.13 17.39 -4.84
CA LEU C 274 35.33 18.20 -5.03
C LEU C 274 35.62 18.81 -3.68
N ASP C 275 36.62 18.30 -2.99
CA ASP C 275 36.86 18.64 -1.60
C ASP C 275 38.38 18.55 -1.34
N GLY C 276 39.19 19.13 -2.22
CA GLY C 276 40.64 19.22 -1.92
C GLY C 276 41.24 17.87 -2.01
N GLY C 277 41.98 17.45 -0.97
CA GLY C 277 42.58 16.12 -0.99
C GLY C 277 41.57 14.98 -0.82
N ASN C 278 40.32 15.33 -0.50
CA ASN C 278 39.25 14.36 -0.22
C ASN C 278 38.32 14.37 -1.43
N THR C 279 38.87 14.43 -2.63
CA THR C 279 38.13 14.62 -3.84
C THR C 279 38.00 13.26 -4.54
N TRP C 280 36.73 12.93 -4.90
CA TRP C 280 36.47 11.75 -5.69
C TRP C 280 35.58 12.05 -6.93
N LEU C 281 35.98 11.45 -8.05
CA LEU C 281 35.34 11.55 -9.33
C LEU C 281 34.67 10.23 -9.66
N GLY C 282 33.45 10.32 -10.23
CA GLY C 282 32.78 9.20 -10.83
C GLY C 282 32.94 9.24 -12.34
N ARG C 283 32.98 8.08 -12.94
CA ARG C 283 32.93 8.02 -14.37
C ARG C 283 32.54 6.63 -14.84
N THR C 284 32.05 6.52 -16.08
CA THR C 284 31.96 5.21 -16.69
C THR C 284 33.37 4.63 -16.95
N ILE C 285 33.49 3.31 -16.88
CA ILE C 285 34.83 2.75 -17.05
C ILE C 285 35.11 2.90 -18.56
N SER C 286 34.16 2.52 -19.37
CA SER C 286 34.33 2.65 -20.79
C SER C 286 34.42 4.07 -21.26
N VAL C 287 35.35 4.29 -22.22
CA VAL C 287 35.59 5.61 -22.81
C VAL C 287 34.54 6.01 -23.85
N ALA C 288 33.83 5.05 -24.42
CA ALA C 288 32.90 5.28 -25.52
C ALA C 288 31.44 4.79 -25.25
N SER C 289 31.24 3.77 -24.42
CA SER C 289 29.91 3.35 -24.14
C SER C 289 29.53 3.51 -22.65
N ARG C 290 28.23 3.60 -22.38
CA ARG C 290 27.74 3.65 -21.02
C ARG C 290 27.82 2.29 -20.37
N SER C 291 29.05 1.93 -20.03
CA SER C 291 29.46 0.64 -19.59
C SER C 291 30.37 0.82 -18.40
N GLY C 292 30.05 0.11 -17.33
CA GLY C 292 30.81 0.18 -16.12
C GLY C 292 30.71 1.47 -15.39
N TYR C 293 31.18 1.45 -14.17
CA TYR C 293 31.23 2.68 -13.33
C TYR C 293 32.32 2.55 -12.25
N GLU C 294 33.04 3.63 -11.98
CA GLU C 294 34.10 3.56 -10.98
C GLU C 294 34.21 4.92 -10.36
N MET C 295 34.59 4.92 -9.10
CA MET C 295 34.94 6.07 -8.29
C MET C 295 36.48 6.13 -8.23
N LEU C 296 37.04 7.31 -8.49
CA LEU C 296 38.49 7.56 -8.40
C LEU C 296 38.80 8.70 -7.48
N LYS C 297 39.69 8.44 -6.52
CA LYS C 297 40.13 9.49 -5.62
C LYS C 297 41.21 10.27 -6.38
N VAL C 298 40.98 11.57 -6.59
CA VAL C 298 41.83 12.39 -7.43
C VAL C 298 42.05 13.70 -6.75
N PRO C 299 43.08 13.76 -5.87
CA PRO C 299 43.28 14.92 -5.00
C PRO C 299 43.36 16.19 -5.81
N ASN C 300 42.64 17.21 -5.40
CA ASN C 300 42.65 18.49 -6.04
C ASN C 300 42.30 18.48 -7.52
N ALA C 301 41.46 17.53 -7.92
CA ALA C 301 41.01 17.40 -9.29
C ALA C 301 40.54 18.75 -9.83
N LEU C 302 39.86 19.53 -9.01
CA LEU C 302 39.31 20.75 -9.45
C LEU C 302 40.39 21.74 -9.96
N THR C 303 41.48 21.88 -9.20
CA THR C 303 42.54 22.91 -9.41
C THR C 303 43.87 22.40 -10.03
N ASP C 304 44.12 21.08 -9.98
CA ASP C 304 45.36 20.47 -10.45
C ASP C 304 45.29 19.73 -11.79
N ASP C 305 45.87 20.33 -12.81
CA ASP C 305 45.77 19.83 -14.16
C ASP C 305 46.66 18.66 -14.48
N ARG C 306 47.35 18.15 -13.49
CA ARG C 306 48.10 16.89 -13.61
C ARG C 306 47.57 15.76 -12.69
N SER C 307 46.59 16.08 -11.84
CA SER C 307 46.04 15.13 -10.86
C SER C 307 45.53 13.84 -11.46
N LYS C 308 46.01 12.77 -10.88
CA LYS C 308 45.68 11.40 -11.24
C LYS C 308 45.20 10.66 -9.98
N PRO C 309 44.62 9.45 -10.17
CA PRO C 309 44.06 8.66 -9.07
C PRO C 309 45.09 8.19 -8.05
N THR C 310 44.78 8.39 -6.77
CA THR C 310 45.56 7.77 -5.68
C THR C 310 44.87 6.57 -5.00
N GLN C 311 43.58 6.40 -5.33
CA GLN C 311 42.75 5.35 -4.82
C GLN C 311 41.53 5.26 -5.76
N GLY C 312 40.92 4.08 -5.82
CA GLY C 312 39.67 3.86 -6.56
C GLY C 312 38.78 2.78 -6.00
N GLN C 313 37.61 2.64 -6.65
CA GLN C 313 36.63 1.60 -6.31
C GLN C 313 35.77 1.36 -7.56
N THR C 314 35.79 0.15 -8.06
CA THR C 314 34.83 -0.30 -9.05
C THR C 314 33.43 -0.44 -8.45
N ILE C 315 32.49 0.23 -9.12
CA ILE C 315 31.07 0.15 -8.75
C ILE C 315 30.31 -0.81 -9.64
N VAL C 316 30.52 -0.68 -10.93
CA VAL C 316 29.90 -1.56 -11.91
C VAL C 316 30.96 -2.04 -12.89
N LEU C 317 31.01 -3.34 -13.15
CA LEU C 317 32.03 -3.87 -14.06
C LEU C 317 31.80 -3.25 -15.44
N ASN C 318 32.90 -3.18 -16.16
CA ASN C 318 32.93 -2.72 -17.50
C ASN C 318 32.09 -3.50 -18.47
N THR C 319 31.92 -4.77 -18.23
CA THR C 319 31.06 -5.57 -19.04
C THR C 319 29.56 -5.47 -18.64
N ASP C 320 29.21 -4.52 -17.78
CA ASP C 320 27.82 -4.33 -17.38
C ASP C 320 27.40 -2.91 -17.72
N TRP C 321 26.12 -2.75 -18.08
CA TRP C 321 25.57 -1.43 -18.46
C TRP C 321 25.40 -0.48 -17.31
N SER C 322 25.76 0.78 -17.53
CA SER C 322 25.54 1.83 -16.59
C SER C 322 24.71 2.91 -17.28
N GLY C 323 25.00 4.18 -17.03
CA GLY C 323 24.13 5.24 -17.44
C GLY C 323 24.43 6.51 -16.69
N TYR C 324 23.37 7.27 -16.46
CA TYR C 324 23.43 8.53 -15.69
C TYR C 324 23.94 8.24 -14.29
N SER C 325 24.52 9.26 -13.68
CA SER C 325 24.91 9.20 -12.29
C SER C 325 24.78 10.56 -11.71
N GLY C 326 24.64 10.63 -10.40
CA GLY C 326 24.40 11.89 -9.76
C GLY C 326 24.66 11.81 -8.25
N SER C 327 24.68 13.00 -7.62
CA SER C 327 24.95 13.07 -6.27
C SER C 327 23.68 13.42 -5.47
N PHE C 328 23.72 13.02 -4.19
CA PHE C 328 22.73 13.42 -3.16
C PHE C 328 23.36 13.23 -1.79
N MET C 329 22.83 13.86 -0.77
CA MET C 329 23.25 13.52 0.59
C MET C 329 22.05 13.64 1.46
N ASP C 330 22.08 12.90 2.55
CA ASP C 330 21.17 13.09 3.67
C ASP C 330 21.62 14.18 4.61
N TYR C 331 21.03 15.36 4.39
CA TYR C 331 21.27 16.58 5.08
C TYR C 331 20.72 16.58 6.45
N TRP C 332 20.00 15.52 6.83
CA TRP C 332 19.36 15.42 8.13
C TRP C 332 19.86 14.23 9.00
N ALA C 333 21.01 13.62 8.66
CA ALA C 333 21.55 12.52 9.41
C ALA C 333 22.21 13.11 10.69
N GLU C 334 22.65 12.22 11.56
CA GLU C 334 23.30 12.60 12.82
C GLU C 334 24.77 12.76 12.48
N GLY C 335 25.53 13.45 13.32
CA GLY C 335 27.01 13.40 13.23
C GLY C 335 27.44 14.75 12.85
N GLU C 336 28.72 14.91 12.56
CA GLU C 336 29.32 16.23 12.44
C GLU C 336 29.68 16.60 10.99
N CYS C 337 29.53 15.66 10.08
CA CYS C 337 29.74 15.95 8.67
C CYS C 337 28.59 15.38 7.81
N TYR C 338 28.48 15.85 6.58
CA TYR C 338 27.60 15.22 5.60
C TYR C 338 28.30 14.07 4.87
N ARG C 339 27.62 12.95 4.76
CA ARG C 339 28.16 11.78 4.08
C ARG C 339 27.80 11.79 2.58
N ALA C 340 28.84 11.91 1.72
CA ALA C 340 28.69 11.87 0.29
C ALA C 340 27.99 10.60 -0.18
N CYS C 341 26.99 10.72 -1.05
CA CYS C 341 26.35 9.61 -1.73
C CYS C 341 26.15 9.87 -3.21
N PHE C 342 25.87 8.79 -3.91
CA PHE C 342 25.62 8.90 -5.30
C PHE C 342 24.84 7.68 -5.74
N TYR C 343 24.27 7.77 -6.96
CA TYR C 343 23.54 6.67 -7.62
C TYR C 343 24.12 6.52 -8.99
N VAL C 344 23.95 5.34 -9.52
CA VAL C 344 24.20 5.03 -10.91
C VAL C 344 22.90 4.38 -11.48
N GLU C 345 22.43 4.93 -12.60
CA GLU C 345 21.35 4.38 -13.43
C GLU C 345 21.95 3.24 -14.22
N LEU C 346 21.32 2.05 -14.10
CA LEU C 346 21.73 0.87 -14.84
C LEU C 346 20.70 0.63 -15.96
N ILE C 347 21.01 1.15 -17.16
CA ILE C 347 20.17 1.09 -18.34
C ILE C 347 20.10 -0.25 -18.98
N ARG C 348 18.87 -0.74 -19.16
CA ARG C 348 18.61 -1.95 -19.93
C ARG C 348 17.67 -1.72 -21.15
N GLY C 349 17.83 -2.58 -22.13
CA GLY C 349 17.07 -2.52 -23.37
C GLY C 349 17.75 -1.60 -24.37
N ARG C 350 16.94 -0.95 -25.18
CA ARG C 350 17.43 -0.14 -26.27
C ARG C 350 18.18 1.09 -25.80
N PRO C 351 19.17 1.52 -26.61
CA PRO C 351 19.67 0.93 -27.93
C PRO C 351 20.55 -0.31 -27.89
N LYS C 352 21.24 -0.56 -26.77
CA LYS C 352 22.20 -1.64 -26.66
C LYS C 352 21.65 -3.04 -26.77
N GLU C 353 20.47 -3.28 -26.21
CA GLU C 353 19.87 -4.59 -26.16
C GLU C 353 18.55 -4.45 -26.93
N ASP C 354 18.66 -4.59 -28.23
CA ASP C 354 17.55 -4.25 -29.11
C ASP C 354 16.68 -5.48 -29.44
N LYS C 355 16.90 -6.59 -28.77
CA LYS C 355 16.05 -7.73 -28.88
C LYS C 355 14.77 -7.57 -28.03
N VAL C 356 14.76 -6.64 -27.10
CA VAL C 356 13.52 -6.12 -26.50
C VAL C 356 13.13 -4.76 -27.15
N TRP C 357 11.89 -4.33 -26.98
CA TRP C 357 11.42 -3.10 -27.64
C TRP C 357 11.39 -1.95 -26.67
N TRP C 358 11.74 -2.21 -25.43
CA TRP C 358 11.73 -1.15 -24.41
C TRP C 358 13.13 -0.67 -24.02
N THR C 359 13.16 0.42 -23.21
CA THR C 359 14.34 0.93 -22.54
C THR C 359 13.83 1.24 -21.11
N SER C 360 14.50 0.69 -20.10
CA SER C 360 14.27 1.02 -18.71
C SER C 360 15.64 0.96 -17.93
N ASN C 361 15.59 1.04 -16.64
CA ASN C 361 16.77 1.05 -15.81
C ASN C 361 16.45 0.46 -14.46
N SER C 362 17.49 0.10 -13.72
CA SER C 362 17.42 -0.01 -12.27
C SER C 362 18.41 0.94 -11.61
N ILE C 363 18.49 0.95 -10.28
CA ILE C 363 19.30 1.88 -9.54
C ILE C 363 20.26 1.11 -8.61
N VAL C 364 21.49 1.58 -8.51
CA VAL C 364 22.37 1.26 -7.40
C VAL C 364 22.87 2.57 -6.85
N SER C 365 23.02 2.61 -5.56
CA SER C 365 23.33 3.82 -4.87
C SER C 365 24.36 3.45 -3.75
N MET C 366 25.34 4.35 -3.51
CA MET C 366 26.37 4.18 -2.46
C MET C 366 26.61 5.42 -1.69
N CYS C 367 27.00 5.26 -0.43
CA CYS C 367 27.43 6.34 0.45
C CYS C 367 28.86 6.11 0.87
N SER C 368 29.50 7.20 1.27
CA SER C 368 30.91 7.13 1.61
C SER C 368 31.10 6.54 3.02
N SER C 369 32.19 5.81 3.12
CA SER C 369 32.71 5.33 4.44
C SER C 369 34.08 5.94 4.83
N THR C 370 34.30 6.16 6.11
CA THR C 370 35.60 6.57 6.63
C THR C 370 36.44 5.31 6.84
N GLU C 371 35.88 4.12 6.63
CA GLU C 371 36.64 2.89 6.60
C GLU C 371 37.13 2.62 5.21
N PHE C 372 38.13 1.76 5.11
CA PHE C 372 38.62 1.24 3.82
C PHE C 372 38.01 -0.08 3.50
N LEU C 373 36.81 -0.10 2.90
CA LEU C 373 36.03 -1.32 2.80
C LEU C 373 36.30 -2.11 1.53
N GLY C 374 36.16 -3.42 1.61
CA GLY C 374 36.18 -4.29 0.43
C GLY C 374 35.22 -3.81 -0.66
N GLN C 375 35.60 -4.00 -1.91
CA GLN C 375 34.67 -3.65 -3.02
C GLN C 375 34.01 -4.83 -3.65
N TRP C 376 32.73 -4.63 -4.01
CA TRP C 376 32.04 -5.53 -4.94
C TRP C 376 31.70 -4.78 -6.23
N ASN C 377 31.04 -5.46 -7.13
CA ASN C 377 30.44 -4.82 -8.27
C ASN C 377 28.94 -5.13 -8.24
N TRP C 378 28.18 -4.21 -8.79
CA TRP C 378 26.75 -4.16 -8.63
C TRP C 378 25.99 -4.05 -9.94
N PRO C 379 25.83 -5.16 -10.63
CA PRO C 379 25.14 -5.12 -11.91
C PRO C 379 23.60 -4.96 -11.80
N ASP C 380 22.98 -4.60 -12.90
CA ASP C 380 21.52 -4.56 -12.95
C ASP C 380 20.98 -5.94 -12.51
N GLY C 381 21.53 -7.01 -13.09
CA GLY C 381 21.19 -8.39 -12.77
C GLY C 381 20.11 -9.14 -13.53
N ALA C 382 19.41 -8.47 -14.44
CA ALA C 382 18.35 -9.10 -15.29
C ALA C 382 18.96 -9.82 -16.51
N LYS C 383 18.30 -10.87 -16.95
CA LYS C 383 18.65 -11.55 -18.17
C LYS C 383 17.66 -11.09 -19.22
N ILE C 384 18.16 -10.38 -20.23
CA ILE C 384 17.34 -10.02 -21.40
C ILE C 384 16.64 -11.20 -22.08
N GLU C 385 17.29 -12.34 -22.19
CA GLU C 385 16.67 -13.44 -22.89
C GLU C 385 15.35 -13.82 -22.20
N TYR C 386 15.19 -13.47 -20.93
CA TYR C 386 13.94 -13.78 -20.19
C TYR C 386 12.73 -13.00 -20.70
N PHE C 387 13.01 -11.84 -21.23
CA PHE C 387 12.03 -10.93 -21.76
C PHE C 387 11.59 -11.18 -23.21
N LEU C 388 12.15 -12.18 -23.85
CA LEU C 388 11.93 -12.45 -25.27
C LEU C 388 10.80 -13.42 -25.48
N ARG D 1 10.50 6.47 23.44
CA ARG D 1 11.36 7.55 24.03
C ARG D 1 12.43 7.00 24.96
N GLU D 2 12.22 5.87 25.61
CA GLU D 2 13.26 5.31 26.49
C GLU D 2 13.87 3.99 25.98
N PHE D 3 15.16 3.79 26.16
CA PHE D 3 15.80 2.49 25.82
C PHE D 3 15.17 1.34 26.62
N ASN D 4 14.84 0.24 25.95
CA ASN D 4 14.42 -0.96 26.69
C ASN D 4 15.49 -1.63 27.57
N ASN D 5 15.10 -2.01 28.80
CA ASN D 5 15.91 -2.83 29.66
C ASN D 5 15.27 -4.16 29.84
N LEU D 6 16.10 -5.17 29.91
CA LEU D 6 15.66 -6.59 30.05
C LEU D 6 15.38 -6.84 31.55
N THR D 7 14.19 -6.46 32.01
CA THR D 7 13.90 -6.51 33.42
C THR D 7 13.04 -7.68 33.84
N LYS D 8 12.52 -8.47 32.91
CA LYS D 8 11.76 -9.64 33.20
C LYS D 8 12.49 -10.97 32.91
N GLY D 9 11.97 -12.02 33.54
CA GLY D 9 12.34 -13.40 33.25
C GLY D 9 11.35 -13.97 32.24
N LEU D 10 11.56 -15.21 31.91
CA LEU D 10 10.73 -15.88 30.91
C LEU D 10 9.42 -16.37 31.51
N CYS D 11 8.30 -16.25 30.79
CA CYS D 11 7.10 -16.95 31.25
C CYS D 11 7.33 -18.46 31.32
N THR D 12 6.54 -19.12 32.14
CA THR D 12 6.45 -20.56 32.13
C THR D 12 5.85 -21.07 30.80
N ILE D 13 6.61 -21.95 30.16
CA ILE D 13 6.29 -22.63 28.88
C ILE D 13 5.70 -24.00 29.17
N ASN D 14 4.39 -24.10 29.06
CA ASN D 14 3.71 -25.36 29.16
C ASN D 14 3.24 -25.96 27.81
N SER D 15 3.30 -25.16 26.77
CA SER D 15 2.99 -25.60 25.41
C SER D 15 3.29 -24.36 24.53
N TRP D 16 3.02 -24.50 23.22
CA TRP D 16 3.23 -23.41 22.26
C TRP D 16 1.98 -23.20 21.45
N HIS D 17 1.65 -21.93 21.13
CA HIS D 17 0.46 -21.55 20.36
C HIS D 17 0.95 -20.92 19.06
N ILE D 18 0.17 -21.05 18.00
CA ILE D 18 0.46 -20.40 16.73
C ILE D 18 0.46 -18.85 16.92
N TYR D 19 1.46 -18.23 16.29
CA TYR D 19 1.66 -16.80 16.40
C TYR D 19 1.46 -16.13 15.04
N GLY D 20 2.15 -16.63 14.02
CA GLY D 20 2.08 -16.10 12.66
C GLY D 20 2.48 -17.17 11.67
N LYS D 21 1.96 -17.04 10.45
CA LYS D 21 2.17 -18.00 9.37
C LYS D 21 1.85 -17.22 8.06
N ASP D 22 2.81 -17.13 7.12
CA ASP D 22 2.56 -16.34 5.91
C ASP D 22 2.07 -17.07 4.66
N ASN D 23 2.18 -18.42 4.64
CA ASN D 23 1.74 -19.20 3.49
C ASN D 23 2.29 -18.63 2.21
N ALA D 24 3.53 -18.11 2.28
CA ALA D 24 4.08 -17.35 1.17
C ALA D 24 4.23 -18.13 -0.16
N VAL D 25 4.60 -19.40 -0.13
CA VAL D 25 4.81 -20.19 -1.35
C VAL D 25 3.50 -20.50 -1.98
N ARG D 26 2.51 -20.87 -1.16
CA ARG D 26 1.14 -21.11 -1.68
C ARG D 26 0.66 -19.87 -2.42
N ILE D 27 0.71 -18.74 -1.71
CA ILE D 27 0.16 -17.51 -2.22
C ILE D 27 0.92 -17.05 -3.49
N GLY D 28 2.26 -17.16 -3.40
CA GLY D 28 3.18 -16.73 -4.45
C GLY D 28 3.08 -17.55 -5.75
N GLU D 29 2.42 -18.70 -5.67
CA GLU D 29 2.04 -19.40 -6.91
C GLU D 29 1.29 -18.50 -7.93
N ASP D 30 0.56 -17.49 -7.52
CA ASP D 30 -0.21 -16.66 -8.47
C ASP D 30 -0.32 -15.24 -7.87
N SER D 31 0.72 -14.80 -7.21
CA SER D 31 0.91 -13.41 -6.85
C SER D 31 2.38 -13.03 -6.79
N ASP D 32 2.63 -11.72 -6.72
CA ASP D 32 4.02 -11.19 -6.84
C ASP D 32 4.74 -11.24 -5.46
N VAL D 33 5.00 -12.45 -5.05
CA VAL D 33 5.69 -12.74 -3.83
C VAL D 33 7.19 -12.88 -4.17
N LEU D 34 8.00 -12.15 -3.42
CA LEU D 34 9.44 -12.26 -3.48
C LEU D 34 9.97 -13.60 -3.03
N VAL D 35 10.93 -14.13 -3.81
CA VAL D 35 11.80 -15.22 -3.30
C VAL D 35 12.65 -14.76 -2.07
N THR D 36 12.67 -15.59 -1.03
CA THR D 36 13.42 -15.33 0.16
C THR D 36 14.12 -16.58 0.70
N ARG D 37 14.93 -16.36 1.71
CA ARG D 37 15.38 -17.38 2.61
C ARG D 37 15.95 -16.67 3.81
N GLU D 38 16.35 -17.42 4.82
CA GLU D 38 16.86 -16.90 6.10
C GLU D 38 15.95 -15.89 6.76
N PRO D 39 14.72 -16.32 7.06
CA PRO D 39 13.75 -15.46 7.66
C PRO D 39 13.90 -15.36 9.17
N TYR D 40 13.20 -14.40 9.74
CA TYR D 40 13.12 -14.24 11.18
C TYR D 40 11.99 -13.30 11.55
N VAL D 41 11.85 -13.00 12.83
CA VAL D 41 10.80 -12.13 13.37
C VAL D 41 11.45 -11.18 14.35
N SER D 42 10.99 -9.97 14.39
CA SER D 42 11.47 -8.98 15.30
C SER D 42 10.39 -7.95 15.54
N CYS D 43 10.31 -7.49 16.82
CA CYS D 43 9.37 -6.47 17.26
C CYS D 43 9.93 -5.08 17.57
N ASP D 44 9.11 -4.09 17.25
CA ASP D 44 9.29 -2.71 17.59
C ASP D 44 8.37 -2.53 18.78
N PRO D 45 8.50 -1.42 19.50
CA PRO D 45 7.54 -1.16 20.58
C PRO D 45 6.06 -1.20 20.20
N ASP D 46 5.73 -0.94 18.94
CA ASP D 46 4.33 -0.87 18.53
C ASP D 46 3.89 -1.85 17.41
N GLU D 47 4.75 -2.81 17.03
CA GLU D 47 4.52 -3.67 15.83
C GLU D 47 5.51 -4.81 15.83
N CYS D 48 5.05 -6.02 15.55
CA CYS D 48 5.94 -7.07 15.18
C CYS D 48 5.88 -7.35 13.69
N ARG D 49 7.07 -7.68 13.12
CA ARG D 49 7.18 -7.91 11.68
C ARG D 49 7.95 -9.13 11.33
N PHE D 50 7.73 -9.59 10.12
CA PHE D 50 8.56 -10.60 9.49
C PHE D 50 9.71 -9.97 8.72
N TYR D 51 10.89 -10.65 8.75
CA TYR D 51 12.18 -10.24 8.13
C TYR D 51 12.67 -11.43 7.33
N ALA D 52 13.35 -11.18 6.22
CA ALA D 52 14.06 -12.18 5.49
C ALA D 52 15.03 -11.53 4.51
N LEU D 53 15.94 -12.37 3.97
CA LEU D 53 16.73 -11.98 2.80
C LEU D 53 16.01 -12.31 1.50
N SER D 54 15.61 -11.23 0.82
CA SER D 54 15.06 -11.30 -0.50
C SER D 54 16.07 -11.82 -1.50
N GLN D 55 15.60 -12.37 -2.61
CA GLN D 55 16.53 -12.72 -3.71
C GLN D 55 16.38 -11.80 -4.92
N GLY D 56 15.58 -10.75 -4.80
CA GLY D 56 15.48 -9.72 -5.85
C GLY D 56 14.78 -10.21 -7.08
N THR D 57 13.71 -10.99 -6.85
CA THR D 57 12.95 -11.66 -7.88
C THR D 57 11.70 -12.23 -7.21
N THR D 58 10.65 -12.36 -8.00
CA THR D 58 9.49 -13.13 -7.56
C THR D 58 9.70 -14.60 -7.81
N ILE D 59 8.83 -15.43 -7.22
CA ILE D 59 8.95 -16.84 -7.32
C ILE D 59 8.63 -17.32 -8.71
N ARG D 60 7.52 -16.82 -9.25
CA ARG D 60 7.09 -17.16 -10.62
C ARG D 60 7.96 -16.44 -11.66
N GLY D 61 8.76 -15.46 -11.27
CA GLY D 61 9.64 -14.79 -12.22
C GLY D 61 10.75 -15.70 -12.71
N LYS D 62 11.22 -15.46 -13.93
CA LYS D 62 12.28 -16.27 -14.54
C LYS D 62 13.59 -16.15 -13.81
N HIS D 63 13.80 -15.03 -13.13
CA HIS D 63 15.00 -14.86 -12.30
C HIS D 63 15.03 -15.63 -10.99
N SER D 64 13.97 -16.35 -10.69
CA SER D 64 13.99 -17.32 -9.55
C SER D 64 14.89 -18.52 -9.84
N ASN D 65 15.14 -18.75 -11.11
CA ASN D 65 16.14 -19.75 -11.51
C ASN D 65 17.48 -19.42 -10.91
N GLY D 66 17.96 -20.31 -10.04
CA GLY D 66 19.31 -20.18 -9.48
C GLY D 66 19.29 -19.65 -8.06
N THR D 67 18.13 -19.53 -7.42
CA THR D 67 18.04 -18.92 -6.11
C THR D 67 18.41 -19.89 -4.98
N ILE D 68 18.83 -21.12 -5.33
CA ILE D 68 19.51 -21.93 -4.30
C ILE D 68 20.74 -21.17 -3.77
N HIS D 69 21.34 -20.27 -4.57
CA HIS D 69 22.62 -19.69 -4.16
C HIS D 69 22.40 -18.62 -3.06
N ASP D 70 23.25 -18.64 -2.06
CA ASP D 70 23.21 -17.75 -0.91
C ASP D 70 23.58 -16.30 -1.15
N ARG D 71 24.61 -16.04 -1.98
CA ARG D 71 25.23 -14.70 -2.00
C ARG D 71 25.22 -14.04 -3.38
N SER D 72 24.45 -12.98 -3.54
CA SER D 72 24.37 -12.28 -4.82
C SER D 72 24.10 -10.86 -4.44
N GLN D 73 24.28 -10.04 -5.46
CA GLN D 73 24.12 -8.63 -5.42
C GLN D 73 22.70 -8.21 -5.40
N TYR D 74 21.80 -9.19 -5.52
CA TYR D 74 20.37 -8.91 -5.72
C TYR D 74 19.54 -9.18 -4.43
N ARG D 75 20.25 -9.50 -3.33
CA ARG D 75 19.65 -9.79 -2.07
C ARG D 75 19.59 -8.56 -1.24
N ASP D 76 18.63 -8.56 -0.35
CA ASP D 76 18.51 -7.53 0.62
C ASP D 76 17.73 -8.03 1.83
N LEU D 77 17.92 -7.34 2.95
CA LEU D 77 17.10 -7.54 4.12
C LEU D 77 15.79 -6.75 3.91
N ILE D 78 14.66 -7.48 3.95
CA ILE D 78 13.31 -6.89 3.84
C ILE D 78 12.50 -7.22 5.08
N SER D 79 11.60 -6.31 5.44
CA SER D 79 10.63 -6.58 6.51
C SER D 79 9.22 -6.38 5.92
N TRP D 80 8.23 -7.05 6.51
CA TRP D 80 6.87 -6.85 6.08
C TRP D 80 5.84 -7.24 7.18
N PRO D 81 4.56 -6.86 7.03
CA PRO D 81 3.61 -7.06 8.21
C PRO D 81 3.48 -8.50 8.65
N LEU D 82 3.43 -8.73 9.95
CA LEU D 82 3.29 -10.10 10.50
C LEU D 82 2.22 -10.90 9.75
N SER D 83 2.65 -12.09 9.24
CA SER D 83 1.78 -13.09 8.58
C SER D 83 1.27 -12.73 7.16
N SER D 84 1.56 -11.54 6.65
CA SER D 84 1.46 -11.31 5.20
C SER D 84 2.63 -12.05 4.56
N PRO D 85 2.56 -12.29 3.22
CA PRO D 85 3.71 -12.77 2.51
C PRO D 85 4.62 -11.59 2.11
N PRO D 86 5.87 -11.86 1.85
CA PRO D 86 6.76 -10.78 1.37
C PRO D 86 6.53 -10.50 -0.10
N THR D 87 5.81 -9.44 -0.39
CA THR D 87 5.49 -9.10 -1.77
C THR D 87 6.35 -7.94 -2.26
N VAL D 88 6.36 -7.82 -3.56
CA VAL D 88 7.02 -6.72 -4.19
C VAL D 88 6.54 -5.37 -3.64
N TYR D 89 5.26 -5.31 -3.31
CA TYR D 89 4.52 -4.11 -3.09
C TYR D 89 4.52 -3.78 -1.63
N ASN D 90 4.68 -4.73 -0.72
CA ASN D 90 4.54 -4.41 0.72
C ASN D 90 5.87 -4.55 1.48
N SER D 91 6.91 -5.05 0.84
CA SER D 91 8.20 -5.26 1.47
C SER D 91 9.03 -3.98 1.55
N ARG D 92 9.48 -3.70 2.75
CA ARG D 92 10.33 -2.56 3.05
C ARG D 92 11.76 -3.06 3.17
N VAL D 93 12.65 -2.47 2.39
CA VAL D 93 14.06 -2.81 2.36
C VAL D 93 14.76 -2.07 3.49
N GLU D 94 15.39 -2.84 4.35
CA GLU D 94 16.11 -2.31 5.52
C GLU D 94 17.59 -1.95 5.13
N CYS D 95 18.18 -2.77 4.25
CA CYS D 95 19.55 -2.64 3.81
C CYS D 95 19.87 -3.77 2.80
N ILE D 96 20.95 -3.56 2.08
CA ILE D 96 21.39 -4.46 1.03
C ILE D 96 22.49 -5.42 1.50
N GLY D 97 22.32 -6.69 1.16
CA GLY D 97 23.24 -7.76 1.50
C GLY D 97 22.65 -9.14 1.61
N TRP D 98 23.50 -10.09 2.02
CA TRP D 98 23.15 -11.50 2.02
C TRP D 98 23.39 -12.16 3.37
N SER D 99 23.65 -11.36 4.42
CA SER D 99 23.60 -11.86 5.81
C SER D 99 23.10 -10.70 6.64
N SER D 100 22.28 -10.95 7.65
CA SER D 100 21.63 -9.86 8.39
C SER D 100 21.36 -10.16 9.85
N THR D 101 21.12 -9.07 10.59
CA THR D 101 20.45 -9.12 11.87
C THR D 101 19.72 -7.79 12.04
N SER D 102 18.86 -7.71 13.07
CA SER D 102 18.07 -6.50 13.31
C SER D 102 17.45 -6.61 14.66
N CYS D 103 17.35 -5.45 15.33
CA CYS D 103 16.69 -5.31 16.58
C CYS D 103 16.36 -3.89 16.91
N HIS D 104 15.35 -3.75 17.77
CA HIS D 104 14.91 -2.44 18.24
C HIS D 104 15.42 -2.28 19.65
N ASP D 105 15.95 -1.10 19.98
CA ASP D 105 16.47 -0.83 21.32
C ASP D 105 15.48 -0.12 22.26
N GLY D 106 14.28 0.12 21.75
CA GLY D 106 13.22 0.87 22.46
C GLY D 106 13.05 2.29 21.96
N ARG D 107 14.12 2.84 21.37
CA ARG D 107 14.02 4.13 20.74
C ARG D 107 14.11 4.02 19.25
N ALA D 108 14.97 3.17 18.72
CA ALA D 108 15.00 2.98 17.29
C ALA D 108 15.60 1.62 16.92
N ARG D 109 15.41 1.26 15.67
CA ARG D 109 15.89 0.00 15.16
C ARG D 109 17.28 0.11 14.51
N MET D 110 18.13 -0.86 14.82
CA MET D 110 19.40 -1.11 14.16
C MET D 110 19.23 -2.32 13.24
N SER D 111 19.70 -2.15 12.03
CA SER D 111 19.70 -3.23 11.08
C SER D 111 21.14 -3.30 10.52
N ILE D 112 21.60 -4.55 10.39
CA ILE D 112 22.93 -4.85 9.92
C ILE D 112 22.84 -5.81 8.76
N CYS D 113 23.48 -5.47 7.65
CA CYS D 113 23.57 -6.31 6.48
C CYS D 113 25.01 -6.38 5.97
N ILE D 114 25.38 -7.55 5.49
CA ILE D 114 26.66 -7.80 4.91
C ILE D 114 26.51 -8.06 3.44
N SER D 115 27.46 -7.51 2.68
CA SER D 115 27.53 -7.74 1.23
C SER D 115 29.02 -7.77 0.82
N GLY D 116 29.26 -8.20 -0.39
CA GLY D 116 30.57 -8.33 -0.93
C GLY D 116 30.86 -9.67 -1.48
N PRO D 117 32.04 -9.81 -2.15
CA PRO D 117 32.46 -11.14 -2.53
C PRO D 117 32.98 -11.81 -1.28
N ASN D 118 33.21 -13.10 -1.36
CA ASN D 118 33.59 -13.87 -0.16
C ASN D 118 34.86 -13.39 0.55
N ASN D 119 35.80 -12.84 -0.20
CA ASN D 119 37.07 -12.41 0.31
C ASN D 119 37.14 -10.95 0.65
N ASN D 120 36.04 -10.22 0.53
CA ASN D 120 36.08 -8.78 0.70
C ASN D 120 34.74 -8.21 1.10
N ALA D 121 34.07 -8.88 2.03
CA ALA D 121 32.75 -8.48 2.45
C ALA D 121 32.84 -7.50 3.57
N SER D 122 31.73 -6.80 3.80
CA SER D 122 31.62 -5.72 4.78
C SER D 122 30.16 -5.59 5.29
N ALA D 123 30.05 -5.20 6.53
CA ALA D 123 28.82 -4.92 7.21
C ALA D 123 28.60 -3.46 7.25
N VAL D 124 27.35 -3.06 7.04
CA VAL D 124 26.90 -1.72 7.25
C VAL D 124 25.84 -1.78 8.34
N ILE D 125 26.03 -0.94 9.32
CA ILE D 125 25.21 -0.88 10.48
C ILE D 125 24.38 0.39 10.34
N TRP D 126 23.06 0.16 10.20
CA TRP D 126 22.07 1.21 10.07
C TRP D 126 21.43 1.38 11.42
N TYR D 127 21.17 2.61 11.80
CA TYR D 127 20.33 2.89 12.95
C TYR D 127 19.34 3.99 12.58
N ASN D 128 18.09 3.83 13.02
CA ASN D 128 17.03 4.75 12.70
C ASN D 128 16.96 5.00 11.20
N ARG D 129 17.21 3.95 10.43
CA ARG D 129 17.02 3.93 8.97
C ARG D 129 18.04 4.68 8.18
N ARG D 130 19.16 4.99 8.82
CA ARG D 130 20.32 5.61 8.18
C ARG D 130 21.59 4.80 8.49
N PRO D 131 22.50 4.69 7.50
CA PRO D 131 23.74 3.98 7.74
C PRO D 131 24.63 4.80 8.74
N VAL D 132 25.26 4.12 9.68
CA VAL D 132 26.03 4.78 10.73
C VAL D 132 27.48 4.32 10.79
N THR D 133 27.70 2.99 10.70
CA THR D 133 28.97 2.38 10.94
C THR D 133 29.16 1.34 9.89
N GLU D 134 30.42 1.06 9.56
CA GLU D 134 30.76 -0.01 8.64
C GLU D 134 31.92 -0.80 9.17
N ILE D 135 31.94 -2.10 8.92
CA ILE D 135 32.99 -2.96 9.42
C ILE D 135 33.48 -3.85 8.29
N ASN D 136 34.80 -3.80 8.01
CA ASN D 136 35.39 -4.68 6.99
C ASN D 136 35.65 -6.11 7.45
N THR D 137 35.64 -7.05 6.51
CA THR D 137 36.02 -8.44 6.76
C THR D 137 37.42 -8.48 7.47
N TRP D 138 37.52 -9.28 8.53
CA TRP D 138 38.78 -9.46 9.28
C TRP D 138 39.46 -10.76 8.91
N ALA D 139 38.78 -11.68 8.23
CA ALA D 139 39.38 -12.95 7.92
C ALA D 139 39.25 -13.28 6.51
N ARG D 140 38.63 -12.40 5.70
CA ARG D 140 38.47 -12.58 4.25
C ARG D 140 37.82 -13.85 3.84
N ASN D 141 36.81 -14.29 4.57
CA ASN D 141 36.11 -15.53 4.14
C ASN D 141 34.70 -15.54 4.71
N ILE D 142 33.83 -14.81 3.99
CA ILE D 142 32.42 -14.73 4.25
C ILE D 142 32.07 -14.25 5.61
N LEU D 143 32.39 -12.99 5.82
CA LEU D 143 31.92 -12.31 6.98
C LEU D 143 30.38 -12.50 7.05
N ARG D 144 29.86 -12.85 8.23
CA ARG D 144 28.46 -13.30 8.34
C ARG D 144 27.98 -13.13 9.77
N THR D 145 26.66 -13.06 9.91
CA THR D 145 26.04 -12.77 11.21
C THR D 145 24.85 -13.69 11.49
N GLN D 146 23.97 -13.27 12.37
CA GLN D 146 23.03 -14.18 13.00
C GLN D 146 21.96 -14.82 12.15
N GLU D 147 21.38 -14.04 11.24
CA GLU D 147 20.19 -14.39 10.47
C GLU D 147 18.90 -14.52 11.35
N SER D 148 18.94 -13.84 12.48
CA SER D 148 17.75 -13.63 13.35
C SER D 148 18.01 -12.41 14.21
N GLU D 149 17.06 -12.02 15.04
CA GLU D 149 17.15 -10.74 15.74
C GLU D 149 18.24 -10.73 16.84
N CYS D 150 18.80 -9.56 17.01
CA CYS D 150 19.63 -9.26 18.12
C CYS D 150 18.69 -8.79 19.27
N VAL D 151 19.30 -8.48 20.42
CA VAL D 151 18.68 -8.09 21.63
C VAL D 151 19.46 -6.96 22.28
N CYS D 152 18.72 -6.00 22.82
CA CYS D 152 19.31 -4.77 23.40
C CYS D 152 18.95 -4.65 24.88
N GLN D 153 19.85 -4.00 25.62
CA GLN D 153 19.61 -3.65 27.02
C GLN D 153 20.24 -2.29 27.23
N ASN D 154 19.41 -1.36 27.67
CA ASN D 154 19.78 0.00 27.97
C ASN D 154 20.55 0.55 26.79
N GLY D 155 20.12 0.16 25.58
CA GLY D 155 20.66 0.72 24.34
C GLY D 155 21.89 0.01 23.83
N VAL D 156 22.42 -0.93 24.59
CA VAL D 156 23.55 -1.76 24.11
C VAL D 156 23.02 -3.02 23.46
N CYS D 157 23.37 -3.24 22.22
CA CYS D 157 22.90 -4.40 21.44
C CYS D 157 24.09 -5.25 21.04
N PRO D 158 24.29 -6.38 21.75
CA PRO D 158 25.30 -7.30 21.28
C PRO D 158 24.92 -7.98 19.97
N VAL D 159 25.90 -8.23 19.11
CA VAL D 159 25.67 -8.95 17.85
C VAL D 159 26.86 -9.87 17.60
N VAL D 160 26.61 -11.13 17.21
CA VAL D 160 27.68 -12.08 16.95
C VAL D 160 27.89 -12.19 15.49
N PHE D 161 29.16 -11.94 15.07
CA PHE D 161 29.64 -12.17 13.74
C PHE D 161 30.69 -13.30 13.69
N THR D 162 30.74 -13.91 12.53
CA THR D 162 31.81 -14.83 12.17
C THR D 162 32.45 -14.48 10.81
N ASP D 163 33.74 -14.72 10.68
CA ASP D 163 34.49 -14.55 9.42
C ASP D 163 35.54 -15.68 9.36
N GLY D 164 35.76 -16.32 8.25
CA GLY D 164 36.69 -17.44 8.21
C GLY D 164 35.97 -18.68 7.81
N SER D 165 36.68 -19.72 7.43
CA SER D 165 36.08 -21.03 7.00
C SER D 165 35.39 -21.77 8.12
N ALA D 166 35.23 -23.09 7.93
CA ALA D 166 35.27 -24.07 9.09
C ALA D 166 36.67 -24.78 9.26
N THR D 167 37.41 -24.83 8.11
CA THR D 167 38.89 -25.15 7.99
C THR D 167 39.82 -23.91 8.26
N GLY D 168 40.51 -23.38 7.20
CA GLY D 168 41.41 -22.19 7.25
C GLY D 168 41.39 -21.22 8.44
N PRO D 169 41.94 -19.98 8.28
CA PRO D 169 41.85 -18.95 9.37
C PRO D 169 40.42 -18.28 9.52
N ALA D 170 40.00 -18.06 10.78
CA ALA D 170 38.56 -17.94 11.19
C ALA D 170 38.41 -17.29 12.60
N GLU D 171 37.35 -16.51 12.85
CA GLU D 171 37.20 -15.76 14.08
C GLU D 171 35.77 -15.23 14.31
N THR D 172 35.21 -15.56 15.43
CA THR D 172 33.96 -15.04 15.88
C THR D 172 34.20 -13.91 16.85
N ARG D 173 33.40 -12.87 16.66
CA ARG D 173 33.44 -11.65 17.46
C ARG D 173 32.07 -11.31 17.93
N ILE D 174 32.00 -10.70 19.11
CA ILE D 174 30.79 -10.15 19.64
C ILE D 174 31.05 -8.69 19.60
N TYR D 175 30.22 -7.95 18.82
CA TYR D 175 30.28 -6.49 18.81
C TYR D 175 29.16 -5.98 19.68
N TYR D 176 29.44 -4.95 20.47
CA TYR D 176 28.44 -4.30 21.30
C TYR D 176 28.16 -2.96 20.69
N PHE D 177 26.95 -2.78 20.19
CA PHE D 177 26.55 -1.52 19.51
C PHE D 177 25.64 -0.67 20.39
N LYS D 178 25.76 0.64 20.26
CA LYS D 178 24.78 1.57 20.82
C LYS D 178 24.54 2.67 19.79
N GLU D 179 23.26 2.83 19.41
CA GLU D 179 22.87 3.75 18.35
C GLU D 179 23.68 3.57 17.06
N GLY D 180 23.96 2.31 16.73
CA GLY D 180 24.73 1.93 15.59
C GLY D 180 26.23 2.15 15.63
N LYS D 181 26.76 2.62 16.77
CA LYS D 181 28.18 2.91 16.96
C LYS D 181 28.76 1.80 17.75
N ILE D 182 30.01 1.45 17.48
CA ILE D 182 30.72 0.36 18.15
C ILE D 182 31.24 0.80 19.52
N LEU D 183 30.81 0.12 20.58
CA LEU D 183 31.33 0.38 21.93
C LEU D 183 32.62 -0.42 22.22
N LYS D 184 32.65 -1.66 21.75
CA LYS D 184 33.61 -2.64 22.18
C LYS D 184 33.31 -3.79 21.27
N TRP D 185 34.34 -4.54 20.89
CA TRP D 185 34.14 -5.93 20.48
C TRP D 185 35.07 -6.86 21.27
N GLU D 186 34.73 -8.15 21.27
CA GLU D 186 35.49 -9.25 21.90
C GLU D 186 35.58 -10.45 20.99
N PRO D 187 36.75 -11.12 20.97
CA PRO D 187 36.80 -12.36 20.23
C PRO D 187 36.12 -13.42 21.08
N LEU D 188 35.67 -14.47 20.44
CA LEU D 188 35.09 -15.55 21.21
C LEU D 188 36.02 -16.18 22.29
N THR D 189 35.57 -16.15 23.57
CA THR D 189 36.11 -16.95 24.67
C THR D 189 35.15 -17.97 25.13
N GLY D 190 35.58 -18.78 26.09
CA GLY D 190 34.77 -19.87 26.65
C GLY D 190 35.09 -21.22 26.01
N THR D 191 34.25 -22.24 26.24
CA THR D 191 34.53 -23.61 25.74
C THR D 191 33.94 -23.97 24.35
N ALA D 192 33.02 -23.09 23.85
CA ALA D 192 32.49 -23.18 22.47
C ALA D 192 33.64 -23.02 21.49
N LYS D 193 33.74 -23.96 20.56
CA LYS D 193 34.89 -24.16 19.65
C LYS D 193 34.72 -23.56 18.23
N HIS D 194 33.52 -23.52 17.65
CA HIS D 194 33.27 -22.56 16.53
C HIS D 194 31.80 -22.13 16.49
N ILE D 195 31.56 -21.04 15.77
CA ILE D 195 30.28 -20.43 16.03
C ILE D 195 29.76 -19.67 14.85
N GLU D 196 28.53 -19.99 14.53
CA GLU D 196 27.72 -19.17 13.71
C GLU D 196 26.24 -19.21 13.92
N GLU D 197 25.59 -18.27 13.25
CA GLU D 197 24.12 -18.20 13.14
C GLU D 197 23.44 -18.25 14.49
N CYS D 198 23.85 -17.34 15.36
CA CYS D 198 23.30 -17.30 16.71
C CYS D 198 21.87 -16.83 16.79
N SER D 199 21.10 -17.47 17.69
CA SER D 199 19.74 -17.16 17.94
C SER D 199 19.69 -16.73 19.41
N CYS D 200 19.30 -15.48 19.62
CA CYS D 200 19.42 -14.78 20.91
C CYS D 200 18.06 -14.39 21.53
N TYR D 201 18.03 -14.36 22.86
CA TYR D 201 16.91 -13.77 23.56
C TYR D 201 17.47 -13.09 24.85
N GLY D 202 16.69 -12.18 25.41
CA GLY D 202 17.07 -11.44 26.55
C GLY D 202 16.16 -11.69 27.73
N GLU D 203 16.75 -11.65 28.93
CA GLU D 203 16.01 -11.69 30.17
C GLU D 203 16.93 -11.34 31.33
N GLN D 204 16.36 -10.78 32.39
CA GLN D 204 17.15 -10.48 33.59
C GLN D 204 18.59 -9.96 33.31
N ALA D 205 18.64 -8.98 32.41
CA ALA D 205 19.80 -8.14 32.16
C ALA D 205 20.90 -8.98 31.56
N GLY D 206 20.51 -10.04 30.81
CA GLY D 206 21.46 -10.87 30.13
C GLY D 206 20.95 -11.41 28.78
N VAL D 207 21.86 -11.69 27.87
CA VAL D 207 21.49 -12.16 26.50
C VAL D 207 22.05 -13.58 26.37
N THR D 208 21.19 -14.52 26.04
CA THR D 208 21.56 -15.87 25.81
C THR D 208 21.39 -16.15 24.34
N CYS D 209 22.42 -16.72 23.72
CA CYS D 209 22.42 -17.10 22.35
C CYS D 209 22.69 -18.55 22.22
N THR D 210 21.90 -19.22 21.37
CA THR D 210 22.13 -20.63 21.02
C THR D 210 22.55 -20.62 19.59
N CYS D 211 23.69 -21.23 19.30
CA CYS D 211 24.33 -21.07 18.02
C CYS D 211 24.50 -22.41 17.27
N ARG D 212 25.36 -22.37 16.26
CA ARG D 212 25.62 -23.51 15.36
C ARG D 212 27.13 -23.64 15.26
N ASP D 213 27.63 -24.80 15.65
CA ASP D 213 29.02 -25.11 15.56
C ASP D 213 29.23 -25.81 14.27
N ASN D 214 29.68 -25.12 13.26
CA ASN D 214 29.81 -25.85 12.00
C ASN D 214 30.96 -26.87 11.82
N TRP D 215 31.89 -27.05 12.74
CA TRP D 215 32.83 -28.19 12.56
C TRP D 215 32.11 -29.50 12.86
N GLN D 216 31.65 -29.68 14.09
CA GLN D 216 30.86 -30.86 14.48
C GLN D 216 29.44 -30.51 14.91
N GLY D 217 28.47 -31.00 14.14
CA GLY D 217 27.05 -30.80 14.37
C GLY D 217 26.43 -31.90 15.24
N SER D 218 26.30 -31.60 16.55
CA SER D 218 25.40 -32.37 17.38
C SER D 218 24.66 -31.52 18.43
N ASN D 219 25.30 -31.31 19.59
CA ASN D 219 24.81 -30.39 20.63
C ASN D 219 25.29 -28.95 20.29
N ARG D 220 24.50 -27.97 20.72
CA ARG D 220 24.74 -26.63 20.25
C ARG D 220 25.60 -25.85 21.20
N PRO D 221 26.45 -24.96 20.67
CA PRO D 221 27.11 -24.02 21.56
C PRO D 221 26.18 -22.91 22.03
N VAL D 222 26.49 -22.39 23.17
CA VAL D 222 25.66 -21.40 23.81
C VAL D 222 26.55 -20.27 24.33
N ILE D 223 26.18 -19.04 23.98
CA ILE D 223 26.90 -17.85 24.44
C ILE D 223 26.00 -17.10 25.37
N GLN D 224 26.58 -16.70 26.50
CA GLN D 224 25.90 -15.92 27.50
C GLN D 224 26.57 -14.58 27.65
N ILE D 225 25.83 -13.49 27.35
CA ILE D 225 26.35 -12.14 27.22
C ILE D 225 25.77 -11.20 28.28
N ASP D 226 26.67 -10.51 28.98
CA ASP D 226 26.28 -9.44 29.91
C ASP D 226 26.44 -8.16 29.10
N PRO D 227 25.34 -7.55 28.73
CA PRO D 227 25.34 -6.32 27.98
C PRO D 227 25.70 -5.04 28.77
N VAL D 228 25.80 -5.14 30.12
CA VAL D 228 26.20 -3.98 30.99
C VAL D 228 27.70 -3.98 31.07
N ALA D 229 28.29 -5.12 31.47
CA ALA D 229 29.73 -5.30 31.55
C ALA D 229 30.36 -5.45 30.15
N MET D 230 29.55 -5.93 29.20
CA MET D 230 29.96 -6.20 27.82
C MET D 230 31.03 -7.23 27.84
N THR D 231 30.69 -8.31 28.51
CA THR D 231 31.47 -9.54 28.54
C THR D 231 30.57 -10.75 28.30
N HIS D 232 31.20 -11.90 28.09
CA HIS D 232 30.47 -13.09 27.79
C HIS D 232 31.22 -14.34 28.27
N THR D 233 30.49 -15.43 28.20
CA THR D 233 30.98 -16.74 28.44
C THR D 233 30.45 -17.65 27.32
N SER D 234 31.02 -18.82 27.14
CA SER D 234 30.43 -19.81 26.31
C SER D 234 30.63 -21.24 26.77
N GLN D 235 29.78 -22.13 26.25
CA GLN D 235 29.77 -23.52 26.61
C GLN D 235 28.92 -24.28 25.60
N TYR D 236 28.72 -25.58 25.82
CA TYR D 236 27.76 -26.35 24.98
C TYR D 236 26.57 -26.78 25.77
N ILE D 237 25.47 -27.06 25.08
CA ILE D 237 24.31 -27.67 25.79
C ILE D 237 24.72 -29.11 26.14
N CYS D 238 24.70 -29.45 27.43
CA CYS D 238 25.11 -30.79 27.91
C CYS D 238 24.15 -31.93 27.52
N SER D 239 22.87 -31.61 27.32
CA SER D 239 21.90 -32.64 27.09
C SER D 239 22.29 -33.63 25.99
N PRO D 240 22.01 -34.92 26.21
CA PRO D 240 22.10 -35.87 25.09
C PRO D 240 20.95 -35.76 24.04
N VAL D 241 20.01 -34.87 24.27
CA VAL D 241 19.05 -34.51 23.27
C VAL D 241 19.74 -33.54 22.27
N LEU D 242 20.27 -34.09 21.19
CA LEU D 242 21.06 -33.34 20.24
C LEU D 242 20.16 -32.58 19.25
N THR D 243 20.55 -31.36 18.88
CA THR D 243 19.64 -30.47 18.16
C THR D 243 20.11 -29.88 16.82
N ASP D 244 21.30 -30.25 16.34
CA ASP D 244 21.73 -29.75 15.05
C ASP D 244 21.20 -30.71 14.00
N ASN D 245 21.62 -30.50 12.76
CA ASN D 245 21.18 -31.29 11.61
C ASN D 245 22.18 -31.07 10.51
N PRO D 246 22.69 -32.12 9.86
CA PRO D 246 22.59 -33.51 10.26
C PRO D 246 23.26 -33.73 11.63
N ARG D 247 22.84 -34.80 12.32
CA ARG D 247 23.36 -35.13 13.65
C ARG D 247 23.34 -36.65 13.86
N PRO D 248 24.17 -37.12 14.81
CA PRO D 248 24.08 -38.47 15.25
C PRO D 248 22.79 -38.71 16.04
N ASN D 249 22.51 -39.97 16.30
CA ASN D 249 21.44 -40.30 17.19
C ASN D 249 21.77 -39.95 18.63
N ASP D 250 20.71 -39.66 19.40
CA ASP D 250 20.82 -39.25 20.78
C ASP D 250 21.47 -40.36 21.61
N PRO D 251 22.54 -40.02 22.30
CA PRO D 251 23.18 -40.91 23.20
C PRO D 251 22.48 -40.90 24.56
N THR D 252 23.05 -41.59 25.50
CA THR D 252 22.65 -41.54 26.88
C THR D 252 23.22 -40.34 27.64
N VAL D 253 24.50 -40.04 27.33
CA VAL D 253 25.28 -39.02 28.03
C VAL D 253 25.84 -38.06 27.00
N GLY D 254 25.61 -36.76 27.23
CA GLY D 254 26.08 -35.68 26.33
C GLY D 254 27.41 -35.10 26.80
N LYS D 255 27.77 -33.93 26.27
CA LYS D 255 29.02 -33.20 26.53
C LYS D 255 28.75 -31.71 26.79
N CYS D 256 29.43 -31.16 27.81
CA CYS D 256 29.15 -29.79 28.30
C CYS D 256 30.11 -28.72 27.79
N ASN D 257 31.26 -29.17 27.36
CA ASN D 257 32.35 -28.24 27.08
C ASN D 257 33.05 -28.55 25.77
N ASP D 258 32.45 -29.40 24.95
CA ASP D 258 32.96 -29.76 23.62
C ASP D 258 31.73 -30.23 22.87
N PRO D 259 31.81 -30.24 21.53
CA PRO D 259 30.68 -30.85 20.77
C PRO D 259 30.70 -32.35 21.01
N TYR D 260 29.53 -32.98 21.15
CA TYR D 260 29.41 -34.42 21.05
C TYR D 260 29.78 -34.74 19.57
N PRO D 261 30.62 -35.74 19.35
CA PRO D 261 31.14 -35.82 17.96
C PRO D 261 29.99 -35.92 16.94
N GLY D 262 29.89 -34.93 16.03
CA GLY D 262 28.82 -34.82 15.06
C GLY D 262 29.25 -34.67 13.59
N ASN D 263 28.26 -34.80 12.71
CA ASN D 263 28.47 -34.69 11.28
C ASN D 263 29.25 -33.45 10.92
N ASN D 264 30.20 -33.62 10.00
CA ASN D 264 31.26 -32.64 9.84
C ASN D 264 30.92 -31.56 8.83
N ASN D 265 31.17 -30.30 9.25
CA ASN D 265 31.07 -29.08 8.45
C ASN D 265 29.74 -28.90 7.66
N ASN D 266 28.58 -29.10 8.33
CA ASN D 266 27.29 -29.21 7.57
C ASN D 266 26.12 -28.31 8.03
N GLY D 267 25.69 -28.46 9.27
CA GLY D 267 24.65 -27.69 10.03
C GLY D 267 23.30 -27.08 9.66
N VAL D 268 22.62 -26.59 10.70
CA VAL D 268 21.45 -25.73 10.57
C VAL D 268 21.37 -24.68 11.70
N LYS D 269 20.98 -23.46 11.37
CA LYS D 269 20.62 -22.46 12.41
C LYS D 269 19.45 -22.98 13.26
N GLY D 270 19.60 -22.89 14.58
CA GLY D 270 18.60 -23.30 15.50
C GLY D 270 18.57 -22.46 16.75
N PHE D 271 17.81 -22.91 17.74
CA PHE D 271 17.67 -22.12 18.97
C PHE D 271 17.28 -23.02 20.17
N SER D 272 17.32 -22.39 21.37
CA SER D 272 16.74 -22.97 22.57
C SER D 272 16.38 -21.90 23.56
N TYR D 273 15.53 -22.28 24.50
CA TYR D 273 15.25 -21.44 25.65
C TYR D 273 15.76 -22.20 26.87
N LEU D 274 16.74 -21.63 27.57
CA LEU D 274 17.46 -22.33 28.60
C LEU D 274 17.14 -21.63 29.90
N ASP D 275 16.38 -22.28 30.78
CA ASP D 275 15.81 -21.64 31.95
C ASP D 275 15.52 -22.66 33.07
N GLY D 276 16.52 -23.48 33.41
CA GLY D 276 16.34 -24.50 34.43
C GLY D 276 15.32 -25.56 34.08
N GLY D 277 14.43 -25.80 35.03
CA GLY D 277 13.29 -26.66 34.73
C GLY D 277 12.36 -26.17 33.63
N ASN D 278 12.49 -24.91 33.18
CA ASN D 278 11.62 -24.31 32.14
C ASN D 278 12.40 -24.21 30.80
N THR D 279 13.24 -25.19 30.59
CA THR D 279 14.08 -25.29 29.40
C THR D 279 13.35 -26.08 28.27
N TRP D 280 13.34 -25.47 27.08
CA TRP D 280 12.85 -26.10 25.87
C TRP D 280 13.84 -25.96 24.74
N LEU D 281 14.05 -27.07 24.05
CA LEU D 281 14.97 -27.15 22.85
C LEU D 281 14.16 -27.38 21.59
N GLY D 282 14.53 -26.77 20.49
CA GLY D 282 13.88 -27.09 19.25
C GLY D 282 14.84 -27.94 18.43
N ARG D 283 14.29 -28.78 17.57
CA ARG D 283 15.13 -29.46 16.59
C ARG D 283 14.33 -29.97 15.40
N THR D 284 15.04 -30.20 14.29
CA THR D 284 14.47 -30.96 13.18
C THR D 284 14.11 -32.35 13.70
N ILE D 285 13.08 -32.97 13.15
CA ILE D 285 12.77 -34.34 13.54
C ILE D 285 13.82 -35.24 12.92
N SER D 286 14.06 -35.05 11.64
CA SER D 286 15.09 -35.85 10.96
C SER D 286 16.46 -35.59 11.52
N VAL D 287 17.20 -36.67 11.66
CA VAL D 287 18.60 -36.57 11.98
C VAL D 287 19.45 -36.32 10.72
N ALA D 288 18.88 -36.54 9.54
CA ALA D 288 19.63 -36.40 8.30
C ALA D 288 19.39 -35.12 7.53
N SER D 289 18.14 -34.62 7.56
CA SER D 289 17.73 -33.49 6.68
C SER D 289 16.86 -32.47 7.43
N ARG D 290 16.64 -31.34 6.78
CA ARG D 290 15.81 -30.23 7.28
C ARG D 290 14.36 -30.59 7.05
N SER D 291 13.92 -31.54 7.86
CA SER D 291 12.64 -32.21 7.76
C SER D 291 12.02 -32.32 9.17
N GLY D 292 10.78 -31.87 9.32
CA GLY D 292 10.12 -31.84 10.59
C GLY D 292 10.72 -30.83 11.54
N TYR D 293 9.95 -30.56 12.59
CA TYR D 293 10.35 -29.67 13.64
C TYR D 293 9.57 -30.01 14.89
N GLU D 294 10.29 -30.14 15.97
CA GLU D 294 9.68 -30.35 17.25
C GLU D 294 10.32 -29.51 18.35
N MET D 295 9.51 -29.24 19.35
CA MET D 295 9.95 -28.67 20.62
C MET D 295 9.96 -29.74 21.72
N LEU D 296 11.06 -29.84 22.46
CA LEU D 296 11.19 -30.74 23.59
C LEU D 296 11.55 -30.01 24.90
N LYS D 297 10.78 -30.30 25.95
CA LYS D 297 11.03 -29.81 27.29
C LYS D 297 12.10 -30.73 27.90
N VAL D 298 13.28 -30.18 28.14
CA VAL D 298 14.43 -30.92 28.67
C VAL D 298 14.99 -30.19 29.85
N PRO D 299 14.49 -30.52 31.05
CA PRO D 299 14.89 -29.75 32.22
C PRO D 299 16.38 -29.72 32.42
N ASN D 300 16.89 -28.51 32.63
CA ASN D 300 18.32 -28.34 32.81
C ASN D 300 19.19 -28.90 31.74
N ALA D 301 18.75 -28.77 30.48
CA ALA D 301 19.55 -29.21 29.31
C ALA D 301 20.92 -28.61 29.24
N LEU D 302 21.03 -27.35 29.63
CA LEU D 302 22.30 -26.65 29.57
C LEU D 302 23.42 -27.32 30.40
N THR D 303 23.05 -27.75 31.61
CA THR D 303 24.00 -28.22 32.63
C THR D 303 23.91 -29.70 33.01
N ASP D 304 22.89 -30.43 32.54
CA ASP D 304 22.68 -31.83 32.87
C ASP D 304 22.90 -32.79 31.72
N ASP D 305 24.04 -33.49 31.75
CA ASP D 305 24.48 -34.30 30.63
C ASP D 305 23.73 -35.64 30.48
N ARG D 306 22.69 -35.84 31.26
CA ARG D 306 21.81 -36.99 31.07
C ARG D 306 20.36 -36.56 30.86
N SER D 307 20.07 -35.25 30.83
CA SER D 307 18.72 -34.74 30.64
C SER D 307 18.05 -35.25 29.34
N LYS D 308 16.88 -35.82 29.50
CA LYS D 308 15.99 -36.28 28.45
C LYS D 308 14.61 -35.51 28.54
N PRO D 309 13.74 -35.66 27.53
CA PRO D 309 12.50 -34.94 27.48
C PRO D 309 11.46 -35.39 28.51
N THR D 310 10.70 -34.41 29.00
CA THR D 310 9.64 -34.63 29.94
C THR D 310 8.32 -34.26 29.27
N GLN D 311 8.40 -33.61 28.10
CA GLN D 311 7.23 -33.08 27.39
C GLN D 311 7.69 -32.70 26.01
N GLY D 312 6.76 -32.62 25.08
CA GLY D 312 7.11 -32.17 23.72
C GLY D 312 5.96 -31.64 22.93
N GLN D 313 6.28 -31.08 21.77
CA GLN D 313 5.24 -30.59 20.89
C GLN D 313 5.78 -30.61 19.51
N THR D 314 5.05 -31.28 18.63
CA THR D 314 5.41 -31.35 17.24
C THR D 314 4.91 -30.09 16.57
N ILE D 315 5.78 -29.51 15.76
CA ILE D 315 5.46 -28.28 15.06
C ILE D 315 5.29 -28.58 13.56
N VAL D 316 6.20 -29.35 12.96
CA VAL D 316 6.15 -29.72 11.54
C VAL D 316 6.41 -31.22 11.46
N LEU D 317 5.61 -31.94 10.69
CA LEU D 317 5.79 -33.41 10.59
C LEU D 317 7.13 -33.70 9.86
N ASN D 318 7.69 -34.87 10.10
CA ASN D 318 8.95 -35.32 9.39
C ASN D 318 8.74 -35.62 7.91
N THR D 319 7.51 -35.57 7.44
CA THR D 319 7.23 -35.69 6.02
C THR D 319 7.08 -34.31 5.40
N ASP D 320 7.34 -33.25 6.17
CA ASP D 320 7.36 -31.89 5.66
C ASP D 320 8.68 -31.19 5.84
N TRP D 321 9.00 -30.29 4.90
CA TRP D 321 10.26 -29.52 4.94
C TRP D 321 10.25 -28.41 6.02
N SER D 322 11.36 -28.37 6.74
CA SER D 322 11.66 -27.31 7.70
C SER D 322 12.92 -26.53 7.20
N GLY D 323 13.79 -26.07 8.08
CA GLY D 323 14.86 -25.14 7.70
C GLY D 323 15.40 -24.51 8.97
N TYR D 324 15.86 -23.26 8.85
CA TYR D 324 16.45 -22.51 9.92
C TYR D 324 15.35 -22.25 10.95
N SER D 325 15.75 -22.06 12.20
CA SER D 325 14.81 -21.67 13.23
C SER D 325 15.56 -20.77 14.16
N GLY D 326 14.84 -19.96 14.91
CA GLY D 326 15.38 -18.90 15.72
C GLY D 326 14.38 -18.35 16.68
N SER D 327 14.94 -17.63 17.65
CA SER D 327 14.25 -17.03 18.71
C SER D 327 14.00 -15.55 18.51
N PHE D 328 12.93 -15.09 19.15
CA PHE D 328 12.56 -13.68 19.32
C PHE D 328 11.57 -13.58 20.46
N MET D 329 11.49 -12.40 21.05
CA MET D 329 10.37 -12.10 21.96
C MET D 329 9.86 -10.69 21.75
N ASP D 330 8.60 -10.47 22.09
CA ASP D 330 8.06 -9.11 22.19
C ASP D 330 8.42 -8.53 23.58
N TYR D 331 9.50 -7.79 23.61
CA TYR D 331 10.02 -7.08 24.78
C TYR D 331 9.16 -5.92 25.27
N TRP D 332 8.13 -5.54 24.52
CA TRP D 332 7.25 -4.43 24.85
C TRP D 332 5.76 -4.91 25.07
N ALA D 333 5.54 -6.19 25.31
CA ALA D 333 4.20 -6.70 25.60
C ALA D 333 3.84 -6.38 27.06
N GLU D 334 2.57 -6.37 27.40
CA GLU D 334 2.18 -6.21 28.80
C GLU D 334 2.62 -7.40 29.72
N GLY D 335 2.62 -7.20 31.02
CA GLY D 335 2.63 -8.33 31.94
C GLY D 335 3.97 -8.41 32.58
N GLU D 336 4.18 -9.48 33.30
CA GLU D 336 5.27 -9.58 34.21
C GLU D 336 6.41 -10.45 33.73
N CYS D 337 6.28 -11.11 32.58
CA CYS D 337 7.37 -11.96 32.05
C CYS D 337 7.44 -11.85 30.54
N TYR D 338 8.57 -12.26 29.97
CA TYR D 338 8.74 -12.26 28.54
C TYR D 338 8.26 -13.63 28.02
N ARG D 339 7.43 -13.60 27.00
CA ARG D 339 6.91 -14.85 26.38
C ARG D 339 7.83 -15.25 25.24
N ALA D 340 8.48 -16.37 25.47
CA ALA D 340 9.29 -17.03 24.48
C ALA D 340 8.59 -17.27 23.17
N CYS D 341 9.21 -16.85 22.08
CA CYS D 341 8.73 -17.15 20.72
C CYS D 341 9.86 -17.73 19.84
N PHE D 342 9.43 -18.35 18.77
CA PHE D 342 10.34 -18.84 17.74
C PHE D 342 9.63 -18.88 16.40
N TYR D 343 10.45 -18.96 15.38
CA TYR D 343 10.01 -19.16 14.00
C TYR D 343 10.75 -20.41 13.46
N VAL D 344 10.12 -21.02 12.47
CA VAL D 344 10.75 -22.02 11.66
C VAL D 344 10.56 -21.63 10.20
N GLU D 345 11.66 -21.67 9.48
CA GLU D 345 11.75 -21.52 8.06
C GLU D 345 11.32 -22.81 7.34
N LEU D 346 10.37 -22.70 6.42
CA LEU D 346 9.80 -23.87 5.71
C LEU D 346 10.30 -23.77 4.30
N ILE D 347 11.44 -24.42 4.07
CA ILE D 347 12.15 -24.29 2.80
C ILE D 347 11.48 -25.17 1.70
N ARG D 348 11.21 -24.55 0.53
CA ARG D 348 10.66 -25.25 -0.58
C ARG D 348 11.56 -25.09 -1.80
N GLY D 349 11.48 -26.04 -2.69
CA GLY D 349 12.31 -26.02 -3.91
C GLY D 349 13.68 -26.56 -3.66
N ARG D 350 14.70 -26.06 -4.32
CA ARG D 350 15.99 -26.77 -4.28
C ARG D 350 16.69 -26.65 -2.93
N PRO D 351 17.58 -27.60 -2.65
CA PRO D 351 17.89 -28.80 -3.45
C PRO D 351 16.91 -29.99 -3.26
N LYS D 352 16.08 -29.98 -2.24
CA LYS D 352 15.32 -31.14 -1.94
C LYS D 352 14.20 -31.44 -2.93
N GLU D 353 13.66 -30.38 -3.55
CA GLU D 353 12.62 -30.44 -4.58
C GLU D 353 13.14 -29.73 -5.86
N ASP D 354 13.89 -30.47 -6.67
CA ASP D 354 14.58 -29.95 -7.82
C ASP D 354 13.85 -29.98 -9.17
N LYS D 355 12.56 -30.27 -9.21
CA LYS D 355 11.76 -30.09 -10.40
C LYS D 355 11.43 -28.65 -10.65
N VAL D 356 11.58 -27.82 -9.63
CA VAL D 356 11.62 -26.37 -9.79
C VAL D 356 13.07 -25.91 -9.77
N TRP D 357 13.30 -24.74 -10.32
CA TRP D 357 14.65 -24.18 -10.41
C TRP D 357 14.92 -23.19 -9.30
N TRP D 358 13.93 -22.93 -8.47
CA TRP D 358 14.08 -21.96 -7.41
C TRP D 358 14.27 -22.61 -6.05
N THR D 359 14.65 -21.77 -5.09
CA THR D 359 14.60 -22.08 -3.68
C THR D 359 13.93 -20.89 -3.00
N SER D 360 12.91 -21.14 -2.18
CA SER D 360 12.29 -20.12 -1.35
C SER D 360 11.85 -20.71 -0.02
N ASN D 361 10.99 -20.02 0.70
CA ASN D 361 10.51 -20.52 1.97
C ASN D 361 9.20 -19.82 2.33
N SER D 362 8.50 -20.42 3.30
CA SER D 362 7.56 -19.65 4.07
C SER D 362 7.97 -19.71 5.58
N ILE D 363 7.16 -19.08 6.41
CA ILE D 363 7.41 -18.94 7.81
C ILE D 363 6.22 -19.45 8.63
N VAL D 364 6.54 -20.23 9.64
CA VAL D 364 5.65 -20.46 10.75
C VAL D 364 6.35 -19.97 12.04
N SER D 365 5.55 -19.41 12.94
CA SER D 365 6.04 -18.81 14.14
C SER D 365 5.05 -19.15 15.29
N MET D 366 5.58 -19.44 16.46
CA MET D 366 4.82 -19.75 17.69
C MET D 366 5.37 -19.02 18.91
N CYS D 367 4.54 -18.85 19.94
CA CYS D 367 4.94 -18.30 21.22
C CYS D 367 4.46 -19.28 22.28
N SER D 368 5.03 -19.15 23.47
CA SER D 368 4.68 -20.04 24.58
C SER D 368 3.32 -19.65 25.21
N SER D 369 2.63 -20.67 25.70
CA SER D 369 1.50 -20.59 26.58
C SER D 369 1.80 -21.25 27.96
N THR D 370 1.18 -20.70 29.01
CA THR D 370 1.13 -21.30 30.33
C THR D 370 0.01 -22.38 30.42
N GLU D 371 -0.85 -22.44 29.44
CA GLU D 371 -1.76 -23.59 29.30
C GLU D 371 -1.05 -24.75 28.62
N PHE D 372 -1.66 -25.92 28.70
CA PHE D 372 -1.21 -27.12 28.01
C PHE D 372 -2.09 -27.26 26.78
N LEU D 373 -1.70 -26.64 25.65
CA LEU D 373 -2.59 -26.56 24.50
C LEU D 373 -2.39 -27.77 23.59
N GLY D 374 -3.47 -28.15 22.92
CA GLY D 374 -3.40 -29.16 21.88
C GLY D 374 -2.43 -28.73 20.77
N GLN D 375 -1.92 -29.73 20.06
CA GLN D 375 -0.95 -29.54 19.01
C GLN D 375 -1.52 -29.85 17.66
N TRP D 376 -1.13 -29.00 16.71
CA TRP D 376 -1.26 -29.28 15.30
C TRP D 376 0.13 -29.37 14.66
N ASN D 377 0.16 -29.53 13.35
CA ASN D 377 1.37 -29.43 12.59
C ASN D 377 1.10 -28.40 11.49
N TRP D 378 2.19 -27.78 11.01
CA TRP D 378 2.12 -26.49 10.32
C TRP D 378 3.04 -26.57 9.14
N PRO D 379 2.59 -27.23 8.08
CA PRO D 379 3.42 -27.38 6.89
C PRO D 379 3.37 -26.09 6.05
N ASP D 380 4.35 -25.92 5.19
CA ASP D 380 4.32 -24.83 4.24
C ASP D 380 2.99 -24.79 3.47
N GLY D 381 2.58 -25.93 2.94
CA GLY D 381 1.26 -26.08 2.31
C GLY D 381 1.18 -25.94 0.79
N ALA D 382 2.29 -25.60 0.12
CA ALA D 382 2.31 -25.46 -1.33
C ALA D 382 2.47 -26.84 -1.96
N LYS D 383 1.96 -27.01 -3.19
CA LYS D 383 2.22 -28.18 -4.02
C LYS D 383 3.17 -27.83 -5.15
N ILE D 384 4.34 -28.41 -5.10
CA ILE D 384 5.33 -28.20 -6.16
C ILE D 384 4.83 -28.47 -7.59
N GLU D 385 3.97 -29.47 -7.76
CA GLU D 385 3.42 -29.78 -9.08
C GLU D 385 2.80 -28.58 -9.78
N TYR D 386 2.18 -27.70 -9.00
CA TYR D 386 1.50 -26.52 -9.54
C TYR D 386 2.46 -25.55 -10.17
N PHE D 387 3.73 -25.60 -9.74
CA PHE D 387 4.79 -24.71 -10.19
C PHE D 387 5.49 -25.25 -11.44
N LEU D 388 5.13 -26.45 -11.86
CA LEU D 388 5.75 -27.11 -13.01
C LEU D 388 5.07 -26.76 -14.31
#